data_7YL2
# 
_entry.id   7YL2 
# 
_audit_conform.dict_name       mmcif_pdbx.dic 
_audit_conform.dict_version    5.392 
_audit_conform.dict_location   http://mmcif.pdb.org/dictionaries/ascii/mmcif_pdbx.dic 
# 
loop_
_database_2.database_id 
_database_2.database_code 
_database_2.pdbx_database_accession 
_database_2.pdbx_DOI 
PDB   7YL2         pdb_00007yl2 10.2210/pdb7yl2/pdb 
WWPDB D_1300031149 ?            ?                   
# 
loop_
_pdbx_audit_revision_history.ordinal 
_pdbx_audit_revision_history.data_content_type 
_pdbx_audit_revision_history.major_revision 
_pdbx_audit_revision_history.minor_revision 
_pdbx_audit_revision_history.revision_date 
1 'Structure model' 1 0 2023-07-26 
2 'Structure model' 1 1 2024-05-29 
# 
_pdbx_audit_revision_details.ordinal             1 
_pdbx_audit_revision_details.revision_ordinal    1 
_pdbx_audit_revision_details.data_content_type   'Structure model' 
_pdbx_audit_revision_details.provider            repository 
_pdbx_audit_revision_details.type                'Initial release' 
_pdbx_audit_revision_details.description         ? 
_pdbx_audit_revision_details.details             ? 
# 
_pdbx_audit_revision_group.ordinal             1 
_pdbx_audit_revision_group.revision_ordinal    2 
_pdbx_audit_revision_group.data_content_type   'Structure model' 
_pdbx_audit_revision_group.group               'Data collection' 
# 
loop_
_pdbx_audit_revision_category.ordinal 
_pdbx_audit_revision_category.revision_ordinal 
_pdbx_audit_revision_category.data_content_type 
_pdbx_audit_revision_category.category 
1 2 'Structure model' chem_comp_atom 
2 2 'Structure model' chem_comp_bond 
# 
_pdbx_database_status.status_code                     REL 
_pdbx_database_status.status_code_sf                  REL 
_pdbx_database_status.status_code_mr                  ? 
_pdbx_database_status.entry_id                        7YL2 
_pdbx_database_status.recvd_initial_deposition_date   2022-07-25 
_pdbx_database_status.SG_entry                        N 
_pdbx_database_status.deposit_site                    PDBJ 
_pdbx_database_status.process_site                    PDBJ 
_pdbx_database_status.status_code_cs                  ? 
_pdbx_database_status.status_code_nmr_data            ? 
_pdbx_database_status.methods_development_category    ? 
_pdbx_database_status.pdb_format_compatible           Y 
# 
_pdbx_contact_author.id                 3 
_pdbx_contact_author.email              xu_yong@gibh.ac.cn 
_pdbx_contact_author.name_first         Yong 
_pdbx_contact_author.name_last          Xu 
_pdbx_contact_author.name_mi            ? 
_pdbx_contact_author.role               'principal investigator/group leader' 
_pdbx_contact_author.identifier_ORCID   0000-0003-3601-0246 
# 
loop_
_audit_author.name 
_audit_author.pdbx_ordinal 
_audit_author.identifier_ORCID 
'Huang, Y.' 1  ? 
'Wei, A.'   2  ? 
'Dong, R.'  3  ? 
'Xu, H.'    4  ? 
'Zhang, C.' 5  ? 
'Chen, Z.'  6  ? 
'Li, J.'    7  ? 
'Wu, X.'    8  ? 
'Zhang, Y.' 9  ? 
'Xu, Y.'    10 ? 
# 
_citation.abstract                  ? 
_citation.abstract_id_CAS           ? 
_citation.book_id_ISBN              ? 
_citation.book_publisher            ? 
_citation.book_publisher_city       ? 
_citation.book_title                ? 
_citation.coordinate_linkage        ? 
_citation.country                   ? 
_citation.database_id_Medline       ? 
_citation.details                   ? 
_citation.id                        primary 
_citation.journal_abbrev            'To Be Published' 
_citation.journal_id_ASTM           ? 
_citation.journal_id_CSD            0353 
_citation.journal_id_ISSN           ? 
_citation.journal_full              ? 
_citation.journal_issue             ? 
_citation.journal_volume            ? 
_citation.language                  ? 
_citation.page_first                ? 
_citation.page_last                 ? 
_citation.title                     'Crystal Structure of the first bromodomain of human BRD4 in complex with the inhibitor Y07004' 
_citation.year                      ? 
_citation.database_id_CSD           ? 
_citation.pdbx_database_id_DOI      ? 
_citation.pdbx_database_id_PubMed   ? 
_citation.pdbx_database_id_patent   ? 
_citation.unpublished_flag          ? 
# 
loop_
_citation_author.citation_id 
_citation_author.name 
_citation_author.ordinal 
_citation_author.identifier_ORCID 
primary 'Huang, Y.' 1  ? 
primary 'Wei, A.'   2  ? 
primary 'Dong, R.'  3  ? 
primary 'Xu, H.'    4  ? 
primary 'Zhang, C.' 5  ? 
primary 'Chen, Z.'  6  ? 
primary 'Li, J.'    7  ? 
primary 'Wu, X.'    8  ? 
primary 'Zhang, Y.' 9  ? 
primary 'Xu, Y.'    10 ? 
# 
loop_
_entity.id 
_entity.type 
_entity.src_method 
_entity.pdbx_description 
_entity.formula_weight 
_entity.pdbx_number_of_molecules 
_entity.pdbx_ec 
_entity.pdbx_mutation 
_entity.pdbx_fragment 
_entity.details 
1 polymer     man 'Bromodomain-containing protein 4'                                16767.326 1  ? ? ? ? 
2 non-polymer syn 'N-(1-ethyl-2-oxidanylidene-3H-indol-5-yl)cyclohexanesulfonamide' 322.422   1  ? ? ? ? 
3 non-polymer syn GLYCEROL                                                          92.094    1  ? ? ? ? 
4 non-polymer syn 'NITRATE ION'                                                     62.005    1  ? ? ? ? 
5 water       nat water                                                             18.015    62 ? ? ? ? 
# 
_entity_name_com.entity_id   1 
_entity_name_com.name        'Protein HUNK1' 
# 
_entity_poly.entity_id                      1 
_entity_poly.type                           'polypeptide(L)' 
_entity_poly.nstd_linkage                   no 
_entity_poly.nstd_monomer                   no 
_entity_poly.pdbx_seq_one_letter_code       
;MKKGHHHHHHLVPRGSNPPPPETSNPNKPKRQTNQLQYLLRVVLKTLWKHQFAWPFQQPVDAVKLNLPDYYKIIKTPMDM
GTIKKRLENNYYWNAQECIQDFNTMFTNCYIYNKPGDDIVLMAEALEKLFLQKINELPTEE
;
_entity_poly.pdbx_seq_one_letter_code_can   
;MKKGHHHHHHLVPRGSNPPPPETSNPNKPKRQTNQLQYLLRVVLKTLWKHQFAWPFQQPVDAVKLNLPDYYKIIKTPMDM
GTIKKRLENNYYWNAQECIQDFNTMFTNCYIYNKPGDDIVLMAEALEKLFLQKINELPTEE
;
_entity_poly.pdbx_strand_id                 A 
_entity_poly.pdbx_target_identifier         ? 
# 
loop_
_pdbx_entity_nonpoly.entity_id 
_pdbx_entity_nonpoly.name 
_pdbx_entity_nonpoly.comp_id 
2 'N-(1-ethyl-2-oxidanylidene-3H-indol-5-yl)cyclohexanesulfonamide' JCO 
3 GLYCEROL                                                          GOL 
4 'NITRATE ION'                                                     NO3 
5 water                                                             HOH 
# 
loop_
_entity_poly_seq.entity_id 
_entity_poly_seq.num 
_entity_poly_seq.mon_id 
_entity_poly_seq.hetero 
1 1   MET n 
1 2   LYS n 
1 3   LYS n 
1 4   GLY n 
1 5   HIS n 
1 6   HIS n 
1 7   HIS n 
1 8   HIS n 
1 9   HIS n 
1 10  HIS n 
1 11  LEU n 
1 12  VAL n 
1 13  PRO n 
1 14  ARG n 
1 15  GLY n 
1 16  SER n 
1 17  ASN n 
1 18  PRO n 
1 19  PRO n 
1 20  PRO n 
1 21  PRO n 
1 22  GLU n 
1 23  THR n 
1 24  SER n 
1 25  ASN n 
1 26  PRO n 
1 27  ASN n 
1 28  LYS n 
1 29  PRO n 
1 30  LYS n 
1 31  ARG n 
1 32  GLN n 
1 33  THR n 
1 34  ASN n 
1 35  GLN n 
1 36  LEU n 
1 37  GLN n 
1 38  TYR n 
1 39  LEU n 
1 40  LEU n 
1 41  ARG n 
1 42  VAL n 
1 43  VAL n 
1 44  LEU n 
1 45  LYS n 
1 46  THR n 
1 47  LEU n 
1 48  TRP n 
1 49  LYS n 
1 50  HIS n 
1 51  GLN n 
1 52  PHE n 
1 53  ALA n 
1 54  TRP n 
1 55  PRO n 
1 56  PHE n 
1 57  GLN n 
1 58  GLN n 
1 59  PRO n 
1 60  VAL n 
1 61  ASP n 
1 62  ALA n 
1 63  VAL n 
1 64  LYS n 
1 65  LEU n 
1 66  ASN n 
1 67  LEU n 
1 68  PRO n 
1 69  ASP n 
1 70  TYR n 
1 71  TYR n 
1 72  LYS n 
1 73  ILE n 
1 74  ILE n 
1 75  LYS n 
1 76  THR n 
1 77  PRO n 
1 78  MET n 
1 79  ASP n 
1 80  MET n 
1 81  GLY n 
1 82  THR n 
1 83  ILE n 
1 84  LYS n 
1 85  LYS n 
1 86  ARG n 
1 87  LEU n 
1 88  GLU n 
1 89  ASN n 
1 90  ASN n 
1 91  TYR n 
1 92  TYR n 
1 93  TRP n 
1 94  ASN n 
1 95  ALA n 
1 96  GLN n 
1 97  GLU n 
1 98  CYS n 
1 99  ILE n 
1 100 GLN n 
1 101 ASP n 
1 102 PHE n 
1 103 ASN n 
1 104 THR n 
1 105 MET n 
1 106 PHE n 
1 107 THR n 
1 108 ASN n 
1 109 CYS n 
1 110 TYR n 
1 111 ILE n 
1 112 TYR n 
1 113 ASN n 
1 114 LYS n 
1 115 PRO n 
1 116 GLY n 
1 117 ASP n 
1 118 ASP n 
1 119 ILE n 
1 120 VAL n 
1 121 LEU n 
1 122 MET n 
1 123 ALA n 
1 124 GLU n 
1 125 ALA n 
1 126 LEU n 
1 127 GLU n 
1 128 LYS n 
1 129 LEU n 
1 130 PHE n 
1 131 LEU n 
1 132 GLN n 
1 133 LYS n 
1 134 ILE n 
1 135 ASN n 
1 136 GLU n 
1 137 LEU n 
1 138 PRO n 
1 139 THR n 
1 140 GLU n 
1 141 GLU n 
# 
_entity_src_gen.entity_id                          1 
_entity_src_gen.pdbx_src_id                        1 
_entity_src_gen.pdbx_alt_source_flag               sample 
_entity_src_gen.pdbx_seq_type                      'Biological sequence' 
_entity_src_gen.pdbx_beg_seq_num                   1 
_entity_src_gen.pdbx_end_seq_num                   141 
_entity_src_gen.gene_src_common_name               human 
_entity_src_gen.gene_src_genus                     ? 
_entity_src_gen.pdbx_gene_src_gene                 'BRD4, HUNK1' 
_entity_src_gen.gene_src_species                   ? 
_entity_src_gen.gene_src_strain                    ? 
_entity_src_gen.gene_src_tissue                    ? 
_entity_src_gen.gene_src_tissue_fraction           ? 
_entity_src_gen.gene_src_details                   ? 
_entity_src_gen.pdbx_gene_src_fragment             ? 
_entity_src_gen.pdbx_gene_src_scientific_name      'Homo sapiens' 
_entity_src_gen.pdbx_gene_src_ncbi_taxonomy_id     9606 
_entity_src_gen.pdbx_gene_src_variant              ? 
_entity_src_gen.pdbx_gene_src_cell_line            ? 
_entity_src_gen.pdbx_gene_src_atcc                 ? 
_entity_src_gen.pdbx_gene_src_organ                ? 
_entity_src_gen.pdbx_gene_src_organelle            ? 
_entity_src_gen.pdbx_gene_src_cell                 ? 
_entity_src_gen.pdbx_gene_src_cellular_location    ? 
_entity_src_gen.host_org_common_name               ? 
_entity_src_gen.pdbx_host_org_scientific_name      'Escherichia coli BL21' 
_entity_src_gen.pdbx_host_org_ncbi_taxonomy_id     511693 
_entity_src_gen.host_org_genus                     ? 
_entity_src_gen.pdbx_host_org_gene                 ? 
_entity_src_gen.pdbx_host_org_organ                ? 
_entity_src_gen.host_org_species                   ? 
_entity_src_gen.pdbx_host_org_tissue               ? 
_entity_src_gen.pdbx_host_org_tissue_fraction      ? 
_entity_src_gen.pdbx_host_org_strain               ? 
_entity_src_gen.pdbx_host_org_variant              ? 
_entity_src_gen.pdbx_host_org_cell_line            ? 
_entity_src_gen.pdbx_host_org_atcc                 ? 
_entity_src_gen.pdbx_host_org_culture_collection   ? 
_entity_src_gen.pdbx_host_org_cell                 ? 
_entity_src_gen.pdbx_host_org_organelle            ? 
_entity_src_gen.pdbx_host_org_cellular_location    ? 
_entity_src_gen.pdbx_host_org_vector_type          ? 
_entity_src_gen.pdbx_host_org_vector               ? 
_entity_src_gen.host_org_details                   ? 
_entity_src_gen.expression_system_id               ? 
_entity_src_gen.plasmid_name                       ? 
_entity_src_gen.plasmid_details                    ? 
_entity_src_gen.pdbx_description                   ? 
# 
loop_
_chem_comp.id 
_chem_comp.type 
_chem_comp.mon_nstd_flag 
_chem_comp.name 
_chem_comp.pdbx_synonyms 
_chem_comp.formula 
_chem_comp.formula_weight 
ALA 'L-peptide linking' y ALANINE                                                           ? 'C3 H7 N O2'      89.093  
ARG 'L-peptide linking' y ARGININE                                                          ? 'C6 H15 N4 O2 1'  175.209 
ASN 'L-peptide linking' y ASPARAGINE                                                        ? 'C4 H8 N2 O3'     132.118 
ASP 'L-peptide linking' y 'ASPARTIC ACID'                                                   ? 'C4 H7 N O4'      133.103 
CYS 'L-peptide linking' y CYSTEINE                                                          ? 'C3 H7 N O2 S'    121.158 
GLN 'L-peptide linking' y GLUTAMINE                                                         ? 'C5 H10 N2 O3'    146.144 
GLU 'L-peptide linking' y 'GLUTAMIC ACID'                                                   ? 'C5 H9 N O4'      147.129 
GLY 'peptide linking'   y GLYCINE                                                           ? 'C2 H5 N O2'      75.067  
GOL non-polymer         . GLYCEROL                                                          'GLYCERIN; PROPANE-1,2,3-TRIOL' 
'C3 H8 O3'        92.094  
HIS 'L-peptide linking' y HISTIDINE                                                         ? 'C6 H10 N3 O2 1'  156.162 
HOH non-polymer         . WATER                                                             ? 'H2 O'            18.015  
ILE 'L-peptide linking' y ISOLEUCINE                                                        ? 'C6 H13 N O2'     131.173 
JCO non-polymer         . 'N-(1-ethyl-2-oxidanylidene-3H-indol-5-yl)cyclohexanesulfonamide' 
'N-(1-ethyl-2-oxoindolin-5-yl)cyclohexanesulfonamide' 'C16 H22 N2 O3 S' 322.422 
LEU 'L-peptide linking' y LEUCINE                                                           ? 'C6 H13 N O2'     131.173 
LYS 'L-peptide linking' y LYSINE                                                            ? 'C6 H15 N2 O2 1'  147.195 
MET 'L-peptide linking' y METHIONINE                                                        ? 'C5 H11 N O2 S'   149.211 
NO3 non-polymer         . 'NITRATE ION'                                                     ? 'N O3 -1'         62.005  
PHE 'L-peptide linking' y PHENYLALANINE                                                     ? 'C9 H11 N O2'     165.189 
PRO 'L-peptide linking' y PROLINE                                                           ? 'C5 H9 N O2'      115.130 
SER 'L-peptide linking' y SERINE                                                            ? 'C3 H7 N O3'      105.093 
THR 'L-peptide linking' y THREONINE                                                         ? 'C4 H9 N O3'      119.119 
TRP 'L-peptide linking' y TRYPTOPHAN                                                        ? 'C11 H12 N2 O2'   204.225 
TYR 'L-peptide linking' y TYROSINE                                                          ? 'C9 H11 N O3'     181.189 
VAL 'L-peptide linking' y VALINE                                                            ? 'C5 H11 N O2'     117.146 
# 
loop_
_pdbx_poly_seq_scheme.asym_id 
_pdbx_poly_seq_scheme.entity_id 
_pdbx_poly_seq_scheme.seq_id 
_pdbx_poly_seq_scheme.mon_id 
_pdbx_poly_seq_scheme.ndb_seq_num 
_pdbx_poly_seq_scheme.pdb_seq_num 
_pdbx_poly_seq_scheme.auth_seq_num 
_pdbx_poly_seq_scheme.pdb_mon_id 
_pdbx_poly_seq_scheme.auth_mon_id 
_pdbx_poly_seq_scheme.pdb_strand_id 
_pdbx_poly_seq_scheme.pdb_ins_code 
_pdbx_poly_seq_scheme.hetero 
A 1 1   MET 1   28  ?   ?   ?   A . n 
A 1 2   LYS 2   29  ?   ?   ?   A . n 
A 1 3   LYS 3   30  ?   ?   ?   A . n 
A 1 4   GLY 4   31  ?   ?   ?   A . n 
A 1 5   HIS 5   32  ?   ?   ?   A . n 
A 1 6   HIS 6   33  ?   ?   ?   A . n 
A 1 7   HIS 7   34  34  HIS HIS A . n 
A 1 8   HIS 8   35  35  HIS HIS A . n 
A 1 9   HIS 9   36  36  HIS HIS A . n 
A 1 10  HIS 10  37  37  HIS HIS A . n 
A 1 11  LEU 11  38  38  LEU LEU A . n 
A 1 12  VAL 12  39  39  VAL VAL A . n 
A 1 13  PRO 13  40  40  PRO PRO A . n 
A 1 14  ARG 14  41  41  ARG ARG A . n 
A 1 15  GLY 15  42  42  GLY GLY A . n 
A 1 16  SER 16  43  43  SER SER A . n 
A 1 17  ASN 17  44  44  ASN ASN A . n 
A 1 18  PRO 18  45  45  PRO PRO A . n 
A 1 19  PRO 19  46  46  PRO PRO A . n 
A 1 20  PRO 20  47  47  PRO PRO A . n 
A 1 21  PRO 21  48  48  PRO PRO A . n 
A 1 22  GLU 22  49  49  GLU GLU A . n 
A 1 23  THR 23  50  50  THR THR A . n 
A 1 24  SER 24  51  51  SER SER A . n 
A 1 25  ASN 25  52  52  ASN ASN A . n 
A 1 26  PRO 26  53  53  PRO PRO A . n 
A 1 27  ASN 27  54  54  ASN ASN A . n 
A 1 28  LYS 28  55  55  LYS LYS A . n 
A 1 29  PRO 29  56  56  PRO PRO A . n 
A 1 30  LYS 30  57  57  LYS LYS A . n 
A 1 31  ARG 31  58  58  ARG ARG A . n 
A 1 32  GLN 32  59  59  GLN GLN A . n 
A 1 33  THR 33  60  60  THR THR A . n 
A 1 34  ASN 34  61  61  ASN ASN A . n 
A 1 35  GLN 35  62  62  GLN GLN A . n 
A 1 36  LEU 36  63  63  LEU LEU A . n 
A 1 37  GLN 37  64  64  GLN GLN A . n 
A 1 38  TYR 38  65  65  TYR TYR A . n 
A 1 39  LEU 39  66  66  LEU LEU A . n 
A 1 40  LEU 40  67  67  LEU LEU A . n 
A 1 41  ARG 41  68  68  ARG ARG A . n 
A 1 42  VAL 42  69  69  VAL VAL A . n 
A 1 43  VAL 43  70  70  VAL VAL A . n 
A 1 44  LEU 44  71  71  LEU LEU A . n 
A 1 45  LYS 45  72  72  LYS LYS A . n 
A 1 46  THR 46  73  73  THR THR A . n 
A 1 47  LEU 47  74  74  LEU LEU A . n 
A 1 48  TRP 48  75  75  TRP TRP A . n 
A 1 49  LYS 49  76  76  LYS LYS A . n 
A 1 50  HIS 50  77  77  HIS HIS A . n 
A 1 51  GLN 51  78  78  GLN GLN A . n 
A 1 52  PHE 52  79  79  PHE PHE A . n 
A 1 53  ALA 53  80  80  ALA ALA A . n 
A 1 54  TRP 54  81  81  TRP TRP A . n 
A 1 55  PRO 55  82  82  PRO PRO A . n 
A 1 56  PHE 56  83  83  PHE PHE A . n 
A 1 57  GLN 57  84  84  GLN GLN A . n 
A 1 58  GLN 58  85  85  GLN GLN A . n 
A 1 59  PRO 59  86  86  PRO PRO A . n 
A 1 60  VAL 60  87  87  VAL VAL A . n 
A 1 61  ASP 61  88  88  ASP ASP A . n 
A 1 62  ALA 62  89  89  ALA ALA A . n 
A 1 63  VAL 63  90  90  VAL VAL A . n 
A 1 64  LYS 64  91  91  LYS LYS A . n 
A 1 65  LEU 65  92  92  LEU LEU A . n 
A 1 66  ASN 66  93  93  ASN ASN A . n 
A 1 67  LEU 67  94  94  LEU LEU A . n 
A 1 68  PRO 68  95  95  PRO PRO A . n 
A 1 69  ASP 69  96  96  ASP ASP A . n 
A 1 70  TYR 70  97  97  TYR TYR A . n 
A 1 71  TYR 71  98  98  TYR TYR A . n 
A 1 72  LYS 72  99  99  LYS LYS A . n 
A 1 73  ILE 73  100 100 ILE ILE A . n 
A 1 74  ILE 74  101 101 ILE ILE A . n 
A 1 75  LYS 75  102 102 LYS LYS A . n 
A 1 76  THR 76  103 103 THR THR A . n 
A 1 77  PRO 77  104 104 PRO PRO A . n 
A 1 78  MET 78  105 105 MET MET A . n 
A 1 79  ASP 79  106 106 ASP ASP A . n 
A 1 80  MET 80  107 107 MET MET A . n 
A 1 81  GLY 81  108 108 GLY GLY A . n 
A 1 82  THR 82  109 109 THR THR A . n 
A 1 83  ILE 83  110 110 ILE ILE A . n 
A 1 84  LYS 84  111 111 LYS LYS A . n 
A 1 85  LYS 85  112 112 LYS LYS A . n 
A 1 86  ARG 86  113 113 ARG ARG A . n 
A 1 87  LEU 87  114 114 LEU LEU A . n 
A 1 88  GLU 88  115 115 GLU GLU A . n 
A 1 89  ASN 89  116 116 ASN ASN A . n 
A 1 90  ASN 90  117 117 ASN ASN A . n 
A 1 91  TYR 91  118 118 TYR TYR A . n 
A 1 92  TYR 92  119 119 TYR TYR A . n 
A 1 93  TRP 93  120 120 TRP TRP A . n 
A 1 94  ASN 94  121 121 ASN ASN A . n 
A 1 95  ALA 95  122 122 ALA ALA A . n 
A 1 96  GLN 96  123 123 GLN GLN A . n 
A 1 97  GLU 97  124 124 GLU GLU A . n 
A 1 98  CYS 98  125 125 CYS CYS A . n 
A 1 99  ILE 99  126 126 ILE ILE A . n 
A 1 100 GLN 100 127 127 GLN GLN A . n 
A 1 101 ASP 101 128 128 ASP ASP A . n 
A 1 102 PHE 102 129 129 PHE PHE A . n 
A 1 103 ASN 103 130 130 ASN ASN A . n 
A 1 104 THR 104 131 131 THR THR A . n 
A 1 105 MET 105 132 132 MET MET A . n 
A 1 106 PHE 106 133 133 PHE PHE A . n 
A 1 107 THR 107 134 134 THR THR A . n 
A 1 108 ASN 108 135 135 ASN ASN A . n 
A 1 109 CYS 109 136 136 CYS CYS A . n 
A 1 110 TYR 110 137 137 TYR TYR A . n 
A 1 111 ILE 111 138 138 ILE ILE A . n 
A 1 112 TYR 112 139 139 TYR TYR A . n 
A 1 113 ASN 113 140 140 ASN ASN A . n 
A 1 114 LYS 114 141 141 LYS LYS A . n 
A 1 115 PRO 115 142 142 PRO PRO A . n 
A 1 116 GLY 116 143 143 GLY GLY A . n 
A 1 117 ASP 117 144 144 ASP ASP A . n 
A 1 118 ASP 118 145 145 ASP ASP A . n 
A 1 119 ILE 119 146 146 ILE ILE A . n 
A 1 120 VAL 120 147 147 VAL VAL A . n 
A 1 121 LEU 121 148 148 LEU LEU A . n 
A 1 122 MET 122 149 149 MET MET A . n 
A 1 123 ALA 123 150 150 ALA ALA A . n 
A 1 124 GLU 124 151 151 GLU GLU A . n 
A 1 125 ALA 125 152 152 ALA ALA A . n 
A 1 126 LEU 126 153 153 LEU LEU A . n 
A 1 127 GLU 127 154 154 GLU GLU A . n 
A 1 128 LYS 128 155 155 LYS LYS A . n 
A 1 129 LEU 129 156 156 LEU LEU A . n 
A 1 130 PHE 130 157 157 PHE PHE A . n 
A 1 131 LEU 131 158 158 LEU LEU A . n 
A 1 132 GLN 132 159 159 GLN GLN A . n 
A 1 133 LYS 133 160 160 LYS LYS A . n 
A 1 134 ILE 134 161 161 ILE ILE A . n 
A 1 135 ASN 135 162 162 ASN ASN A . n 
A 1 136 GLU 136 163 163 GLU GLU A . n 
A 1 137 LEU 137 164 164 LEU LEU A . n 
A 1 138 PRO 138 165 165 PRO PRO A . n 
A 1 139 THR 139 166 166 THR THR A . n 
A 1 140 GLU 140 167 ?   ?   ?   A . n 
A 1 141 GLU 141 168 ?   ?   ?   A . n 
# 
loop_
_pdbx_nonpoly_scheme.asym_id 
_pdbx_nonpoly_scheme.entity_id 
_pdbx_nonpoly_scheme.mon_id 
_pdbx_nonpoly_scheme.ndb_seq_num 
_pdbx_nonpoly_scheme.pdb_seq_num 
_pdbx_nonpoly_scheme.auth_seq_num 
_pdbx_nonpoly_scheme.pdb_mon_id 
_pdbx_nonpoly_scheme.auth_mon_id 
_pdbx_nonpoly_scheme.pdb_strand_id 
_pdbx_nonpoly_scheme.pdb_ins_code 
B 2 JCO 1  201 1  JCO JHX A . 
C 3 GOL 1  202 2  GOL GOL A . 
D 4 NO3 1  203 1  NO3 NO3 A . 
E 5 HOH 1  301 42 HOH HOH A . 
E 5 HOH 2  302 50 HOH HOH A . 
E 5 HOH 3  303 46 HOH HOH A . 
E 5 HOH 4  304 36 HOH HOH A . 
E 5 HOH 5  305 4  HOH HOH A . 
E 5 HOH 6  306 9  HOH HOH A . 
E 5 HOH 7  307 54 HOH HOH A . 
E 5 HOH 8  308 26 HOH HOH A . 
E 5 HOH 9  309 40 HOH HOH A . 
E 5 HOH 10 310 38 HOH HOH A . 
E 5 HOH 11 311 63 HOH HOH A . 
E 5 HOH 12 312 32 HOH HOH A . 
E 5 HOH 13 313 48 HOH HOH A . 
E 5 HOH 14 314 29 HOH HOH A . 
E 5 HOH 15 315 60 HOH HOH A . 
E 5 HOH 16 316 16 HOH HOH A . 
E 5 HOH 17 317 59 HOH HOH A . 
E 5 HOH 18 318 47 HOH HOH A . 
E 5 HOH 19 319 1  HOH HOH A . 
E 5 HOH 20 320 53 HOH HOH A . 
E 5 HOH 21 321 24 HOH HOH A . 
E 5 HOH 22 322 2  HOH HOH A . 
E 5 HOH 23 323 61 HOH HOH A . 
E 5 HOH 24 324 37 HOH HOH A . 
E 5 HOH 25 325 12 HOH HOH A . 
E 5 HOH 26 326 43 HOH HOH A . 
E 5 HOH 27 327 18 HOH HOH A . 
E 5 HOH 28 328 35 HOH HOH A . 
E 5 HOH 29 329 11 HOH HOH A . 
E 5 HOH 30 330 25 HOH HOH A . 
E 5 HOH 31 331 52 HOH HOH A . 
E 5 HOH 32 332 27 HOH HOH A . 
E 5 HOH 33 333 14 HOH HOH A . 
E 5 HOH 34 334 45 HOH HOH A . 
E 5 HOH 35 335 19 HOH HOH A . 
E 5 HOH 36 336 13 HOH HOH A . 
E 5 HOH 37 337 10 HOH HOH A . 
E 5 HOH 38 338 17 HOH HOH A . 
E 5 HOH 39 339 51 HOH HOH A . 
E 5 HOH 40 340 8  HOH HOH A . 
E 5 HOH 41 341 33 HOH HOH A . 
E 5 HOH 42 342 28 HOH HOH A . 
E 5 HOH 43 343 3  HOH HOH A . 
E 5 HOH 44 344 20 HOH HOH A . 
E 5 HOH 45 345 31 HOH HOH A . 
E 5 HOH 46 346 44 HOH HOH A . 
E 5 HOH 47 347 30 HOH HOH A . 
E 5 HOH 48 348 5  HOH HOH A . 
E 5 HOH 49 349 22 HOH HOH A . 
E 5 HOH 50 350 23 HOH HOH A . 
E 5 HOH 51 351 55 HOH HOH A . 
E 5 HOH 52 352 62 HOH HOH A . 
E 5 HOH 53 353 39 HOH HOH A . 
E 5 HOH 54 354 56 HOH HOH A . 
E 5 HOH 55 355 34 HOH HOH A . 
E 5 HOH 56 356 21 HOH HOH A . 
E 5 HOH 57 357 49 HOH HOH A . 
E 5 HOH 58 358 57 HOH HOH A . 
E 5 HOH 59 359 7  HOH HOH A . 
E 5 HOH 60 360 15 HOH HOH A . 
E 5 HOH 61 361 41 HOH HOH A . 
E 5 HOH 62 362 58 HOH HOH A . 
# 
loop_
_software.citation_id 
_software.classification 
_software.compiler_name 
_software.compiler_version 
_software.contact_author 
_software.contact_author_email 
_software.date 
_software.description 
_software.dependencies 
_software.hardware 
_software.language 
_software.location 
_software.mods 
_software.name 
_software.os 
_software.os_version 
_software.type 
_software.version 
_software.pdbx_ordinal 
? 'data scaling'    ? ? ? ? ? ? ? ? ? ? ? Aimless     ? ? ? 0.5.9    1 
? refinement        ? ? ? ? ? ? ? ? ? ? ? REFMAC      ? ? ? 5.8.0189 2 
? 'data extraction' ? ? ? ? ? ? ? ? ? ? ? PDB_EXTRACT ? ? ? 3.27     3 
? 'data reduction'  ? ? ? ? ? ? ? ? ? ? ? iMOSFLM     ? ? ? .        4 
? phasing           ? ? ? ? ? ? ? ? ? ? ? MOLREP      ? ? ? .        5 
# 
_cell.angle_alpha                  90.000 
_cell.angle_alpha_esd              ? 
_cell.angle_beta                   90.000 
_cell.angle_beta_esd               ? 
_cell.angle_gamma                  90.000 
_cell.angle_gamma_esd              ? 
_cell.entry_id                     7YL2 
_cell.details                      ? 
_cell.formula_units_Z              ? 
_cell.length_a                     46.180 
_cell.length_a_esd                 ? 
_cell.length_b                     50.520 
_cell.length_b_esd                 ? 
_cell.length_c                     52.880 
_cell.length_c_esd                 ? 
_cell.volume                       ? 
_cell.volume_esd                   ? 
_cell.Z_PDB                        4 
_cell.reciprocal_angle_alpha       ? 
_cell.reciprocal_angle_beta        ? 
_cell.reciprocal_angle_gamma       ? 
_cell.reciprocal_angle_alpha_esd   ? 
_cell.reciprocal_angle_beta_esd    ? 
_cell.reciprocal_angle_gamma_esd   ? 
_cell.reciprocal_length_a          ? 
_cell.reciprocal_length_b          ? 
_cell.reciprocal_length_c          ? 
_cell.reciprocal_length_a_esd      ? 
_cell.reciprocal_length_b_esd      ? 
_cell.reciprocal_length_c_esd      ? 
_cell.pdbx_unique_axis             ? 
_cell.pdbx_esd_method              ? 
# 
_symmetry.entry_id                         7YL2 
_symmetry.cell_setting                     ? 
_symmetry.Int_Tables_number                19 
_symmetry.space_group_name_Hall            ? 
_symmetry.space_group_name_H-M             'P 21 21 21' 
_symmetry.pdbx_full_space_group_name_H-M   ? 
# 
_exptl.absorpt_coefficient_mu     ? 
_exptl.absorpt_correction_T_max   ? 
_exptl.absorpt_correction_T_min   ? 
_exptl.absorpt_correction_type    ? 
_exptl.absorpt_process_details    ? 
_exptl.entry_id                   7YL2 
_exptl.crystals_number            1 
_exptl.details                    ? 
_exptl.method                     'X-RAY DIFFRACTION' 
_exptl.method_details             ? 
# 
_exptl_crystal.colour                       ? 
_exptl_crystal.density_diffrn               ? 
_exptl_crystal.density_Matthews             1.84 
_exptl_crystal.density_method               ? 
_exptl_crystal.density_percent_sol          33.13 
_exptl_crystal.description                  ? 
_exptl_crystal.F_000                        ? 
_exptl_crystal.id                           1 
_exptl_crystal.preparation                  ? 
_exptl_crystal.size_max                     ? 
_exptl_crystal.size_mid                     ? 
_exptl_crystal.size_min                     ? 
_exptl_crystal.size_rad                     ? 
_exptl_crystal.colour_lustre                ? 
_exptl_crystal.colour_modifier              ? 
_exptl_crystal.colour_primary               ? 
_exptl_crystal.density_meas                 ? 
_exptl_crystal.density_meas_esd             ? 
_exptl_crystal.density_meas_gt              ? 
_exptl_crystal.density_meas_lt              ? 
_exptl_crystal.density_meas_temp            ? 
_exptl_crystal.density_meas_temp_esd        ? 
_exptl_crystal.density_meas_temp_gt         ? 
_exptl_crystal.density_meas_temp_lt         ? 
_exptl_crystal.pdbx_crystal_image_url       ? 
_exptl_crystal.pdbx_crystal_image_format    ? 
_exptl_crystal.pdbx_mosaicity               ? 
_exptl_crystal.pdbx_mosaicity_esd           ? 
_exptl_crystal.pdbx_mosaic_method           ? 
_exptl_crystal.pdbx_mosaic_block_size       ? 
_exptl_crystal.pdbx_mosaic_block_size_esd   ? 
# 
_exptl_crystal_grow.apparatus       ? 
_exptl_crystal_grow.atmosphere      ? 
_exptl_crystal_grow.crystal_id      1 
_exptl_crystal_grow.details         ? 
_exptl_crystal_grow.method          'VAPOR DIFFUSION, HANGING DROP' 
_exptl_crystal_grow.method_ref      ? 
_exptl_crystal_grow.pH              7.8 
_exptl_crystal_grow.pressure        ? 
_exptl_crystal_grow.pressure_esd    ? 
_exptl_crystal_grow.seeding         ? 
_exptl_crystal_grow.seeding_ref     ? 
_exptl_crystal_grow.temp            277 
_exptl_crystal_grow.temp_details    ? 
_exptl_crystal_grow.temp_esd        ? 
_exptl_crystal_grow.time            ? 
_exptl_crystal_grow.pdbx_details    '0.2M Na2NO3, 0.1M HEPES, 20% PEG3350, 10% EtGhly, PH 7.8' 
_exptl_crystal_grow.pdbx_pH_range   ? 
# 
_diffrn.ambient_environment              ? 
_diffrn.ambient_temp                     77 
_diffrn.ambient_temp_details             ? 
_diffrn.ambient_temp_esd                 ? 
_diffrn.crystal_id                       1 
_diffrn.crystal_support                  ? 
_diffrn.crystal_treatment                ? 
_diffrn.details                          ? 
_diffrn.id                               1 
_diffrn.ambient_pressure                 ? 
_diffrn.ambient_pressure_esd             ? 
_diffrn.ambient_pressure_gt              ? 
_diffrn.ambient_pressure_lt              ? 
_diffrn.ambient_temp_gt                  ? 
_diffrn.ambient_temp_lt                  ? 
_diffrn.pdbx_serial_crystal_experiment   N 
# 
_diffrn_detector.details                      ? 
_diffrn_detector.detector                     PIXEL 
_diffrn_detector.diffrn_id                    1 
_diffrn_detector.type                         'DECTRIS PILATUS3 6M' 
_diffrn_detector.area_resol_mean              ? 
_diffrn_detector.dtime                        ? 
_diffrn_detector.pdbx_frames_total            ? 
_diffrn_detector.pdbx_collection_time_total   ? 
_diffrn_detector.pdbx_collection_date         2015-06-22 
_diffrn_detector.pdbx_frequency               ? 
# 
_diffrn_radiation.collimation                      ? 
_diffrn_radiation.diffrn_id                        1 
_diffrn_radiation.filter_edge                      ? 
_diffrn_radiation.inhomogeneity                    ? 
_diffrn_radiation.monochromator                    ? 
_diffrn_radiation.polarisn_norm                    ? 
_diffrn_radiation.polarisn_ratio                   ? 
_diffrn_radiation.probe                            ? 
_diffrn_radiation.type                             ? 
_diffrn_radiation.xray_symbol                      ? 
_diffrn_radiation.wavelength_id                    1 
_diffrn_radiation.pdbx_monochromatic_or_laue_m_l   M 
_diffrn_radiation.pdbx_wavelength_list             ? 
_diffrn_radiation.pdbx_wavelength                  ? 
_diffrn_radiation.pdbx_diffrn_protocol             'SINGLE WAVELENGTH' 
_diffrn_radiation.pdbx_analyzer                    ? 
_diffrn_radiation.pdbx_scattering_type             x-ray 
# 
_diffrn_radiation_wavelength.id           1 
_diffrn_radiation_wavelength.wavelength   0.97853 
_diffrn_radiation_wavelength.wt           1.0 
# 
_diffrn_source.current                     ? 
_diffrn_source.details                     ? 
_diffrn_source.diffrn_id                   1 
_diffrn_source.power                       ? 
_diffrn_source.size                        ? 
_diffrn_source.source                      SYNCHROTRON 
_diffrn_source.target                      ? 
_diffrn_source.type                        'SSRF BEAMLINE BL19U1' 
_diffrn_source.voltage                     ? 
_diffrn_source.take-off_angle              ? 
_diffrn_source.pdbx_wavelength_list        0.97853 
_diffrn_source.pdbx_wavelength             ? 
_diffrn_source.pdbx_synchrotron_beamline   BL19U1 
_diffrn_source.pdbx_synchrotron_site       SSRF 
# 
_reflns.B_iso_Wilson_estimate                          ? 
_reflns.entry_id                                       7YL2 
_reflns.data_reduction_details                         ? 
_reflns.data_reduction_method                          ? 
_reflns.d_resolution_high                              1.620 
_reflns.d_resolution_low                               52.880 
_reflns.details                                        ? 
_reflns.limit_h_max                                    ? 
_reflns.limit_h_min                                    ? 
_reflns.limit_k_max                                    ? 
_reflns.limit_k_min                                    ? 
_reflns.limit_l_max                                    ? 
_reflns.limit_l_min                                    ? 
_reflns.number_all                                     ? 
_reflns.number_obs                                     14909 
_reflns.observed_criterion                             ? 
_reflns.observed_criterion_F_max                       ? 
_reflns.observed_criterion_F_min                       ? 
_reflns.observed_criterion_I_max                       ? 
_reflns.observed_criterion_I_min                       ? 
_reflns.observed_criterion_sigma_F                     ? 
_reflns.observed_criterion_sigma_I                     ? 
_reflns.percent_possible_obs                           91.000 
_reflns.R_free_details                                 ? 
_reflns.Rmerge_F_all                                   ? 
_reflns.Rmerge_F_obs                                   ? 
_reflns.Friedel_coverage                               ? 
_reflns.number_gt                                      ? 
_reflns.threshold_expression                           ? 
_reflns.pdbx_redundancy                                10.000 
_reflns.pdbx_Rmerge_I_obs                              0.065 
_reflns.pdbx_Rmerge_I_all                              ? 
_reflns.pdbx_Rsym_value                                ? 
_reflns.pdbx_netI_over_av_sigmaI                       ? 
_reflns.pdbx_netI_over_sigmaI                          20.500 
_reflns.pdbx_res_netI_over_av_sigmaI_2                 ? 
_reflns.pdbx_res_netI_over_sigmaI_2                    ? 
_reflns.pdbx_chi_squared                               ? 
_reflns.pdbx_scaling_rejects                           127 
_reflns.pdbx_d_res_high_opt                            ? 
_reflns.pdbx_d_res_low_opt                             ? 
_reflns.pdbx_d_res_opt_method                          ? 
_reflns.phase_calculation_details                      ? 
_reflns.pdbx_Rrim_I_all                                0.068 
_reflns.pdbx_Rpim_I_all                                0.021 
_reflns.pdbx_d_opt                                     ? 
_reflns.pdbx_number_measured_all                       149592 
_reflns.pdbx_diffrn_id                                 1 
_reflns.pdbx_ordinal                                   1 
_reflns.pdbx_CC_half                                   0.999 
_reflns.pdbx_CC_star                                   ? 
_reflns.pdbx_R_split                                   ? 
_reflns.pdbx_aniso_diffraction_limit_axis_1_ortho[1]   ? 
_reflns.pdbx_aniso_diffraction_limit_axis_1_ortho[2]   ? 
_reflns.pdbx_aniso_diffraction_limit_axis_1_ortho[3]   ? 
_reflns.pdbx_aniso_diffraction_limit_axis_2_ortho[1]   ? 
_reflns.pdbx_aniso_diffraction_limit_axis_2_ortho[2]   ? 
_reflns.pdbx_aniso_diffraction_limit_axis_2_ortho[3]   ? 
_reflns.pdbx_aniso_diffraction_limit_axis_3_ortho[1]   ? 
_reflns.pdbx_aniso_diffraction_limit_axis_3_ortho[2]   ? 
_reflns.pdbx_aniso_diffraction_limit_axis_3_ortho[3]   ? 
_reflns.pdbx_aniso_diffraction_limit_1                 ? 
_reflns.pdbx_aniso_diffraction_limit_2                 ? 
_reflns.pdbx_aniso_diffraction_limit_3                 ? 
_reflns.pdbx_aniso_B_tensor_eigenvector_1_ortho[1]     ? 
_reflns.pdbx_aniso_B_tensor_eigenvector_1_ortho[2]     ? 
_reflns.pdbx_aniso_B_tensor_eigenvector_1_ortho[3]     ? 
_reflns.pdbx_aniso_B_tensor_eigenvector_2_ortho[1]     ? 
_reflns.pdbx_aniso_B_tensor_eigenvector_2_ortho[2]     ? 
_reflns.pdbx_aniso_B_tensor_eigenvector_2_ortho[3]     ? 
_reflns.pdbx_aniso_B_tensor_eigenvector_3_ortho[1]     ? 
_reflns.pdbx_aniso_B_tensor_eigenvector_3_ortho[2]     ? 
_reflns.pdbx_aniso_B_tensor_eigenvector_3_ortho[3]     ? 
_reflns.pdbx_aniso_B_tensor_eigenvalue_1               ? 
_reflns.pdbx_aniso_B_tensor_eigenvalue_2               ? 
_reflns.pdbx_aniso_B_tensor_eigenvalue_3               ? 
_reflns.pdbx_orthogonalization_convention              ? 
_reflns.pdbx_percent_possible_ellipsoidal              ? 
_reflns.pdbx_percent_possible_spherical                ? 
_reflns.pdbx_percent_possible_ellipsoidal_anomalous    ? 
_reflns.pdbx_percent_possible_spherical_anomalous      ? 
_reflns.pdbx_redundancy_anomalous                      ? 
_reflns.pdbx_CC_half_anomalous                         ? 
_reflns.pdbx_absDiff_over_sigma_anomalous              ? 
_reflns.pdbx_percent_possible_anomalous                ? 
_reflns.pdbx_observed_signal_threshold                 ? 
_reflns.pdbx_signal_type                               ? 
_reflns.pdbx_signal_details                            ? 
_reflns.pdbx_signal_software_id                        ? 
_reflns.pdbx_CC_split_method                           ? 
# 
loop_
_reflns_shell.d_res_high 
_reflns_shell.d_res_low 
_reflns_shell.meanI_over_sigI_all 
_reflns_shell.meanI_over_sigI_obs 
_reflns_shell.number_measured_all 
_reflns_shell.number_measured_obs 
_reflns_shell.number_possible 
_reflns_shell.number_unique_all 
_reflns_shell.number_unique_obs 
_reflns_shell.percent_possible_all 
_reflns_shell.percent_possible_obs 
_reflns_shell.Rmerge_F_all 
_reflns_shell.Rmerge_F_obs 
_reflns_shell.Rmerge_I_all 
_reflns_shell.Rmerge_I_obs 
_reflns_shell.meanI_over_sigI_gt 
_reflns_shell.meanI_over_uI_all 
_reflns_shell.meanI_over_uI_gt 
_reflns_shell.number_measured_gt 
_reflns_shell.number_unique_gt 
_reflns_shell.percent_possible_gt 
_reflns_shell.Rmerge_F_gt 
_reflns_shell.Rmerge_I_gt 
_reflns_shell.pdbx_redundancy 
_reflns_shell.pdbx_Rsym_value 
_reflns_shell.pdbx_chi_squared 
_reflns_shell.pdbx_netI_over_sigmaI_all 
_reflns_shell.pdbx_netI_over_sigmaI_obs 
_reflns_shell.pdbx_Rrim_I_all 
_reflns_shell.pdbx_Rpim_I_all 
_reflns_shell.pdbx_rejects 
_reflns_shell.pdbx_ordinal 
_reflns_shell.pdbx_diffrn_id 
_reflns_shell.pdbx_CC_half 
_reflns_shell.pdbx_CC_star 
_reflns_shell.pdbx_R_split 
_reflns_shell.pdbx_percent_possible_ellipsoidal 
_reflns_shell.pdbx_percent_possible_spherical 
_reflns_shell.pdbx_percent_possible_ellipsoidal_anomalous 
_reflns_shell.pdbx_percent_possible_spherical_anomalous 
_reflns_shell.pdbx_redundancy_anomalous 
_reflns_shell.pdbx_CC_half_anomalous 
_reflns_shell.pdbx_absDiff_over_sigma_anomalous 
_reflns_shell.pdbx_percent_possible_anomalous 
1.620 1.640  ? ? 8236 ? ? ? 796 99.800 ? ? ? ? 0.710 ? ? ? ? ? ? ? ? 10.300 ? ? ? 3.400  0.747 0.229 ? 1 1 0.852 ? ? ? ? ? ? ? ? ? 
? 
8.860 52.880 ? ? 1352 ? ? ? 132 99.700 ? ? ? ? 0.040 ? ? ? ? ? ? ? ? 10.200 ? ? ? 47.700 0.042 0.012 ? 2 1 1.000 ? ? ? ? ? ? ? ? ? 
? 
# 
_refine.aniso_B[1][1]                            0.2000 
_refine.aniso_B[1][2]                            0.0000 
_refine.aniso_B[1][3]                            0.0000 
_refine.aniso_B[2][2]                            0.2800 
_refine.aniso_B[2][3]                            -0.0000 
_refine.aniso_B[3][3]                            -0.4800 
_refine.B_iso_max                                60.710 
_refine.B_iso_mean                               22.2610 
_refine.B_iso_min                                12.740 
_refine.correlation_coeff_Fo_to_Fc               0.9630 
_refine.correlation_coeff_Fo_to_Fc_free          0.9480 
_refine.details                                  
'HYDROGENS HAVE BEEN ADDED IN THE RIDING POSITIONS U VALUES      : REFINED INDIVIDUALLY' 
_refine.diff_density_max                         ? 
_refine.diff_density_max_esd                     ? 
_refine.diff_density_min                         ? 
_refine.diff_density_min_esd                     ? 
_refine.diff_density_rms                         ? 
_refine.diff_density_rms_esd                     ? 
_refine.entry_id                                 7YL2 
_refine.pdbx_refine_id                           'X-RAY DIFFRACTION' 
_refine.ls_abs_structure_details                 ? 
_refine.ls_abs_structure_Flack                   ? 
_refine.ls_abs_structure_Flack_esd               ? 
_refine.ls_abs_structure_Rogers                  ? 
_refine.ls_abs_structure_Rogers_esd              ? 
_refine.ls_d_res_high                            1.6200 
_refine.ls_d_res_low                             36.5300 
_refine.ls_extinction_coef                       ? 
_refine.ls_extinction_coef_esd                   ? 
_refine.ls_extinction_expression                 ? 
_refine.ls_extinction_method                     ? 
_refine.ls_goodness_of_fit_all                   ? 
_refine.ls_goodness_of_fit_all_esd               ? 
_refine.ls_goodness_of_fit_obs                   ? 
_refine.ls_goodness_of_fit_obs_esd               ? 
_refine.ls_hydrogen_treatment                    ? 
_refine.ls_matrix_type                           ? 
_refine.ls_number_constraints                    ? 
_refine.ls_number_parameters                     ? 
_refine.ls_number_reflns_all                     ? 
_refine.ls_number_reflns_obs                     14143 
_refine.ls_number_reflns_R_free                  725 
_refine.ls_number_reflns_R_work                  ? 
_refine.ls_number_restraints                     ? 
_refine.ls_percent_reflns_obs                    90.7600 
_refine.ls_percent_reflns_R_free                 4.9000 
_refine.ls_R_factor_all                          ? 
_refine.ls_R_factor_obs                          0.1748 
_refine.ls_R_factor_R_free                       0.2042 
_refine.ls_R_factor_R_free_error                 ? 
_refine.ls_R_factor_R_free_error_details         ? 
_refine.ls_R_factor_R_work                       0.1734 
_refine.ls_R_Fsqd_factor_obs                     ? 
_refine.ls_R_I_factor_obs                        ? 
_refine.ls_redundancy_reflns_all                 ? 
_refine.ls_redundancy_reflns_obs                 ? 
_refine.ls_restrained_S_all                      ? 
_refine.ls_restrained_S_obs                      ? 
_refine.ls_shift_over_esd_max                    ? 
_refine.ls_shift_over_esd_mean                   ? 
_refine.ls_structure_factor_coef                 ? 
_refine.ls_weighting_details                     ? 
_refine.ls_weighting_scheme                      ? 
_refine.ls_wR_factor_all                         ? 
_refine.ls_wR_factor_obs                         ? 
_refine.ls_wR_factor_R_free                      ? 
_refine.ls_wR_factor_R_work                      ? 
_refine.occupancy_max                            ? 
_refine.occupancy_min                            ? 
_refine.solvent_model_details                    MASK 
_refine.solvent_model_param_bsol                 ? 
_refine.solvent_model_param_ksol                 ? 
_refine.pdbx_R_complete                          ? 
_refine.ls_R_factor_gt                           ? 
_refine.ls_goodness_of_fit_gt                    ? 
_refine.ls_goodness_of_fit_ref                   ? 
_refine.ls_shift_over_su_max                     ? 
_refine.ls_shift_over_su_max_lt                  ? 
_refine.ls_shift_over_su_mean                    ? 
_refine.ls_shift_over_su_mean_lt                 ? 
_refine.pdbx_ls_sigma_I                          ? 
_refine.pdbx_ls_sigma_F                          0.000 
_refine.pdbx_ls_sigma_Fsqd                       ? 
_refine.pdbx_data_cutoff_high_absF               ? 
_refine.pdbx_data_cutoff_high_rms_absF           ? 
_refine.pdbx_data_cutoff_low_absF                ? 
_refine.pdbx_isotropic_thermal_model             ? 
_refine.pdbx_ls_cross_valid_method               THROUGHOUT 
_refine.pdbx_method_to_determine_struct          'MOLECULAR REPLACEMENT' 
_refine.pdbx_starting_model                      3MXF 
_refine.pdbx_stereochemistry_target_values       'MAXIMUM LIKELIHOOD' 
_refine.pdbx_R_Free_selection_details            RANDOM 
_refine.pdbx_stereochem_target_val_spec_case     ? 
_refine.pdbx_overall_ESU_R                       0.1060 
_refine.pdbx_overall_ESU_R_Free                  0.1020 
_refine.pdbx_solvent_vdw_probe_radii             1.2000 
_refine.pdbx_solvent_ion_probe_radii             0.8000 
_refine.pdbx_solvent_shrinkage_radii             0.8000 
_refine.pdbx_real_space_R                        ? 
_refine.pdbx_density_correlation                 ? 
_refine.pdbx_pd_number_of_powder_patterns        ? 
_refine.pdbx_pd_number_of_points                 ? 
_refine.pdbx_pd_meas_number_of_points            ? 
_refine.pdbx_pd_proc_ls_prof_R_factor            ? 
_refine.pdbx_pd_proc_ls_prof_wR_factor           ? 
_refine.pdbx_pd_Marquardt_correlation_coeff      ? 
_refine.pdbx_pd_Fsqrd_R_factor                   ? 
_refine.pdbx_pd_ls_matrix_band_width             ? 
_refine.pdbx_overall_phase_error                 ? 
_refine.pdbx_overall_SU_R_free_Cruickshank_DPI   ? 
_refine.pdbx_overall_SU_R_free_Blow_DPI          ? 
_refine.pdbx_overall_SU_R_Blow_DPI               ? 
_refine.pdbx_TLS_residual_ADP_flag               ? 
_refine.pdbx_diffrn_id                           1 
_refine.overall_SU_B                             1.6250 
_refine.overall_SU_ML                            0.0570 
_refine.overall_SU_R_Cruickshank_DPI             ? 
_refine.overall_SU_R_free                        ? 
_refine.overall_FOM_free_R_set                   ? 
_refine.overall_FOM_work_R_set                   ? 
_refine.pdbx_average_fsc_overall                 ? 
_refine.pdbx_average_fsc_work                    ? 
_refine.pdbx_average_fsc_free                    ? 
# 
_refine_hist.pdbx_refine_id                   'X-RAY DIFFRACTION' 
_refine_hist.cycle_id                         final 
_refine_hist.details                          ? 
_refine_hist.d_res_high                       1.6200 
_refine_hist.d_res_low                        36.5300 
_refine_hist.number_atoms_solvent             62 
_refine_hist.number_atoms_total               1206 
_refine_hist.number_reflns_all                ? 
_refine_hist.number_reflns_obs                ? 
_refine_hist.number_reflns_R_free             ? 
_refine_hist.number_reflns_R_work             ? 
_refine_hist.R_factor_all                     ? 
_refine_hist.R_factor_obs                     ? 
_refine_hist.R_factor_R_free                  ? 
_refine_hist.R_factor_R_work                  ? 
_refine_hist.pdbx_number_residues_total       133 
_refine_hist.pdbx_B_iso_mean_ligand           24.95 
_refine_hist.pdbx_B_iso_mean_solvent          29.17 
_refine_hist.pdbx_number_atoms_protein        1112 
_refine_hist.pdbx_number_atoms_nucleic_acid   0 
_refine_hist.pdbx_number_atoms_ligand         32 
_refine_hist.pdbx_number_atoms_lipid          ? 
_refine_hist.pdbx_number_atoms_carb           ? 
_refine_hist.pdbx_pseudo_atom_details         ? 
# 
loop_
_refine_ls_restr.pdbx_refine_id 
_refine_ls_restr.criterion 
_refine_ls_restr.dev_ideal 
_refine_ls_restr.dev_ideal_target 
_refine_ls_restr.number 
_refine_ls_restr.rejects 
_refine_ls_restr.type 
_refine_ls_restr.weight 
_refine_ls_restr.pdbx_restraint_function 
'X-RAY DIFFRACTION' ? 0.014  0.020  1188 ? r_bond_refined_d       ? ? 
'X-RAY DIFFRACTION' ? 0.003  0.020  1082 ? r_bond_other_d         ? ? 
'X-RAY DIFFRACTION' ? 1.701  1.987  1619 ? r_angle_refined_deg    ? ? 
'X-RAY DIFFRACTION' ? 1.143  3.007  2538 ? r_angle_other_deg      ? ? 
'X-RAY DIFFRACTION' ? 5.449  5.000  134  ? r_dihedral_angle_1_deg ? ? 
'X-RAY DIFFRACTION' ? 36.657 25.088 57   ? r_dihedral_angle_2_deg ? ? 
'X-RAY DIFFRACTION' ? 14.482 15.000 202  ? r_dihedral_angle_3_deg ? ? 
'X-RAY DIFFRACTION' ? 11.341 15.000 4    ? r_dihedral_angle_4_deg ? ? 
'X-RAY DIFFRACTION' ? 0.102  0.200  170  ? r_chiral_restr         ? ? 
'X-RAY DIFFRACTION' ? 0.009  0.021  1276 ? r_gen_planes_refined   ? ? 
'X-RAY DIFFRACTION' ? 0.002  0.020  222  ? r_gen_planes_other     ? ? 
# 
_refine_ls_shell.pdbx_refine_id                   'X-RAY DIFFRACTION' 
_refine_ls_shell.d_res_high                       1.62 
_refine_ls_shell.d_res_low                        1.6590 
_refine_ls_shell.number_reflns_all                ? 
_refine_ls_shell.number_reflns_obs                ? 
_refine_ls_shell.number_reflns_R_free             69 
_refine_ls_shell.number_reflns_R_work             1117 
_refine_ls_shell.percent_reflns_obs               99.7500 
_refine_ls_shell.percent_reflns_R_free            ? 
_refine_ls_shell.R_factor_all                     ? 
_refine_ls_shell.R_factor_obs                     ? 
_refine_ls_shell.R_factor_R_free                  0.1780 
_refine_ls_shell.R_factor_R_free_error            0.0000 
_refine_ls_shell.R_factor_R_work                  0.2090 
_refine_ls_shell.redundancy_reflns_all            ? 
_refine_ls_shell.redundancy_reflns_obs            ? 
_refine_ls_shell.wR_factor_all                    ? 
_refine_ls_shell.wR_factor_obs                    ? 
_refine_ls_shell.wR_factor_R_free                 ? 
_refine_ls_shell.wR_factor_R_work                 ? 
_refine_ls_shell.pdbx_R_complete                  ? 
_refine_ls_shell.pdbx_total_number_of_bins_used   ? 
_refine_ls_shell.pdbx_phase_error                 ? 
_refine_ls_shell.pdbx_fsc_work                    ? 
_refine_ls_shell.pdbx_fsc_free                    ? 
# 
_struct.entry_id                     7YL2 
_struct.title                        
'Crystal Structure of the first bromodomain of human BRD4 in complex with the inhibitor Y07004' 
_struct.pdbx_model_details           ? 
_struct.pdbx_formula_weight          ? 
_struct.pdbx_formula_weight_method   ? 
_struct.pdbx_model_type_details      ? 
_struct.pdbx_CASP_flag               N 
# 
_struct_keywords.entry_id        7YL2 
_struct_keywords.text            'BRD4(1), Bromodomain, Inhibitor, ANTITUMOR PROTEIN' 
_struct_keywords.pdbx_keywords   'ANTITUMOR PROTEIN' 
# 
loop_
_struct_asym.id 
_struct_asym.pdbx_blank_PDB_chainid_flag 
_struct_asym.pdbx_modified 
_struct_asym.entity_id 
_struct_asym.details 
A N N 1 ? 
B N N 2 ? 
C N N 3 ? 
D N N 4 ? 
E N N 5 ? 
# 
_struct_ref.id                         1 
_struct_ref.db_name                    UNP 
_struct_ref.db_code                    BRD4_HUMAN 
_struct_ref.pdbx_db_accession          O60885 
_struct_ref.pdbx_db_isoform            ? 
_struct_ref.entity_id                  1 
_struct_ref.pdbx_seq_one_letter_code   
;NPPPPETSNPNKPKRQTNQLQYLLRVVLKTLWKHQFAWPFQQPVDAVKLNLPDYYKIIKTPMDMGTIKKRLENNYYWNAQ
ECIQDFNTMFTNCYIYNKPGDDIVLMAEALEKLFLQKINELPTEE
;
_struct_ref.pdbx_align_begin           44 
# 
_struct_ref_seq.align_id                      1 
_struct_ref_seq.ref_id                        1 
_struct_ref_seq.pdbx_PDB_id_code              7YL2 
_struct_ref_seq.pdbx_strand_id                A 
_struct_ref_seq.seq_align_beg                 17 
_struct_ref_seq.pdbx_seq_align_beg_ins_code   ? 
_struct_ref_seq.seq_align_end                 141 
_struct_ref_seq.pdbx_seq_align_end_ins_code   ? 
_struct_ref_seq.pdbx_db_accession             O60885 
_struct_ref_seq.db_align_beg                  44 
_struct_ref_seq.pdbx_db_align_beg_ins_code    ? 
_struct_ref_seq.db_align_end                  168 
_struct_ref_seq.pdbx_db_align_end_ins_code    ? 
_struct_ref_seq.pdbx_auth_seq_align_beg       44 
_struct_ref_seq.pdbx_auth_seq_align_end       168 
# 
loop_
_struct_ref_seq_dif.align_id 
_struct_ref_seq_dif.pdbx_pdb_id_code 
_struct_ref_seq_dif.mon_id 
_struct_ref_seq_dif.pdbx_pdb_strand_id 
_struct_ref_seq_dif.seq_num 
_struct_ref_seq_dif.pdbx_pdb_ins_code 
_struct_ref_seq_dif.pdbx_seq_db_name 
_struct_ref_seq_dif.pdbx_seq_db_accession_code 
_struct_ref_seq_dif.db_mon_id 
_struct_ref_seq_dif.pdbx_seq_db_seq_num 
_struct_ref_seq_dif.details 
_struct_ref_seq_dif.pdbx_auth_seq_num 
_struct_ref_seq_dif.pdbx_ordinal 
1 7YL2 MET A 1  ? UNP O60885 ? ? 'expression tag' 28 1  
1 7YL2 LYS A 2  ? UNP O60885 ? ? 'expression tag' 29 2  
1 7YL2 LYS A 3  ? UNP O60885 ? ? 'expression tag' 30 3  
1 7YL2 GLY A 4  ? UNP O60885 ? ? 'expression tag' 31 4  
1 7YL2 HIS A 5  ? UNP O60885 ? ? 'expression tag' 32 5  
1 7YL2 HIS A 6  ? UNP O60885 ? ? 'expression tag' 33 6  
1 7YL2 HIS A 7  ? UNP O60885 ? ? 'expression tag' 34 7  
1 7YL2 HIS A 8  ? UNP O60885 ? ? 'expression tag' 35 8  
1 7YL2 HIS A 9  ? UNP O60885 ? ? 'expression tag' 36 9  
1 7YL2 HIS A 10 ? UNP O60885 ? ? 'expression tag' 37 10 
1 7YL2 LEU A 11 ? UNP O60885 ? ? 'expression tag' 38 11 
1 7YL2 VAL A 12 ? UNP O60885 ? ? 'expression tag' 39 12 
1 7YL2 PRO A 13 ? UNP O60885 ? ? 'expression tag' 40 13 
1 7YL2 ARG A 14 ? UNP O60885 ? ? 'expression tag' 41 14 
1 7YL2 GLY A 15 ? UNP O60885 ? ? 'expression tag' 42 15 
1 7YL2 SER A 16 ? UNP O60885 ? ? 'expression tag' 43 16 
# 
_pdbx_struct_assembly.id                   1 
_pdbx_struct_assembly.details              author_and_software_defined_assembly 
_pdbx_struct_assembly.method_details       PISA 
_pdbx_struct_assembly.oligomeric_details   monomeric 
_pdbx_struct_assembly.oligomeric_count     1 
# 
loop_
_pdbx_struct_assembly_prop.biol_id 
_pdbx_struct_assembly_prop.type 
_pdbx_struct_assembly_prop.value 
_pdbx_struct_assembly_prop.details 
1 'ABSA (A^2)' 330  ? 
1 MORE         1    ? 
1 'SSA (A^2)'  8530 ? 
# 
_pdbx_struct_assembly_gen.assembly_id       1 
_pdbx_struct_assembly_gen.oper_expression   1 
_pdbx_struct_assembly_gen.asym_id_list      A,B,C,D,E 
# 
_pdbx_struct_assembly_auth_evidence.id                     1 
_pdbx_struct_assembly_auth_evidence.assembly_id            1 
_pdbx_struct_assembly_auth_evidence.experimental_support   none 
_pdbx_struct_assembly_auth_evidence.details                ? 
# 
_pdbx_struct_oper_list.id                   1 
_pdbx_struct_oper_list.type                 'identity operation' 
_pdbx_struct_oper_list.name                 1_555 
_pdbx_struct_oper_list.symmetry_operation   x,y,z 
_pdbx_struct_oper_list.matrix[1][1]         1.0000000000 
_pdbx_struct_oper_list.matrix[1][2]         0.0000000000 
_pdbx_struct_oper_list.matrix[1][3]         0.0000000000 
_pdbx_struct_oper_list.vector[1]            0.0000000000 
_pdbx_struct_oper_list.matrix[2][1]         0.0000000000 
_pdbx_struct_oper_list.matrix[2][2]         1.0000000000 
_pdbx_struct_oper_list.matrix[2][3]         0.0000000000 
_pdbx_struct_oper_list.vector[2]            0.0000000000 
_pdbx_struct_oper_list.matrix[3][1]         0.0000000000 
_pdbx_struct_oper_list.matrix[3][2]         0.0000000000 
_pdbx_struct_oper_list.matrix[3][3]         1.0000000000 
_pdbx_struct_oper_list.vector[3]            0.0000000000 
# 
loop_
_struct_conf.conf_type_id 
_struct_conf.id 
_struct_conf.pdbx_PDB_helix_id 
_struct_conf.beg_label_comp_id 
_struct_conf.beg_label_asym_id 
_struct_conf.beg_label_seq_id 
_struct_conf.pdbx_beg_PDB_ins_code 
_struct_conf.end_label_comp_id 
_struct_conf.end_label_asym_id 
_struct_conf.end_label_seq_id 
_struct_conf.pdbx_end_PDB_ins_code 
_struct_conf.beg_auth_comp_id 
_struct_conf.beg_auth_asym_id 
_struct_conf.beg_auth_seq_id 
_struct_conf.end_auth_comp_id 
_struct_conf.end_auth_asym_id 
_struct_conf.end_auth_seq_id 
_struct_conf.pdbx_PDB_helix_class 
_struct_conf.details 
_struct_conf.pdbx_PDB_helix_length 
HELX_P HELX_P1 AA1 THR A 33  ? VAL A 42  ? THR A 60  VAL A 69  1 ? 10 
HELX_P HELX_P2 AA2 VAL A 42  ? LYS A 49  ? VAL A 69  LYS A 76  1 ? 8  
HELX_P HELX_P3 AA3 ALA A 53  ? GLN A 57  ? ALA A 80  GLN A 84  5 ? 5  
HELX_P HELX_P4 AA4 ASP A 69  ? ILE A 74  ? ASP A 96  ILE A 101 1 ? 6  
HELX_P HELX_P5 AA5 ASP A 79  ? ASN A 89  ? ASP A 106 ASN A 116 1 ? 11 
HELX_P HELX_P6 AA6 ASN A 94  ? ASN A 113 ? ASN A 121 ASN A 140 1 ? 20 
HELX_P HELX_P7 AA7 ASP A 117 ? GLU A 136 ? ASP A 144 GLU A 163 1 ? 20 
# 
_struct_conf_type.id          HELX_P 
_struct_conf_type.criteria    ? 
_struct_conf_type.reference   ? 
# 
_pdbx_validate_rmsd_angle.id                         1 
_pdbx_validate_rmsd_angle.PDB_model_num              1 
_pdbx_validate_rmsd_angle.auth_atom_id_1             NE 
_pdbx_validate_rmsd_angle.auth_asym_id_1             A 
_pdbx_validate_rmsd_angle.auth_comp_id_1             ARG 
_pdbx_validate_rmsd_angle.auth_seq_id_1              68 
_pdbx_validate_rmsd_angle.PDB_ins_code_1             ? 
_pdbx_validate_rmsd_angle.label_alt_id_1             ? 
_pdbx_validate_rmsd_angle.auth_atom_id_2             CZ 
_pdbx_validate_rmsd_angle.auth_asym_id_2             A 
_pdbx_validate_rmsd_angle.auth_comp_id_2             ARG 
_pdbx_validate_rmsd_angle.auth_seq_id_2              68 
_pdbx_validate_rmsd_angle.PDB_ins_code_2             ? 
_pdbx_validate_rmsd_angle.label_alt_id_2             ? 
_pdbx_validate_rmsd_angle.auth_atom_id_3             NH1 
_pdbx_validate_rmsd_angle.auth_asym_id_3             A 
_pdbx_validate_rmsd_angle.auth_comp_id_3             ARG 
_pdbx_validate_rmsd_angle.auth_seq_id_3              68 
_pdbx_validate_rmsd_angle.PDB_ins_code_3             ? 
_pdbx_validate_rmsd_angle.label_alt_id_3             ? 
_pdbx_validate_rmsd_angle.angle_value                123.34 
_pdbx_validate_rmsd_angle.angle_target_value         120.30 
_pdbx_validate_rmsd_angle.angle_deviation            3.04 
_pdbx_validate_rmsd_angle.angle_standard_deviation   0.50 
_pdbx_validate_rmsd_angle.linker_flag                N 
# 
_pdbx_entry_details.entry_id                 7YL2 
_pdbx_entry_details.has_ligand_of_interest   Y 
_pdbx_entry_details.compound_details         ? 
_pdbx_entry_details.source_details           ? 
_pdbx_entry_details.nonpolymer_details       ? 
_pdbx_entry_details.sequence_details         ? 
# 
loop_
_pdbx_unobs_or_zero_occ_residues.id 
_pdbx_unobs_or_zero_occ_residues.PDB_model_num 
_pdbx_unobs_or_zero_occ_residues.polymer_flag 
_pdbx_unobs_or_zero_occ_residues.occupancy_flag 
_pdbx_unobs_or_zero_occ_residues.auth_asym_id 
_pdbx_unobs_or_zero_occ_residues.auth_comp_id 
_pdbx_unobs_or_zero_occ_residues.auth_seq_id 
_pdbx_unobs_or_zero_occ_residues.PDB_ins_code 
_pdbx_unobs_or_zero_occ_residues.label_asym_id 
_pdbx_unobs_or_zero_occ_residues.label_comp_id 
_pdbx_unobs_or_zero_occ_residues.label_seq_id 
1 1 Y 1 A MET 28  ? A MET 1   
2 1 Y 1 A LYS 29  ? A LYS 2   
3 1 Y 1 A LYS 30  ? A LYS 3   
4 1 Y 1 A GLY 31  ? A GLY 4   
5 1 Y 1 A HIS 32  ? A HIS 5   
6 1 Y 1 A HIS 33  ? A HIS 6   
7 1 Y 1 A GLU 167 ? A GLU 140 
8 1 Y 1 A GLU 168 ? A GLU 141 
# 
loop_
_chem_comp_atom.comp_id 
_chem_comp_atom.atom_id 
_chem_comp_atom.type_symbol 
_chem_comp_atom.pdbx_aromatic_flag 
_chem_comp_atom.pdbx_stereo_config 
_chem_comp_atom.pdbx_ordinal 
ALA N    N N N 1   
ALA CA   C N S 2   
ALA C    C N N 3   
ALA O    O N N 4   
ALA CB   C N N 5   
ALA OXT  O N N 6   
ALA H    H N N 7   
ALA H2   H N N 8   
ALA HA   H N N 9   
ALA HB1  H N N 10  
ALA HB2  H N N 11  
ALA HB3  H N N 12  
ALA HXT  H N N 13  
ARG N    N N N 14  
ARG CA   C N S 15  
ARG C    C N N 16  
ARG O    O N N 17  
ARG CB   C N N 18  
ARG CG   C N N 19  
ARG CD   C N N 20  
ARG NE   N N N 21  
ARG CZ   C N N 22  
ARG NH1  N N N 23  
ARG NH2  N N N 24  
ARG OXT  O N N 25  
ARG H    H N N 26  
ARG H2   H N N 27  
ARG HA   H N N 28  
ARG HB2  H N N 29  
ARG HB3  H N N 30  
ARG HG2  H N N 31  
ARG HG3  H N N 32  
ARG HD2  H N N 33  
ARG HD3  H N N 34  
ARG HE   H N N 35  
ARG HH11 H N N 36  
ARG HH12 H N N 37  
ARG HH21 H N N 38  
ARG HH22 H N N 39  
ARG HXT  H N N 40  
ASN N    N N N 41  
ASN CA   C N S 42  
ASN C    C N N 43  
ASN O    O N N 44  
ASN CB   C N N 45  
ASN CG   C N N 46  
ASN OD1  O N N 47  
ASN ND2  N N N 48  
ASN OXT  O N N 49  
ASN H    H N N 50  
ASN H2   H N N 51  
ASN HA   H N N 52  
ASN HB2  H N N 53  
ASN HB3  H N N 54  
ASN HD21 H N N 55  
ASN HD22 H N N 56  
ASN HXT  H N N 57  
ASP N    N N N 58  
ASP CA   C N S 59  
ASP C    C N N 60  
ASP O    O N N 61  
ASP CB   C N N 62  
ASP CG   C N N 63  
ASP OD1  O N N 64  
ASP OD2  O N N 65  
ASP OXT  O N N 66  
ASP H    H N N 67  
ASP H2   H N N 68  
ASP HA   H N N 69  
ASP HB2  H N N 70  
ASP HB3  H N N 71  
ASP HD2  H N N 72  
ASP HXT  H N N 73  
CYS N    N N N 74  
CYS CA   C N R 75  
CYS C    C N N 76  
CYS O    O N N 77  
CYS CB   C N N 78  
CYS SG   S N N 79  
CYS OXT  O N N 80  
CYS H    H N N 81  
CYS H2   H N N 82  
CYS HA   H N N 83  
CYS HB2  H N N 84  
CYS HB3  H N N 85  
CYS HG   H N N 86  
CYS HXT  H N N 87  
GLN N    N N N 88  
GLN CA   C N S 89  
GLN C    C N N 90  
GLN O    O N N 91  
GLN CB   C N N 92  
GLN CG   C N N 93  
GLN CD   C N N 94  
GLN OE1  O N N 95  
GLN NE2  N N N 96  
GLN OXT  O N N 97  
GLN H    H N N 98  
GLN H2   H N N 99  
GLN HA   H N N 100 
GLN HB2  H N N 101 
GLN HB3  H N N 102 
GLN HG2  H N N 103 
GLN HG3  H N N 104 
GLN HE21 H N N 105 
GLN HE22 H N N 106 
GLN HXT  H N N 107 
GLU N    N N N 108 
GLU CA   C N S 109 
GLU C    C N N 110 
GLU O    O N N 111 
GLU CB   C N N 112 
GLU CG   C N N 113 
GLU CD   C N N 114 
GLU OE1  O N N 115 
GLU OE2  O N N 116 
GLU OXT  O N N 117 
GLU H    H N N 118 
GLU H2   H N N 119 
GLU HA   H N N 120 
GLU HB2  H N N 121 
GLU HB3  H N N 122 
GLU HG2  H N N 123 
GLU HG3  H N N 124 
GLU HE2  H N N 125 
GLU HXT  H N N 126 
GLY N    N N N 127 
GLY CA   C N N 128 
GLY C    C N N 129 
GLY O    O N N 130 
GLY OXT  O N N 131 
GLY H    H N N 132 
GLY H2   H N N 133 
GLY HA2  H N N 134 
GLY HA3  H N N 135 
GLY HXT  H N N 136 
GOL C1   C N N 137 
GOL O1   O N N 138 
GOL C2   C N N 139 
GOL O2   O N N 140 
GOL C3   C N N 141 
GOL O3   O N N 142 
GOL H11  H N N 143 
GOL H12  H N N 144 
GOL HO1  H N N 145 
GOL H2   H N N 146 
GOL HO2  H N N 147 
GOL H31  H N N 148 
GOL H32  H N N 149 
GOL HO3  H N N 150 
HIS N    N N N 151 
HIS CA   C N S 152 
HIS C    C N N 153 
HIS O    O N N 154 
HIS CB   C N N 155 
HIS CG   C Y N 156 
HIS ND1  N Y N 157 
HIS CD2  C Y N 158 
HIS CE1  C Y N 159 
HIS NE2  N Y N 160 
HIS OXT  O N N 161 
HIS H    H N N 162 
HIS H2   H N N 163 
HIS HA   H N N 164 
HIS HB2  H N N 165 
HIS HB3  H N N 166 
HIS HD1  H N N 167 
HIS HD2  H N N 168 
HIS HE1  H N N 169 
HIS HE2  H N N 170 
HIS HXT  H N N 171 
HOH O    O N N 172 
HOH H1   H N N 173 
HOH H2   H N N 174 
ILE N    N N N 175 
ILE CA   C N S 176 
ILE C    C N N 177 
ILE O    O N N 178 
ILE CB   C N S 179 
ILE CG1  C N N 180 
ILE CG2  C N N 181 
ILE CD1  C N N 182 
ILE OXT  O N N 183 
ILE H    H N N 184 
ILE H2   H N N 185 
ILE HA   H N N 186 
ILE HB   H N N 187 
ILE HG12 H N N 188 
ILE HG13 H N N 189 
ILE HG21 H N N 190 
ILE HG22 H N N 191 
ILE HG23 H N N 192 
ILE HD11 H N N 193 
ILE HD12 H N N 194 
ILE HD13 H N N 195 
ILE HXT  H N N 196 
JCO CAR  C N N 197 
JCO CAS  C N N 198 
JCO CAT  C N N 199 
JCO CAU  C N N 200 
JCO CAV  C N N 201 
JCO CAN  C N N 202 
JCO SAM  S N N 203 
JCO OAO  O N N 204 
JCO OAP  O N N 205 
JCO NAL  N N N 206 
JCO CAB  C Y N 207 
JCO CAC  C Y N 208 
JCO CAA  C Y N 209 
JCO CAF  C Y N 210 
JCO CAE  C Y N 211 
JCO CAD  C Y N 212 
JCO CAG  C N N 213 
JCO CAH  C N N 214 
JCO OAQ  O N N 215 
JCO NAI  N N N 216 
JCO CAJ  C N N 217 
JCO CAK  C N N 218 
JCO H1   H N N 219 
JCO H2   H N N 220 
JCO H3   H N N 221 
JCO H4   H N N 222 
JCO H5   H N N 223 
JCO H6   H N N 224 
JCO H7   H N N 225 
JCO H8   H N N 226 
JCO H9   H N N 227 
JCO H10  H N N 228 
JCO H11  H N N 229 
JCO H12  H N N 230 
JCO H13  H N N 231 
JCO H14  H N N 232 
JCO H15  H N N 233 
JCO H16  H N N 234 
JCO H17  H N N 235 
JCO H18  H N N 236 
JCO H19  H N N 237 
JCO H20  H N N 238 
JCO H21  H N N 239 
JCO H22  H N N 240 
LEU N    N N N 241 
LEU CA   C N S 242 
LEU C    C N N 243 
LEU O    O N N 244 
LEU CB   C N N 245 
LEU CG   C N N 246 
LEU CD1  C N N 247 
LEU CD2  C N N 248 
LEU OXT  O N N 249 
LEU H    H N N 250 
LEU H2   H N N 251 
LEU HA   H N N 252 
LEU HB2  H N N 253 
LEU HB3  H N N 254 
LEU HG   H N N 255 
LEU HD11 H N N 256 
LEU HD12 H N N 257 
LEU HD13 H N N 258 
LEU HD21 H N N 259 
LEU HD22 H N N 260 
LEU HD23 H N N 261 
LEU HXT  H N N 262 
LYS N    N N N 263 
LYS CA   C N S 264 
LYS C    C N N 265 
LYS O    O N N 266 
LYS CB   C N N 267 
LYS CG   C N N 268 
LYS CD   C N N 269 
LYS CE   C N N 270 
LYS NZ   N N N 271 
LYS OXT  O N N 272 
LYS H    H N N 273 
LYS H2   H N N 274 
LYS HA   H N N 275 
LYS HB2  H N N 276 
LYS HB3  H N N 277 
LYS HG2  H N N 278 
LYS HG3  H N N 279 
LYS HD2  H N N 280 
LYS HD3  H N N 281 
LYS HE2  H N N 282 
LYS HE3  H N N 283 
LYS HZ1  H N N 284 
LYS HZ2  H N N 285 
LYS HZ3  H N N 286 
LYS HXT  H N N 287 
MET N    N N N 288 
MET CA   C N S 289 
MET C    C N N 290 
MET O    O N N 291 
MET CB   C N N 292 
MET CG   C N N 293 
MET SD   S N N 294 
MET CE   C N N 295 
MET OXT  O N N 296 
MET H    H N N 297 
MET H2   H N N 298 
MET HA   H N N 299 
MET HB2  H N N 300 
MET HB3  H N N 301 
MET HG2  H N N 302 
MET HG3  H N N 303 
MET HE1  H N N 304 
MET HE2  H N N 305 
MET HE3  H N N 306 
MET HXT  H N N 307 
NO3 N    N N N 308 
NO3 O1   O N N 309 
NO3 O2   O N N 310 
NO3 O3   O N N 311 
PHE N    N N N 312 
PHE CA   C N S 313 
PHE C    C N N 314 
PHE O    O N N 315 
PHE CB   C N N 316 
PHE CG   C Y N 317 
PHE CD1  C Y N 318 
PHE CD2  C Y N 319 
PHE CE1  C Y N 320 
PHE CE2  C Y N 321 
PHE CZ   C Y N 322 
PHE OXT  O N N 323 
PHE H    H N N 324 
PHE H2   H N N 325 
PHE HA   H N N 326 
PHE HB2  H N N 327 
PHE HB3  H N N 328 
PHE HD1  H N N 329 
PHE HD2  H N N 330 
PHE HE1  H N N 331 
PHE HE2  H N N 332 
PHE HZ   H N N 333 
PHE HXT  H N N 334 
PRO N    N N N 335 
PRO CA   C N S 336 
PRO C    C N N 337 
PRO O    O N N 338 
PRO CB   C N N 339 
PRO CG   C N N 340 
PRO CD   C N N 341 
PRO OXT  O N N 342 
PRO H    H N N 343 
PRO HA   H N N 344 
PRO HB2  H N N 345 
PRO HB3  H N N 346 
PRO HG2  H N N 347 
PRO HG3  H N N 348 
PRO HD2  H N N 349 
PRO HD3  H N N 350 
PRO HXT  H N N 351 
SER N    N N N 352 
SER CA   C N S 353 
SER C    C N N 354 
SER O    O N N 355 
SER CB   C N N 356 
SER OG   O N N 357 
SER OXT  O N N 358 
SER H    H N N 359 
SER H2   H N N 360 
SER HA   H N N 361 
SER HB2  H N N 362 
SER HB3  H N N 363 
SER HG   H N N 364 
SER HXT  H N N 365 
THR N    N N N 366 
THR CA   C N S 367 
THR C    C N N 368 
THR O    O N N 369 
THR CB   C N R 370 
THR OG1  O N N 371 
THR CG2  C N N 372 
THR OXT  O N N 373 
THR H    H N N 374 
THR H2   H N N 375 
THR HA   H N N 376 
THR HB   H N N 377 
THR HG1  H N N 378 
THR HG21 H N N 379 
THR HG22 H N N 380 
THR HG23 H N N 381 
THR HXT  H N N 382 
TRP N    N N N 383 
TRP CA   C N S 384 
TRP C    C N N 385 
TRP O    O N N 386 
TRP CB   C N N 387 
TRP CG   C Y N 388 
TRP CD1  C Y N 389 
TRP CD2  C Y N 390 
TRP NE1  N Y N 391 
TRP CE2  C Y N 392 
TRP CE3  C Y N 393 
TRP CZ2  C Y N 394 
TRP CZ3  C Y N 395 
TRP CH2  C Y N 396 
TRP OXT  O N N 397 
TRP H    H N N 398 
TRP H2   H N N 399 
TRP HA   H N N 400 
TRP HB2  H N N 401 
TRP HB3  H N N 402 
TRP HD1  H N N 403 
TRP HE1  H N N 404 
TRP HE3  H N N 405 
TRP HZ2  H N N 406 
TRP HZ3  H N N 407 
TRP HH2  H N N 408 
TRP HXT  H N N 409 
TYR N    N N N 410 
TYR CA   C N S 411 
TYR C    C N N 412 
TYR O    O N N 413 
TYR CB   C N N 414 
TYR CG   C Y N 415 
TYR CD1  C Y N 416 
TYR CD2  C Y N 417 
TYR CE1  C Y N 418 
TYR CE2  C Y N 419 
TYR CZ   C Y N 420 
TYR OH   O N N 421 
TYR OXT  O N N 422 
TYR H    H N N 423 
TYR H2   H N N 424 
TYR HA   H N N 425 
TYR HB2  H N N 426 
TYR HB3  H N N 427 
TYR HD1  H N N 428 
TYR HD2  H N N 429 
TYR HE1  H N N 430 
TYR HE2  H N N 431 
TYR HH   H N N 432 
TYR HXT  H N N 433 
VAL N    N N N 434 
VAL CA   C N S 435 
VAL C    C N N 436 
VAL O    O N N 437 
VAL CB   C N N 438 
VAL CG1  C N N 439 
VAL CG2  C N N 440 
VAL OXT  O N N 441 
VAL H    H N N 442 
VAL H2   H N N 443 
VAL HA   H N N 444 
VAL HB   H N N 445 
VAL HG11 H N N 446 
VAL HG12 H N N 447 
VAL HG13 H N N 448 
VAL HG21 H N N 449 
VAL HG22 H N N 450 
VAL HG23 H N N 451 
VAL HXT  H N N 452 
# 
loop_
_chem_comp_bond.comp_id 
_chem_comp_bond.atom_id_1 
_chem_comp_bond.atom_id_2 
_chem_comp_bond.value_order 
_chem_comp_bond.pdbx_aromatic_flag 
_chem_comp_bond.pdbx_stereo_config 
_chem_comp_bond.pdbx_ordinal 
ALA N   CA   sing N N 1   
ALA N   H    sing N N 2   
ALA N   H2   sing N N 3   
ALA CA  C    sing N N 4   
ALA CA  CB   sing N N 5   
ALA CA  HA   sing N N 6   
ALA C   O    doub N N 7   
ALA C   OXT  sing N N 8   
ALA CB  HB1  sing N N 9   
ALA CB  HB2  sing N N 10  
ALA CB  HB3  sing N N 11  
ALA OXT HXT  sing N N 12  
ARG N   CA   sing N N 13  
ARG N   H    sing N N 14  
ARG N   H2   sing N N 15  
ARG CA  C    sing N N 16  
ARG CA  CB   sing N N 17  
ARG CA  HA   sing N N 18  
ARG C   O    doub N N 19  
ARG C   OXT  sing N N 20  
ARG CB  CG   sing N N 21  
ARG CB  HB2  sing N N 22  
ARG CB  HB3  sing N N 23  
ARG CG  CD   sing N N 24  
ARG CG  HG2  sing N N 25  
ARG CG  HG3  sing N N 26  
ARG CD  NE   sing N N 27  
ARG CD  HD2  sing N N 28  
ARG CD  HD3  sing N N 29  
ARG NE  CZ   sing N N 30  
ARG NE  HE   sing N N 31  
ARG CZ  NH1  sing N N 32  
ARG CZ  NH2  doub N N 33  
ARG NH1 HH11 sing N N 34  
ARG NH1 HH12 sing N N 35  
ARG NH2 HH21 sing N N 36  
ARG NH2 HH22 sing N N 37  
ARG OXT HXT  sing N N 38  
ASN N   CA   sing N N 39  
ASN N   H    sing N N 40  
ASN N   H2   sing N N 41  
ASN CA  C    sing N N 42  
ASN CA  CB   sing N N 43  
ASN CA  HA   sing N N 44  
ASN C   O    doub N N 45  
ASN C   OXT  sing N N 46  
ASN CB  CG   sing N N 47  
ASN CB  HB2  sing N N 48  
ASN CB  HB3  sing N N 49  
ASN CG  OD1  doub N N 50  
ASN CG  ND2  sing N N 51  
ASN ND2 HD21 sing N N 52  
ASN ND2 HD22 sing N N 53  
ASN OXT HXT  sing N N 54  
ASP N   CA   sing N N 55  
ASP N   H    sing N N 56  
ASP N   H2   sing N N 57  
ASP CA  C    sing N N 58  
ASP CA  CB   sing N N 59  
ASP CA  HA   sing N N 60  
ASP C   O    doub N N 61  
ASP C   OXT  sing N N 62  
ASP CB  CG   sing N N 63  
ASP CB  HB2  sing N N 64  
ASP CB  HB3  sing N N 65  
ASP CG  OD1  doub N N 66  
ASP CG  OD2  sing N N 67  
ASP OD2 HD2  sing N N 68  
ASP OXT HXT  sing N N 69  
CYS N   CA   sing N N 70  
CYS N   H    sing N N 71  
CYS N   H2   sing N N 72  
CYS CA  C    sing N N 73  
CYS CA  CB   sing N N 74  
CYS CA  HA   sing N N 75  
CYS C   O    doub N N 76  
CYS C   OXT  sing N N 77  
CYS CB  SG   sing N N 78  
CYS CB  HB2  sing N N 79  
CYS CB  HB3  sing N N 80  
CYS SG  HG   sing N N 81  
CYS OXT HXT  sing N N 82  
GLN N   CA   sing N N 83  
GLN N   H    sing N N 84  
GLN N   H2   sing N N 85  
GLN CA  C    sing N N 86  
GLN CA  CB   sing N N 87  
GLN CA  HA   sing N N 88  
GLN C   O    doub N N 89  
GLN C   OXT  sing N N 90  
GLN CB  CG   sing N N 91  
GLN CB  HB2  sing N N 92  
GLN CB  HB3  sing N N 93  
GLN CG  CD   sing N N 94  
GLN CG  HG2  sing N N 95  
GLN CG  HG3  sing N N 96  
GLN CD  OE1  doub N N 97  
GLN CD  NE2  sing N N 98  
GLN NE2 HE21 sing N N 99  
GLN NE2 HE22 sing N N 100 
GLN OXT HXT  sing N N 101 
GLU N   CA   sing N N 102 
GLU N   H    sing N N 103 
GLU N   H2   sing N N 104 
GLU CA  C    sing N N 105 
GLU CA  CB   sing N N 106 
GLU CA  HA   sing N N 107 
GLU C   O    doub N N 108 
GLU C   OXT  sing N N 109 
GLU CB  CG   sing N N 110 
GLU CB  HB2  sing N N 111 
GLU CB  HB3  sing N N 112 
GLU CG  CD   sing N N 113 
GLU CG  HG2  sing N N 114 
GLU CG  HG3  sing N N 115 
GLU CD  OE1  doub N N 116 
GLU CD  OE2  sing N N 117 
GLU OE2 HE2  sing N N 118 
GLU OXT HXT  sing N N 119 
GLY N   CA   sing N N 120 
GLY N   H    sing N N 121 
GLY N   H2   sing N N 122 
GLY CA  C    sing N N 123 
GLY CA  HA2  sing N N 124 
GLY CA  HA3  sing N N 125 
GLY C   O    doub N N 126 
GLY C   OXT  sing N N 127 
GLY OXT HXT  sing N N 128 
GOL C1  O1   sing N N 129 
GOL C1  C2   sing N N 130 
GOL C1  H11  sing N N 131 
GOL C1  H12  sing N N 132 
GOL O1  HO1  sing N N 133 
GOL C2  O2   sing N N 134 
GOL C2  C3   sing N N 135 
GOL C2  H2   sing N N 136 
GOL O2  HO2  sing N N 137 
GOL C3  O3   sing N N 138 
GOL C3  H31  sing N N 139 
GOL C3  H32  sing N N 140 
GOL O3  HO3  sing N N 141 
HIS N   CA   sing N N 142 
HIS N   H    sing N N 143 
HIS N   H2   sing N N 144 
HIS CA  C    sing N N 145 
HIS CA  CB   sing N N 146 
HIS CA  HA   sing N N 147 
HIS C   O    doub N N 148 
HIS C   OXT  sing N N 149 
HIS CB  CG   sing N N 150 
HIS CB  HB2  sing N N 151 
HIS CB  HB3  sing N N 152 
HIS CG  ND1  sing Y N 153 
HIS CG  CD2  doub Y N 154 
HIS ND1 CE1  doub Y N 155 
HIS ND1 HD1  sing N N 156 
HIS CD2 NE2  sing Y N 157 
HIS CD2 HD2  sing N N 158 
HIS CE1 NE2  sing Y N 159 
HIS CE1 HE1  sing N N 160 
HIS NE2 HE2  sing N N 161 
HIS OXT HXT  sing N N 162 
HOH O   H1   sing N N 163 
HOH O   H2   sing N N 164 
ILE N   CA   sing N N 165 
ILE N   H    sing N N 166 
ILE N   H2   sing N N 167 
ILE CA  C    sing N N 168 
ILE CA  CB   sing N N 169 
ILE CA  HA   sing N N 170 
ILE C   O    doub N N 171 
ILE C   OXT  sing N N 172 
ILE CB  CG1  sing N N 173 
ILE CB  CG2  sing N N 174 
ILE CB  HB   sing N N 175 
ILE CG1 CD1  sing N N 176 
ILE CG1 HG12 sing N N 177 
ILE CG1 HG13 sing N N 178 
ILE CG2 HG21 sing N N 179 
ILE CG2 HG22 sing N N 180 
ILE CG2 HG23 sing N N 181 
ILE CD1 HD11 sing N N 182 
ILE CD1 HD12 sing N N 183 
ILE CD1 HD13 sing N N 184 
ILE OXT HXT  sing N N 185 
JCO CAJ CAK  sing N N 186 
JCO CAJ NAI  sing N N 187 
JCO OAQ CAH  doub N N 188 
JCO NAI CAH  sing N N 189 
JCO NAI CAE  sing N N 190 
JCO CAH CAG  sing N N 191 
JCO CAF CAE  doub Y N 192 
JCO CAF CAA  sing Y N 193 
JCO CAE CAD  sing Y N 194 
JCO CAA CAB  doub Y N 195 
JCO CAG CAD  sing N N 196 
JCO CAD CAC  doub Y N 197 
JCO CAB CAC  sing Y N 198 
JCO CAB NAL  sing N N 199 
JCO NAL SAM  sing N N 200 
JCO OAO SAM  doub N N 201 
JCO SAM OAP  doub N N 202 
JCO SAM CAN  sing N N 203 
JCO CAR CAN  sing N N 204 
JCO CAR CAS  sing N N 205 
JCO CAN CAV  sing N N 206 
JCO CAS CAT  sing N N 207 
JCO CAV CAU  sing N N 208 
JCO CAT CAU  sing N N 209 
JCO CAR H1   sing N N 210 
JCO CAR H2   sing N N 211 
JCO CAS H3   sing N N 212 
JCO CAS H4   sing N N 213 
JCO CAT H5   sing N N 214 
JCO CAT H6   sing N N 215 
JCO CAU H7   sing N N 216 
JCO CAU H8   sing N N 217 
JCO CAV H9   sing N N 218 
JCO CAV H10  sing N N 219 
JCO CAN H11  sing N N 220 
JCO NAL H12  sing N N 221 
JCO CAC H13  sing N N 222 
JCO CAA H14  sing N N 223 
JCO CAF H15  sing N N 224 
JCO CAG H16  sing N N 225 
JCO CAG H17  sing N N 226 
JCO CAJ H18  sing N N 227 
JCO CAJ H19  sing N N 228 
JCO CAK H20  sing N N 229 
JCO CAK H21  sing N N 230 
JCO CAK H22  sing N N 231 
LEU N   CA   sing N N 232 
LEU N   H    sing N N 233 
LEU N   H2   sing N N 234 
LEU CA  C    sing N N 235 
LEU CA  CB   sing N N 236 
LEU CA  HA   sing N N 237 
LEU C   O    doub N N 238 
LEU C   OXT  sing N N 239 
LEU CB  CG   sing N N 240 
LEU CB  HB2  sing N N 241 
LEU CB  HB3  sing N N 242 
LEU CG  CD1  sing N N 243 
LEU CG  CD2  sing N N 244 
LEU CG  HG   sing N N 245 
LEU CD1 HD11 sing N N 246 
LEU CD1 HD12 sing N N 247 
LEU CD1 HD13 sing N N 248 
LEU CD2 HD21 sing N N 249 
LEU CD2 HD22 sing N N 250 
LEU CD2 HD23 sing N N 251 
LEU OXT HXT  sing N N 252 
LYS N   CA   sing N N 253 
LYS N   H    sing N N 254 
LYS N   H2   sing N N 255 
LYS CA  C    sing N N 256 
LYS CA  CB   sing N N 257 
LYS CA  HA   sing N N 258 
LYS C   O    doub N N 259 
LYS C   OXT  sing N N 260 
LYS CB  CG   sing N N 261 
LYS CB  HB2  sing N N 262 
LYS CB  HB3  sing N N 263 
LYS CG  CD   sing N N 264 
LYS CG  HG2  sing N N 265 
LYS CG  HG3  sing N N 266 
LYS CD  CE   sing N N 267 
LYS CD  HD2  sing N N 268 
LYS CD  HD3  sing N N 269 
LYS CE  NZ   sing N N 270 
LYS CE  HE2  sing N N 271 
LYS CE  HE3  sing N N 272 
LYS NZ  HZ1  sing N N 273 
LYS NZ  HZ2  sing N N 274 
LYS NZ  HZ3  sing N N 275 
LYS OXT HXT  sing N N 276 
MET N   CA   sing N N 277 
MET N   H    sing N N 278 
MET N   H2   sing N N 279 
MET CA  C    sing N N 280 
MET CA  CB   sing N N 281 
MET CA  HA   sing N N 282 
MET C   O    doub N N 283 
MET C   OXT  sing N N 284 
MET CB  CG   sing N N 285 
MET CB  HB2  sing N N 286 
MET CB  HB3  sing N N 287 
MET CG  SD   sing N N 288 
MET CG  HG2  sing N N 289 
MET CG  HG3  sing N N 290 
MET SD  CE   sing N N 291 
MET CE  HE1  sing N N 292 
MET CE  HE2  sing N N 293 
MET CE  HE3  sing N N 294 
MET OXT HXT  sing N N 295 
NO3 N   O1   doub N N 296 
NO3 N   O2   sing N N 297 
NO3 N   O3   sing N N 298 
PHE N   CA   sing N N 299 
PHE N   H    sing N N 300 
PHE N   H2   sing N N 301 
PHE CA  C    sing N N 302 
PHE CA  CB   sing N N 303 
PHE CA  HA   sing N N 304 
PHE C   O    doub N N 305 
PHE C   OXT  sing N N 306 
PHE CB  CG   sing N N 307 
PHE CB  HB2  sing N N 308 
PHE CB  HB3  sing N N 309 
PHE CG  CD1  doub Y N 310 
PHE CG  CD2  sing Y N 311 
PHE CD1 CE1  sing Y N 312 
PHE CD1 HD1  sing N N 313 
PHE CD2 CE2  doub Y N 314 
PHE CD2 HD2  sing N N 315 
PHE CE1 CZ   doub Y N 316 
PHE CE1 HE1  sing N N 317 
PHE CE2 CZ   sing Y N 318 
PHE CE2 HE2  sing N N 319 
PHE CZ  HZ   sing N N 320 
PHE OXT HXT  sing N N 321 
PRO N   CA   sing N N 322 
PRO N   CD   sing N N 323 
PRO N   H    sing N N 324 
PRO CA  C    sing N N 325 
PRO CA  CB   sing N N 326 
PRO CA  HA   sing N N 327 
PRO C   O    doub N N 328 
PRO C   OXT  sing N N 329 
PRO CB  CG   sing N N 330 
PRO CB  HB2  sing N N 331 
PRO CB  HB3  sing N N 332 
PRO CG  CD   sing N N 333 
PRO CG  HG2  sing N N 334 
PRO CG  HG3  sing N N 335 
PRO CD  HD2  sing N N 336 
PRO CD  HD3  sing N N 337 
PRO OXT HXT  sing N N 338 
SER N   CA   sing N N 339 
SER N   H    sing N N 340 
SER N   H2   sing N N 341 
SER CA  C    sing N N 342 
SER CA  CB   sing N N 343 
SER CA  HA   sing N N 344 
SER C   O    doub N N 345 
SER C   OXT  sing N N 346 
SER CB  OG   sing N N 347 
SER CB  HB2  sing N N 348 
SER CB  HB3  sing N N 349 
SER OG  HG   sing N N 350 
SER OXT HXT  sing N N 351 
THR N   CA   sing N N 352 
THR N   H    sing N N 353 
THR N   H2   sing N N 354 
THR CA  C    sing N N 355 
THR CA  CB   sing N N 356 
THR CA  HA   sing N N 357 
THR C   O    doub N N 358 
THR C   OXT  sing N N 359 
THR CB  OG1  sing N N 360 
THR CB  CG2  sing N N 361 
THR CB  HB   sing N N 362 
THR OG1 HG1  sing N N 363 
THR CG2 HG21 sing N N 364 
THR CG2 HG22 sing N N 365 
THR CG2 HG23 sing N N 366 
THR OXT HXT  sing N N 367 
TRP N   CA   sing N N 368 
TRP N   H    sing N N 369 
TRP N   H2   sing N N 370 
TRP CA  C    sing N N 371 
TRP CA  CB   sing N N 372 
TRP CA  HA   sing N N 373 
TRP C   O    doub N N 374 
TRP C   OXT  sing N N 375 
TRP CB  CG   sing N N 376 
TRP CB  HB2  sing N N 377 
TRP CB  HB3  sing N N 378 
TRP CG  CD1  doub Y N 379 
TRP CG  CD2  sing Y N 380 
TRP CD1 NE1  sing Y N 381 
TRP CD1 HD1  sing N N 382 
TRP CD2 CE2  doub Y N 383 
TRP CD2 CE3  sing Y N 384 
TRP NE1 CE2  sing Y N 385 
TRP NE1 HE1  sing N N 386 
TRP CE2 CZ2  sing Y N 387 
TRP CE3 CZ3  doub Y N 388 
TRP CE3 HE3  sing N N 389 
TRP CZ2 CH2  doub Y N 390 
TRP CZ2 HZ2  sing N N 391 
TRP CZ3 CH2  sing Y N 392 
TRP CZ3 HZ3  sing N N 393 
TRP CH2 HH2  sing N N 394 
TRP OXT HXT  sing N N 395 
TYR N   CA   sing N N 396 
TYR N   H    sing N N 397 
TYR N   H2   sing N N 398 
TYR CA  C    sing N N 399 
TYR CA  CB   sing N N 400 
TYR CA  HA   sing N N 401 
TYR C   O    doub N N 402 
TYR C   OXT  sing N N 403 
TYR CB  CG   sing N N 404 
TYR CB  HB2  sing N N 405 
TYR CB  HB3  sing N N 406 
TYR CG  CD1  doub Y N 407 
TYR CG  CD2  sing Y N 408 
TYR CD1 CE1  sing Y N 409 
TYR CD1 HD1  sing N N 410 
TYR CD2 CE2  doub Y N 411 
TYR CD2 HD2  sing N N 412 
TYR CE1 CZ   doub Y N 413 
TYR CE1 HE1  sing N N 414 
TYR CE2 CZ   sing Y N 415 
TYR CE2 HE2  sing N N 416 
TYR CZ  OH   sing N N 417 
TYR OH  HH   sing N N 418 
TYR OXT HXT  sing N N 419 
VAL N   CA   sing N N 420 
VAL N   H    sing N N 421 
VAL N   H2   sing N N 422 
VAL CA  C    sing N N 423 
VAL CA  CB   sing N N 424 
VAL CA  HA   sing N N 425 
VAL C   O    doub N N 426 
VAL C   OXT  sing N N 427 
VAL CB  CG1  sing N N 428 
VAL CB  CG2  sing N N 429 
VAL CB  HB   sing N N 430 
VAL CG1 HG11 sing N N 431 
VAL CG1 HG12 sing N N 432 
VAL CG1 HG13 sing N N 433 
VAL CG2 HG21 sing N N 434 
VAL CG2 HG22 sing N N 435 
VAL CG2 HG23 sing N N 436 
VAL OXT HXT  sing N N 437 
# 
_pdbx_audit_support.funding_organization   'National Natural Science Foundation of China (NSFC)' 
_pdbx_audit_support.country                China 
_pdbx_audit_support.grant_number           81673357 
_pdbx_audit_support.ordinal                1 
# 
_pdbx_entity_instance_feature.ordinal        1 
_pdbx_entity_instance_feature.comp_id        JCO 
_pdbx_entity_instance_feature.asym_id        ? 
_pdbx_entity_instance_feature.seq_num        ? 
_pdbx_entity_instance_feature.auth_comp_id   JCO 
_pdbx_entity_instance_feature.auth_asym_id   ? 
_pdbx_entity_instance_feature.auth_seq_num   ? 
_pdbx_entity_instance_feature.feature_type   'SUBJECT OF INVESTIGATION' 
_pdbx_entity_instance_feature.details        ? 
# 
_atom_sites.entry_id                    7YL2 
_atom_sites.Cartn_transf_matrix[1][1]   ? 
_atom_sites.Cartn_transf_matrix[1][2]   ? 
_atom_sites.Cartn_transf_matrix[1][3]   ? 
_atom_sites.Cartn_transf_matrix[2][1]   ? 
_atom_sites.Cartn_transf_matrix[2][2]   ? 
_atom_sites.Cartn_transf_matrix[2][3]   ? 
_atom_sites.Cartn_transf_matrix[3][1]   ? 
_atom_sites.Cartn_transf_matrix[3][2]   ? 
_atom_sites.Cartn_transf_matrix[3][3]   ? 
_atom_sites.Cartn_transf_vector[1]      ? 
_atom_sites.Cartn_transf_vector[2]      ? 
_atom_sites.Cartn_transf_vector[3]      ? 
_atom_sites.fract_transf_matrix[1][1]   0.00408229 
_atom_sites.fract_transf_matrix[1][2]   0.00541517 
_atom_sites.fract_transf_matrix[1][3]   -0.02056469 
_atom_sites.fract_transf_matrix[2][1]   0.00904094 
_atom_sites.fract_transf_matrix[2][2]   -0.01738720 
_atom_sites.fract_transf_matrix[2][3]   -0.00278375 
_atom_sites.fract_transf_matrix[3][1]   -0.01644101 
_atom_sites.fract_transf_matrix[3][2]   -0.00770172 
_atom_sites.fract_transf_matrix[3][3]   -0.00529174 
_atom_sites.fract_transf_vector[1]      -0.177160 
_atom_sites.fract_transf_vector[2]      0.169567 
_atom_sites.fract_transf_vector[3]      0.236890 
_atom_sites.solution_primary            ? 
_atom_sites.solution_secondary          ? 
_atom_sites.solution_hydrogens          ? 
_atom_sites.special_details             ? 
# 
loop_
_atom_type.symbol 
C 
N 
O 
S 
# 
loop_
_atom_site.group_PDB 
_atom_site.id 
_atom_site.type_symbol 
_atom_site.label_atom_id 
_atom_site.label_alt_id 
_atom_site.label_comp_id 
_atom_site.label_asym_id 
_atom_site.label_entity_id 
_atom_site.label_seq_id 
_atom_site.pdbx_PDB_ins_code 
_atom_site.Cartn_x 
_atom_site.Cartn_y 
_atom_site.Cartn_z 
_atom_site.occupancy 
_atom_site.B_iso_or_equiv 
_atom_site.pdbx_formal_charge 
_atom_site.auth_seq_id 
_atom_site.auth_comp_id 
_atom_site.auth_asym_id 
_atom_site.auth_atom_id 
_atom_site.pdbx_PDB_model_num 
ATOM   1    N N   . HIS A 1 7   ? -1.202  -12.784 25.679  1.00 48.98 ? 34  HIS A N   1 
ATOM   2    C CA  . HIS A 1 7   ? -1.801  -13.308 26.934  1.00 47.31 ? 34  HIS A CA  1 
ATOM   3    C C   . HIS A 1 7   ? -2.009  -14.812 26.857  1.00 49.46 ? 34  HIS A C   1 
ATOM   4    O O   . HIS A 1 7   ? -2.706  -15.301 25.952  1.00 45.63 ? 34  HIS A O   1 
ATOM   5    C CB  . HIS A 1 7   ? -3.161  -12.644 27.232  1.00 51.82 ? 34  HIS A CB  1 
ATOM   6    C CG  . HIS A 1 7   ? -3.073  -11.200 27.621  1.00 52.52 ? 34  HIS A CG  1 
ATOM   7    N ND1 . HIS A 1 7   ? -3.626  -10.190 26.863  1.00 56.35 ? 34  HIS A ND1 1 
ATOM   8    C CD2 . HIS A 1 7   ? -2.523  -10.599 28.702  1.00 53.01 ? 34  HIS A CD2 1 
ATOM   9    C CE1 . HIS A 1 7   ? -3.405  -9.026  27.452  1.00 52.86 ? 34  HIS A CE1 1 
ATOM   10   N NE2 . HIS A 1 7   ? -2.735  -9.246  28.567  1.00 51.86 ? 34  HIS A NE2 1 
ATOM   11   N N   . HIS A 1 8   ? -1.427  -15.545 27.810  1.00 45.74 ? 35  HIS A N   1 
ATOM   12   C CA  . HIS A 1 8   ? -1.788  -16.943 28.051  1.00 47.47 ? 35  HIS A CA  1 
ATOM   13   C C   . HIS A 1 8   ? -3.315  -17.134 28.039  1.00 42.73 ? 35  HIS A C   1 
ATOM   14   O O   . HIS A 1 8   ? -3.820  -18.196 27.655  1.00 43.35 ? 35  HIS A O   1 
ATOM   15   C CB  . HIS A 1 8   ? -1.186  -17.444 29.381  1.00 51.49 ? 35  HIS A CB  1 
ATOM   16   C CG  . HIS A 1 8   ? -1.852  -18.676 29.934  1.00 54.03 ? 35  HIS A CG  1 
ATOM   17   N ND1 . HIS A 1 8   ? -1.275  -19.926 29.887  1.00 53.53 ? 35  HIS A ND1 1 
ATOM   18   C CD2 . HIS A 1 8   ? -3.056  -18.843 30.540  1.00 56.65 ? 35  HIS A CD2 1 
ATOM   19   C CE1 . HIS A 1 8   ? -2.088  -20.803 30.452  1.00 58.18 ? 35  HIS A CE1 1 
ATOM   20   N NE2 . HIS A 1 8   ? -3.177  -20.172 30.851  1.00 57.98 ? 35  HIS A NE2 1 
ATOM   21   N N   . HIS A 1 9   ? -4.063  -16.111 28.439  1.00 38.19 ? 36  HIS A N   1 
ATOM   22   C CA  . HIS A 1 9   ? -5.529  -16.190 28.395  1.00 35.20 ? 36  HIS A CA  1 
ATOM   23   C C   . HIS A 1 9   ? -6.143  -16.450 26.984  1.00 35.40 ? 36  HIS A C   1 
ATOM   24   O O   . HIS A 1 9   ? -7.218  -17.011 26.860  1.00 37.86 ? 36  HIS A O   1 
ATOM   25   C CB  . HIS A 1 9   ? -6.150  -14.973 29.138  1.00 39.47 ? 36  HIS A CB  1 
ATOM   26   C CG  . HIS A 1 9   ? -6.625  -13.851 28.251  1.00 40.79 ? 36  HIS A CG  1 
ATOM   27   N ND1 . HIS A 1 9   ? -7.676  -13.989 27.367  1.00 42.96 ? 36  HIS A ND1 1 
ATOM   28   C CD2 . HIS A 1 9   ? -6.246  -12.552 28.177  1.00 42.74 ? 36  HIS A CD2 1 
ATOM   29   C CE1 . HIS A 1 9   ? -7.896  -12.834 26.756  1.00 43.20 ? 36  HIS A CE1 1 
ATOM   30   N NE2 . HIS A 1 9   ? -7.038  -11.947 27.229  1.00 41.55 ? 36  HIS A NE2 1 
ATOM   31   N N   . HIS A 1 10  ? -5.433  -16.105 25.922  1.00 28.97 ? 37  HIS A N   1 
ATOM   32   C CA  . HIS A 1 10  ? -5.945  -16.275 24.575  1.00 27.36 ? 37  HIS A CA  1 
ATOM   33   C C   . HIS A 1 10  ? -6.106  -17.702 24.116  1.00 28.89 ? 37  HIS A C   1 
ATOM   34   O O   . HIS A 1 10  ? -5.172  -18.471 24.223  1.00 30.60 ? 37  HIS A O   1 
ATOM   35   C CB  . HIS A 1 10  ? -4.964  -15.622 23.604  1.00 27.23 ? 37  HIS A CB  1 
ATOM   36   C CG  . HIS A 1 10  ? -4.912  -14.131 23.721  1.00 28.55 ? 37  HIS A CG  1 
ATOM   37   N ND1 . HIS A 1 10  ? -6.017  -13.372 24.048  1.00 30.83 ? 37  HIS A ND1 1 
ATOM   38   C CD2 . HIS A 1 10  ? -3.903  -13.259 23.493  1.00 27.32 ? 37  HIS A CD2 1 
ATOM   39   C CE1 . HIS A 1 10  ? -5.680  -12.091 24.027  1.00 30.75 ? 37  HIS A CE1 1 
ATOM   40   N NE2 . HIS A 1 10  ? -4.404  -12.001 23.706  1.00 30.38 ? 37  HIS A NE2 1 
ATOM   41   N N   . LEU A 1 11  ? -7.273  -18.037 23.568  1.00 29.20 ? 38  LEU A N   1 
ATOM   42   C CA  . LEU A 1 11  ? -7.527  -19.324 22.927  1.00 29.48 ? 38  LEU A CA  1 
ATOM   43   C C   . LEU A 1 11  ? -7.149  -19.254 21.460  1.00 28.84 ? 38  LEU A C   1 
ATOM   44   O O   . LEU A 1 11  ? -6.504  -20.141 20.926  1.00 31.88 ? 38  LEU A O   1 
ATOM   45   C CB  . LEU A 1 11  ? -9.019  -19.741 23.107  1.00 33.79 ? 38  LEU A CB  1 
ATOM   46   C CG  . LEU A 1 11  ? -9.561  -19.589 24.545  1.00 37.51 ? 38  LEU A CG  1 
ATOM   47   C CD1 . LEU A 1 11  ? -11.072 -19.777 24.623  1.00 39.27 ? 38  LEU A CD1 1 
ATOM   48   C CD2 . LEU A 1 11  ? -8.864  -20.550 25.481  1.00 38.34 ? 38  LEU A CD2 1 
ATOM   49   N N   . VAL A 1 12  ? -7.526  -18.162 20.800  1.00 26.72 ? 39  VAL A N   1 
ATOM   50   C CA  . VAL A 1 12  ? -7.242  -17.981 19.383  1.00 24.79 ? 39  VAL A CA  1 
ATOM   51   C C   . VAL A 1 12  ? -5.915  -17.224 19.367  1.00 22.99 ? 39  VAL A C   1 
ATOM   52   O O   . VAL A 1 12  ? -5.774  -16.294 20.137  1.00 22.05 ? 39  VAL A O   1 
ATOM   53   C CB  . VAL A 1 12  ? -8.357  -17.167 18.709  1.00 25.38 ? 39  VAL A CB  1 
ATOM   54   C CG1 . VAL A 1 12  ? -8.037  -16.784 17.263  1.00 25.72 ? 39  VAL A CG1 1 
ATOM   55   C CG2 . VAL A 1 12  ? -9.662  -17.967 18.789  1.00 26.98 ? 39  VAL A CG2 1 
ATOM   56   N N   . PRO A 1 13  ? -4.970  -17.631 18.504  1.00 24.99 ? 40  PRO A N   1 
ATOM   57   C CA  . PRO A 1 13  ? -3.738  -16.835 18.439  1.00 24.53 ? 40  PRO A CA  1 
ATOM   58   C C   . PRO A 1 13  ? -3.980  -15.389 18.013  1.00 24.35 ? 40  PRO A C   1 
ATOM   59   O O   . PRO A 1 13  ? -4.861  -15.106 17.211  1.00 22.07 ? 40  PRO A O   1 
ATOM   60   C CB  . PRO A 1 13  ? -2.872  -17.579 17.430  1.00 26.31 ? 40  PRO A CB  1 
ATOM   61   C CG  . PRO A 1 13  ? -3.789  -18.415 16.638  1.00 28.46 ? 40  PRO A CG  1 
ATOM   62   C CD  . PRO A 1 13  ? -4.941  -18.761 17.557  1.00 28.53 ? 40  PRO A CD  1 
ATOM   63   N N   . ARG A 1 14  ? -3.228  -14.486 18.632  1.00 26.16 ? 41  ARG A N   1 
ATOM   64   C CA  . ARG A 1 14  ? -3.078  -13.117 18.181  1.00 27.18 ? 41  ARG A CA  1 
ATOM   65   C C   . ARG A 1 14  ? -1.745  -12.985 17.422  1.00 27.44 ? 41  ARG A C   1 
ATOM   66   O O   . ARG A 1 14  ? -0.748  -13.668 17.721  1.00 31.63 ? 41  ARG A O   1 
ATOM   67   C CB  . ARG A 1 14  ? -3.090  -12.167 19.373  1.00 26.71 ? 41  ARG A CB  1 
ATOM   68   C CG  . ARG A 1 14  ? -4.454  -11.612 19.747  1.00 28.24 ? 41  ARG A CG  1 
ATOM   69   C CD  . ARG A 1 14  ? -5.432  -12.713 20.094  1.00 27.35 ? 41  ARG A CD  1 
ATOM   70   N NE  . ARG A 1 14  ? -6.622  -12.167 20.733  1.00 26.62 ? 41  ARG A NE  1 
ATOM   71   C CZ  . ARG A 1 14  ? -7.559  -12.887 21.353  1.00 25.75 ? 41  ARG A CZ  1 
ATOM   72   N NH1 . ARG A 1 14  ? -7.493  -14.211 21.370  1.00 23.41 ? 41  ARG A NH1 1 
ATOM   73   N NH2 . ARG A 1 14  ? -8.586  -12.280 21.928  1.00 26.58 ? 41  ARG A NH2 1 
ATOM   74   N N   . GLY A 1 15  ? -1.725  -12.097 16.440  1.00 26.73 ? 42  GLY A N   1 
ATOM   75   C CA  . GLY A 1 15  ? -0.496  -11.860 15.675  1.00 27.12 ? 42  GLY A CA  1 
ATOM   76   C C   . GLY A 1 15  ? -0.106  -10.412 15.868  1.00 26.66 ? 42  GLY A C   1 
ATOM   77   O O   . GLY A 1 15  ? -0.839  -9.522  15.450  1.00 30.69 ? 42  GLY A O   1 
ATOM   78   N N   . SER A 1 16  ? 1.075   -10.171 16.426  1.00 23.44 ? 43  SER A N   1 
ATOM   79   C CA  . SER A 1 16  ? 1.517   -8.819  16.721  1.00 23.93 ? 43  SER A CA  1 
ATOM   80   C C   . SER A 1 16  ? 1.987   -8.107  15.428  1.00 21.37 ? 43  SER A C   1 
ATOM   81   O O   . SER A 1 16  ? 2.295   -8.737  14.410  1.00 22.60 ? 43  SER A O   1 
ATOM   82   C CB  . SER A 1 16  ? 2.624   -8.835  17.778  1.00 26.53 ? 43  SER A CB  1 
ATOM   83   O OG  . SER A 1 16  ? 3.753   -9.467  17.247  1.00 31.33 ? 43  SER A OG  1 
ATOM   84   N N   . ASN A 1 17  ? 1.979   -6.785  15.486  1.00 21.84 ? 44  ASN A N   1 
ATOM   85   C CA  . ASN A 1 17  ? 2.274   -5.981  14.305  1.00 19.93 ? 44  ASN A CA  1 
ATOM   86   C C   . ASN A 1 17  ? 3.687   -5.435  14.386  1.00 19.43 ? 44  ASN A C   1 
ATOM   87   O O   . ASN A 1 17  ? 4.117   -5.056  15.488  1.00 19.50 ? 44  ASN A O   1 
ATOM   88   C CB  . ASN A 1 17  ? 1.337   -4.788  14.245  1.00 20.97 ? 44  ASN A CB  1 
ATOM   89   C CG  . ASN A 1 17  ? -0.124  -5.183  14.093  1.00 21.76 ? 44  ASN A CG  1 
ATOM   90   O OD1 . ASN A 1 17  ? -0.472  -5.900  13.154  1.00 20.52 ? 44  ASN A OD1 1 
ATOM   91   N ND2 . ASN A 1 17  ? -0.980  -4.666  14.974  1.00 23.35 ? 44  ASN A ND2 1 
ATOM   92   N N   . PRO A 1 18  ? 4.373   -5.329  13.230  1.00 19.40 ? 45  PRO A N   1 
ATOM   93   C CA  . PRO A 1 18  ? 5.649   -4.622  13.204  1.00 18.81 ? 45  PRO A CA  1 
ATOM   94   C C   . PRO A 1 18  ? 5.443   -3.112  13.342  1.00 17.90 ? 45  PRO A C   1 
ATOM   95   O O   . PRO A 1 18  ? 4.348   -2.576  13.147  1.00 18.74 ? 45  PRO A O   1 
ATOM   96   C CB  . PRO A 1 18  ? 6.232   -4.982  11.817  1.00 18.21 ? 45  PRO A CB  1 
ATOM   97   C CG  . PRO A 1 18  ? 4.999   -5.092  10.973  1.00 20.26 ? 45  PRO A CG  1 
ATOM   98   C CD  . PRO A 1 18  ? 3.973   -5.742  11.861  1.00 19.73 ? 45  PRO A CD  1 
ATOM   99   N N   . PRO A 1 19  ? 6.527   -2.390  13.605  1.00 18.31 ? 46  PRO A N   1 
ATOM   100  C CA  . PRO A 1 19  ? 6.404   -0.940  13.439  1.00 19.27 ? 46  PRO A CA  1 
ATOM   101  C C   . PRO A 1 19  ? 6.034   -0.608  11.994  1.00 20.27 ? 46  PRO A C   1 
ATOM   102  O O   . PRO A 1 19  ? 6.454   -1.307  11.083  1.00 19.73 ? 46  PRO A O   1 
ATOM   103  C CB  . PRO A 1 19  ? 7.799   -0.423  13.776  1.00 20.18 ? 46  PRO A CB  1 
ATOM   104  C CG  . PRO A 1 19  ? 8.679   -1.580  13.946  1.00 21.89 ? 46  PRO A CG  1 
ATOM   105  C CD  . PRO A 1 19  ? 7.892   -2.845  13.880  1.00 20.34 ? 46  PRO A CD  1 
ATOM   106  N N   . PRO A 1 20  ? 5.286   0.485   11.765  1.00 23.94 ? 47  PRO A N   1 
ATOM   107  C CA  . PRO A 1 20  ? 4.892   0.787   10.378  1.00 24.28 ? 47  PRO A CA  1 
ATOM   108  C C   . PRO A 1 20  ? 6.093   1.231   9.545   1.00 22.38 ? 47  PRO A C   1 
ATOM   109  O O   . PRO A 1 20  ? 7.113   1.657   10.135  1.00 20.62 ? 47  PRO A O   1 
ATOM   110  C CB  . PRO A 1 20  ? 3.905   1.932   10.549  1.00 25.05 ? 47  PRO A CB  1 
ATOM   111  C CG  . PRO A 1 20  ? 4.326   2.599   11.798  1.00 26.71 ? 47  PRO A CG  1 
ATOM   112  C CD  . PRO A 1 20  ? 4.768   1.488   12.703  1.00 25.91 ? 47  PRO A CD  1 
ATOM   113  N N   . PRO A 1 21  ? 6.008   1.116   8.205   1.00 19.55 ? 48  PRO A N   1 
ATOM   114  C CA  . PRO A 1 21  ? 7.099   1.547   7.394   1.00 18.45 ? 48  PRO A CA  1 
ATOM   115  C C   . PRO A 1 21  ? 7.449   3.041   7.602   1.00 18.73 ? 48  PRO A C   1 
ATOM   116  O O   . PRO A 1 21  ? 6.584   3.854   7.877   1.00 19.55 ? 48  PRO A O   1 
ATOM   117  C CB  . PRO A 1 21  ? 6.634   1.275   5.947   1.00 20.79 ? 48  PRO A CB  1 
ATOM   118  C CG  . PRO A 1 21  ? 5.509   0.277   6.070   1.00 20.72 ? 48  PRO A CG  1 
ATOM   119  C CD  . PRO A 1 21  ? 4.880   0.559   7.395   1.00 20.87 ? 48  PRO A CD  1 
ATOM   120  N N   . GLU A 1 22  ? 8.720   3.344   7.461   1.00 19.42 ? 49  GLU A N   1 
ATOM   121  C CA  . GLU A 1 22  ? 9.218   4.725   7.487   1.00 21.29 ? 49  GLU A CA  1 
ATOM   122  C C   . GLU A 1 22  ? 8.538   5.552   6.385   1.00 19.15 ? 49  GLU A C   1 
ATOM   123  O O   . GLU A 1 22  ? 8.314   5.037   5.290   1.00 17.05 ? 49  GLU A O   1 
ATOM   124  C CB  . GLU A 1 22  ? 10.735  4.742   7.239   1.00 25.89 ? 49  GLU A CB  1 
ATOM   125  C CG  . GLU A 1 22  ? 11.631  3.836   8.111   1.00 32.16 ? 49  GLU A CG  1 
ATOM   126  C CD  . GLU A 1 22  ? 11.798  4.277   9.559   1.00 39.64 ? 49  GLU A CD  1 
ATOM   127  O OE1 . GLU A 1 22  ? 10.857  4.874   10.130  1.00 48.14 ? 49  GLU A OE1 1 
ATOM   128  O OE2 . GLU A 1 22  ? 12.872  3.979   10.152  1.00 41.80 ? 49  GLU A OE2 1 
ATOM   129  N N   . THR A 1 23  ? 8.250   6.835   6.644   1.00 17.67 ? 50  THR A N   1 
ATOM   130  C CA  . THR A 1 23  ? 7.660   7.705   5.631   1.00 17.51 ? 50  THR A CA  1 
ATOM   131  C C   . THR A 1 23  ? 8.440   8.964   5.255   1.00 17.38 ? 50  THR A C   1 
ATOM   132  O O   . THR A 1 23  ? 7.998   9.769   4.423   1.00 17.20 ? 50  THR A O   1 
ATOM   133  C CB  . THR A 1 23  ? 6.241   8.103   6.033   1.00 18.84 ? 50  THR A CB  1 
ATOM   134  O OG1 . THR A 1 23  ? 6.264   8.712   7.322   1.00 20.65 ? 50  THR A OG1 1 
ATOM   135  C CG2 . THR A 1 23  ? 5.323   6.899   6.105   1.00 18.97 ? 50  THR A CG2 1 
ATOM   136  N N   . SER A 1 24  ? 9.584   9.165   5.893   1.00 17.08 ? 51  SER A N   1 
ATOM   137  C CA  . SER A 1 24  ? 10.429  10.283  5.548   1.00 19.61 ? 51  SER A CA  1 
ATOM   138  C C   . SER A 1 24  ? 11.862  9.834   5.704   1.00 21.33 ? 51  SER A C   1 
ATOM   139  O O   . SER A 1 24  ? 12.165  8.822   6.342   1.00 22.88 ? 51  SER A O   1 
ATOM   140  C CB  . SER A 1 24  ? 10.099  11.540  6.356   1.00 20.56 ? 51  SER A CB  1 
ATOM   141  O OG  . SER A 1 24  ? 10.358  11.400  7.741   1.00 23.76 ? 51  SER A OG  1 
ATOM   142  N N   . ASN A 1 25  ? 12.729  10.590  5.068   1.00 24.85 ? 52  ASN A N   1 
ATOM   143  C CA  . ASN A 1 25  ? 14.140  10.273  5.041   1.00 26.75 ? 52  ASN A CA  1 
ATOM   144  C C   . ASN A 1 25  ? 14.876  11.613  5.125   1.00 27.31 ? 52  ASN A C   1 
ATOM   145  O O   . ASN A 1 25  ? 14.962  12.323  4.104   1.00 27.74 ? 52  ASN A O   1 
ATOM   146  C CB  . ASN A 1 25  ? 14.467  9.506   3.770   1.00 27.03 ? 52  ASN A CB  1 
ATOM   147  C CG  . ASN A 1 25  ? 15.946  9.292   3.583   1.00 29.67 ? 52  ASN A CG  1 
ATOM   148  O OD1 . ASN A 1 25  ? 16.758  9.566   4.489   1.00 32.70 ? 52  ASN A OD1 1 
ATOM   149  N ND2 . ASN A 1 25  ? 16.323  8.850   2.378   1.00 29.31 ? 52  ASN A ND2 1 
ATOM   150  N N   . PRO A 1 26  ? 15.399  11.954  6.324   1.00 31.23 ? 53  PRO A N   1 
ATOM   151  C CA  . PRO A 1 26  ? 16.163  13.198  6.531   1.00 30.38 ? 53  PRO A CA  1 
ATOM   152  C C   . PRO A 1 26  ? 17.387  13.343  5.622   1.00 30.97 ? 53  PRO A C   1 
ATOM   153  O O   . PRO A 1 26  ? 17.914  14.441  5.471   1.00 32.56 ? 53  PRO A O   1 
ATOM   154  C CB  . PRO A 1 26  ? 16.627  13.105  7.996   1.00 32.43 ? 53  PRO A CB  1 
ATOM   155  C CG  . PRO A 1 26  ? 15.796  12.061  8.633   1.00 33.44 ? 53  PRO A CG  1 
ATOM   156  C CD  . PRO A 1 26  ? 15.341  11.137  7.552   1.00 32.97 ? 53  PRO A CD  1 
ATOM   157  N N   . ASN A 1 27  ? 17.839  12.244  5.038   1.00 29.11 ? 54  ASN A N   1 
ATOM   158  C CA  . ASN A 1 27  ? 19.117  12.233  4.330   1.00 29.23 ? 54  ASN A CA  1 
ATOM   159  C C   . ASN A 1 27  ? 19.022  12.325  2.804   1.00 29.90 ? 54  ASN A C   1 
ATOM   160  O O   . ASN A 1 27  ? 20.032  12.141  2.101   1.00 27.45 ? 54  ASN A O   1 
ATOM   161  C CB  . ASN A 1 27  ? 19.922  11.038  4.839   1.00 29.52 ? 54  ASN A CB  1 
ATOM   162  C CG  . ASN A 1 27  ? 20.387  11.244  6.292   1.00 31.63 ? 54  ASN A CG  1 
ATOM   163  O OD1 . ASN A 1 27  ? 20.233  12.336  6.844   1.00 40.52 ? 54  ASN A OD1 1 
ATOM   164  N ND2 . ASN A 1 27  ? 20.958  10.233  6.892   1.00 33.77 ? 54  ASN A ND2 1 
ATOM   165  N N   . LYS A 1 28  ? 17.836  12.635  2.271   1.00 29.22 ? 55  LYS A N   1 
ATOM   166  C CA  . LYS A 1 28  ? 17.695  12.850  0.848   1.00 30.06 ? 55  LYS A CA  1 
ATOM   167  C C   . LYS A 1 28  ? 17.169  14.263  0.574   1.00 30.97 ? 55  LYS A C   1 
ATOM   168  O O   . LYS A 1 28  ? 16.353  14.772  1.364   1.00 30.67 ? 55  LYS A O   1 
ATOM   169  C CB  . LYS A 1 28  ? 16.772  11.783  0.237   1.00 30.77 ? 55  LYS A CB  1 
ATOM   170  C CG  . LYS A 1 28  ? 15.296  12.068  0.300   1.00 30.32 ? 55  LYS A CG  1 
ATOM   171  C CD  . LYS A 1 28  ? 14.518  11.110  -0.609  1.00 26.78 ? 55  LYS A CD  1 
ATOM   172  C CE  . LYS A 1 28  ? 14.390  11.577  -2.037  1.00 24.22 ? 55  LYS A CE  1 
ATOM   173  N NZ  . LYS A 1 28  ? 13.587  12.817  -2.284  1.00 24.53 ? 55  LYS A NZ  1 
ATOM   174  N N   . PRO A 1 29  ? 17.624  14.888  -0.531  1.00 30.31 ? 56  PRO A N   1 
ATOM   175  C CA  . PRO A 1 29  ? 17.129  16.185  -0.945  1.00 32.88 ? 56  PRO A CA  1 
ATOM   176  C C   . PRO A 1 29  ? 15.680  16.118  -1.336  1.00 32.80 ? 56  PRO A C   1 
ATOM   177  O O   . PRO A 1 29  ? 15.191  15.052  -1.752  1.00 29.92 ? 56  PRO A O   1 
ATOM   178  C CB  . PRO A 1 29  ? 17.938  16.496  -2.215  1.00 33.62 ? 56  PRO A CB  1 
ATOM   179  C CG  . PRO A 1 29  ? 18.240  15.146  -2.780  1.00 33.06 ? 56  PRO A CG  1 
ATOM   180  C CD  . PRO A 1 29  ? 18.468  14.278  -1.585  1.00 31.58 ? 56  PRO A CD  1 
ATOM   181  N N   . LYS A 1 30  ? 15.047  17.280  -1.227  1.00 36.91 ? 57  LYS A N   1 
ATOM   182  C CA  . LYS A 1 30  ? 13.661  17.489  -1.593  1.00 41.79 ? 57  LYS A CA  1 
ATOM   183  C C   . LYS A 1 30  ? 13.671  17.668  -3.108  1.00 42.50 ? 57  LYS A C   1 
ATOM   184  O O   . LYS A 1 30  ? 14.064  18.739  -3.595  1.00 45.94 ? 57  LYS A O   1 
ATOM   185  C CB  . LYS A 1 30  ? 13.080  18.723  -0.851  1.00 45.99 ? 57  LYS A CB  1 
ATOM   186  C CG  . LYS A 1 30  ? 13.361  18.759  0.662   1.00 52.09 ? 57  LYS A CG  1 
ATOM   187  C CD  . LYS A 1 30  ? 12.636  19.891  1.409   1.00 54.43 ? 57  LYS A CD  1 
ATOM   188  C CE  . LYS A 1 30  ? 13.270  21.269  1.216   1.00 57.24 ? 57  LYS A CE  1 
ATOM   189  N NZ  . LYS A 1 30  ? 14.004  21.801  2.415   1.00 60.24 ? 57  LYS A NZ  1 
ATOM   190  N N   . ARG A 1 31  ? 13.322  16.593  -3.831  1.00 38.89 ? 58  ARG A N   1 
ATOM   191  C CA  . ARG A 1 31  ? 13.332  16.503  -5.321  1.00 41.66 ? 58  ARG A CA  1 
ATOM   192  C C   . ARG A 1 31  ? 11.915  16.226  -5.854  1.00 39.34 ? 58  ARG A C   1 
ATOM   193  O O   . ARG A 1 31  ? 11.374  15.141  -5.706  1.00 38.96 ? 58  ARG A O   1 
ATOM   194  C CB  . ARG A 1 31  ? 14.283  15.386  -5.818  1.00 46.97 ? 58  ARG A CB  1 
ATOM   195  C CG  . ARG A 1 31  ? 15.506  15.850  -6.599  1.00 52.95 ? 58  ARG A CG  1 
ATOM   196  C CD  . ARG A 1 31  ? 16.467  16.636  -5.727  1.00 55.61 ? 58  ARG A CD  1 
ATOM   197  N NE  . ARG A 1 31  ? 17.821  16.733  -6.293  1.00 55.27 ? 58  ARG A NE  1 
ATOM   198  C CZ  . ARG A 1 31  ? 18.349  17.794  -6.923  1.00 58.59 ? 58  ARG A CZ  1 
ATOM   199  N NH1 . ARG A 1 31  ? 19.604  17.727  -7.355  1.00 60.71 ? 58  ARG A NH1 1 
ATOM   200  N NH2 . ARG A 1 31  ? 17.656  18.917  -7.143  1.00 59.29 ? 58  ARG A NH2 1 
ATOM   201  N N   . GLN A 1 32  ? 11.335  17.233  -6.472  1.00 34.00 ? 59  GLN A N   1 
ATOM   202  C CA  . GLN A 1 32  ? 10.014  17.173  -7.022  1.00 31.87 ? 59  GLN A CA  1 
ATOM   203  C C   . GLN A 1 32  ? 10.124  16.849  -8.514  1.00 25.45 ? 59  GLN A C   1 
ATOM   204  O O   . GLN A 1 32  ? 11.075  17.278  -9.189  1.00 23.85 ? 59  GLN A O   1 
ATOM   205  C CB  . GLN A 1 32  ? 9.354   18.520  -6.803  1.00 35.48 ? 59  GLN A CB  1 
ATOM   206  C CG  . GLN A 1 32  ? 7.869   18.536  -7.021  1.00 40.51 ? 59  GLN A CG  1 
ATOM   207  C CD  . GLN A 1 32  ? 7.109   17.925  -5.871  1.00 44.11 ? 59  GLN A CD  1 
ATOM   208  O OE1 . GLN A 1 32  ? 6.790   18.614  -4.896  1.00 50.13 ? 59  GLN A OE1 1 
ATOM   209  N NE2 . GLN A 1 32  ? 6.814   16.630  -5.977  1.00 45.83 ? 59  GLN A NE2 1 
ATOM   210  N N   . THR A 1 33  ? 9.200   16.034  -9.028  1.00 20.85 ? 60  THR A N   1 
ATOM   211  C CA  . THR A 1 33  ? 9.084   15.818  -10.459 1.00 21.39 ? 60  THR A CA  1 
ATOM   212  C C   . THR A 1 33  ? 7.605   15.786  -10.857 1.00 18.53 ? 60  THR A C   1 
ATOM   213  O O   . THR A 1 33  ? 6.723   15.535  -10.032 1.00 18.62 ? 60  THR A O   1 
ATOM   214  C CB  . THR A 1 33  ? 9.723   14.524  -10.946 1.00 22.19 ? 60  THR A CB  1 
ATOM   215  O OG1 . THR A 1 33  ? 8.891   13.411  -10.594 1.00 22.53 ? 60  THR A OG1 1 
ATOM   216  C CG2 . THR A 1 33  ? 11.086  14.334  -10.342 1.00 23.31 ? 60  THR A CG2 1 
ATOM   217  N N   . ASN A 1 34  ? 7.352   16.035  -12.125 1.00 19.39 ? 61  ASN A N   1 
ATOM   218  C CA  . ASN A 1 34  ? 5.978   15.956  -12.685 1.00 19.30 ? 61  ASN A CA  1 
ATOM   219  C C   . ASN A 1 34  ? 5.390   14.543  -12.498 1.00 18.19 ? 61  ASN A C   1 
ATOM   220  O O   . ASN A 1 34  ? 4.170   14.403  -12.255 1.00 17.78 ? 61  ASN A O   1 
ATOM   221  C CB  . ASN A 1 34  ? 5.976   16.317  -14.186 1.00 19.39 ? 61  ASN A CB  1 
ATOM   222  C CG  . ASN A 1 34  ? 6.244   17.782  -14.419 1.00 21.39 ? 61  ASN A CG  1 
ATOM   223  O OD1 . ASN A 1 34  ? 5.609   18.652  -13.811 1.00 22.63 ? 61  ASN A OD1 1 
ATOM   224  N ND2 . ASN A 1 34  ? 7.194   18.076  -15.287 1.00 23.22 ? 61  ASN A ND2 1 
ATOM   225  N N   . GLN A 1 35  ? 6.232   13.509  -12.645 1.00 16.94 ? 62  GLN A N   1 
ATOM   226  C CA  . GLN A 1 35  ? 5.744   12.145  -12.457 1.00 18.75 ? 62  GLN A CA  1 
ATOM   227  C C   . GLN A 1 35  ? 5.359   11.841  -11.014 1.00 16.43 ? 62  GLN A C   1 
ATOM   228  O O   . GLN A 1 35  ? 4.349   11.205  -10.790 1.00 17.04 ? 62  GLN A O   1 
ATOM   229  C CB  . GLN A 1 35  ? 6.754   11.128  -12.981 1.00 21.00 ? 62  GLN A CB  1 
ATOM   230  C CG  . GLN A 1 35  ? 6.803   11.110  -14.496 1.00 22.86 ? 62  GLN A CG  1 
ATOM   231  C CD  . GLN A 1 35  ? 7.813   10.129  -15.040 1.00 26.83 ? 62  GLN A CD  1 
ATOM   232  O OE1 . GLN A 1 35  ? 8.569   9.523   -14.289 1.00 28.78 ? 62  GLN A OE1 1 
ATOM   233  N NE2 . GLN A 1 35  ? 7.799   9.952   -16.368 1.00 28.43 ? 62  GLN A NE2 1 
ATOM   234  N N   . LEU A 1 36  ? 6.149   12.311  -10.047 1.00 16.81 ? 63  LEU A N   1 
ATOM   235  C CA  . LEU A 1 36  ? 5.772   12.186  -8.633  1.00 17.38 ? 63  LEU A CA  1 
ATOM   236  C C   . LEU A 1 36  ? 4.507   12.979  -8.291  1.00 15.70 ? 63  LEU A C   1 
ATOM   237  O O   . LEU A 1 36  ? 3.662   12.497  -7.539  1.00 15.98 ? 63  LEU A O   1 
ATOM   238  C CB  . LEU A 1 36  ? 6.926   12.555  -7.700  1.00 18.26 ? 63  LEU A CB  1 
ATOM   239  C CG  . LEU A 1 36  ? 8.080   11.556  -7.729  1.00 19.77 ? 63  LEU A CG  1 
ATOM   240  C CD1 . LEU A 1 36  ? 9.305   12.132  -7.021  1.00 21.20 ? 63  LEU A CD1 1 
ATOM   241  C CD2 . LEU A 1 36  ? 7.679   10.216  -7.112  1.00 19.66 ? 63  LEU A CD2 1 
ATOM   242  N N   . GLN A 1 37  ? 4.361   14.177  -8.852  1.00 15.38 ? 64  GLN A N   1 
ATOM   243  C CA  . GLN A 1 37  ? 3.137   14.955  -8.677  1.00 15.28 ? 64  GLN A CA  1 
ATOM   244  C C   . GLN A 1 37  ? 1.944   14.190  -9.209  1.00 14.62 ? 64  GLN A C   1 
ATOM   245  O O   . GLN A 1 37  ? 0.882   14.151  -8.600  1.00 15.71 ? 64  GLN A O   1 
ATOM   246  C CB  . GLN A 1 37  ? 3.238   16.322  -9.369  1.00 17.17 ? 64  GLN A CB  1 
ATOM   247  C CG  . GLN A 1 37  ? 4.166   17.286  -8.658  1.00 17.25 ? 64  GLN A CG  1 
ATOM   248  C CD  . GLN A 1 37  ? 3.578   18.005  -7.468  1.00 19.56 ? 64  GLN A CD  1 
ATOM   249  O OE1 . GLN A 1 37  ? 4.058   19.107  -7.094  1.00 26.38 ? 64  GLN A OE1 1 
ATOM   250  N NE2 . GLN A 1 37  ? 2.539   17.476  -6.891  1.00 18.57 ? 64  GLN A NE2 1 
ATOM   251  N N   . TYR A 1 38  ? 2.105   13.583  -10.380 1.00 14.18 ? 65  TYR A N   1 
ATOM   252  C CA  . TYR A 1 38  ? 1.059   12.789  -10.981 1.00 14.60 ? 65  TYR A CA  1 
ATOM   253  C C   . TYR A 1 38  ? 0.694   11.544  -10.119 1.00 13.98 ? 65  TYR A C   1 
ATOM   254  O O   . TYR A 1 38  ? -0.470  11.232  -9.923  1.00 14.45 ? 65  TYR A O   1 
ATOM   255  C CB  . TYR A 1 38  ? 1.530   12.376  -12.376 1.00 15.73 ? 65  TYR A CB  1 
ATOM   256  C CG  . TYR A 1 38  ? 0.506   11.543  -13.119 1.00 16.80 ? 65  TYR A CG  1 
ATOM   257  C CD1 . TYR A 1 38  ? -0.461  12.144  -13.946 1.00 18.75 ? 65  TYR A CD1 1 
ATOM   258  C CD2 . TYR A 1 38  ? 0.542   10.146  -13.062 1.00 18.13 ? 65  TYR A CD2 1 
ATOM   259  C CE1 . TYR A 1 38  ? -1.394  11.360  -14.648 1.00 19.25 ? 65  TYR A CE1 1 
ATOM   260  C CE2 . TYR A 1 38  ? -0.376  9.380   -13.754 1.00 18.97 ? 65  TYR A CE2 1 
ATOM   261  C CZ  . TYR A 1 38  ? -1.338  9.991   -14.539 1.00 20.02 ? 65  TYR A CZ  1 
ATOM   262  O OH  . TYR A 1 38  ? -2.249  9.262   -15.247 1.00 21.89 ? 65  TYR A OH  1 
ATOM   263  N N   . LEU A 1 39  ? 1.704   10.916  -9.580  1.00 15.14 ? 66  LEU A N   1 
ATOM   264  C CA  . LEU A 1 39  ? 1.506   9.768   -8.701  1.00 15.33 ? 66  LEU A CA  1 
ATOM   265  C C   . LEU A 1 39  ? 0.696   10.130  -7.484  1.00 15.13 ? 66  LEU A C   1 
ATOM   266  O O   . LEU A 1 39  ? -0.169  9.335   -7.074  1.00 15.61 ? 66  LEU A O   1 
ATOM   267  C CB  . LEU A 1 39  ? 2.818   9.073   -8.356  1.00 16.43 ? 66  LEU A CB  1 
ATOM   268  C CG  . LEU A 1 39  ? 3.265   8.067   -9.437  1.00 18.22 ? 66  LEU A CG  1 
ATOM   269  C CD1 . LEU A 1 39  ? 4.778   7.912   -9.372  1.00 20.97 ? 66  LEU A CD1 1 
ATOM   270  C CD2 . LEU A 1 39  ? 2.488   6.748   -9.209  1.00 20.47 ? 66  LEU A CD2 1 
ATOM   271  N N   . LEU A 1 40  ? 0.909   11.315  -6.901  1.00 14.54 ? 67  LEU A N   1 
ATOM   272  C CA  . LEU A 1 40  ? 0.162   11.751  -5.703  1.00 15.60 ? 67  LEU A CA  1 
ATOM   273  C C   . LEU A 1 40  ? -1.239  12.203  -6.083  1.00 15.21 ? 67  LEU A C   1 
ATOM   274  O O   . LEU A 1 40  ? -2.234  11.742  -5.538  1.00 15.49 ? 67  LEU A O   1 
ATOM   275  C CB  . LEU A 1 40  ? 0.911   12.876  -4.957  1.00 17.13 ? 67  LEU A CB  1 
ATOM   276  C CG  . LEU A 1 40  ? 0.156   13.442  -3.745  1.00 17.42 ? 67  LEU A CG  1 
ATOM   277  C CD1 . LEU A 1 40  ? -0.199  12.368  -2.717  1.00 17.71 ? 67  LEU A CD1 1 
ATOM   278  C CD2 . LEU A 1 40  ? 1.033   14.557  -3.163  1.00 18.68 ? 67  LEU A CD2 1 
ATOM   279  N N   . ARG A 1 41  ? -1.277  13.134  -7.010  1.00 15.95 ? 68  ARG A N   1 
ATOM   280  C CA  . ARG A 1 41  ? -2.480  13.922  -7.245  1.00 16.74 ? 68  ARG A CA  1 
ATOM   281  C C   . ARG A 1 41  ? -3.477  13.286  -8.222  1.00 17.23 ? 68  ARG A C   1 
ATOM   282  O O   . ARG A 1 41  ? -4.645  13.609  -8.178  1.00 19.79 ? 68  ARG A O   1 
ATOM   283  C CB  . ARG A 1 41  ? -2.073  15.290  -7.723  1.00 16.41 ? 68  ARG A CB  1 
ATOM   284  C CG  . ARG A 1 41  ? -1.282  16.071  -6.669  1.00 17.61 ? 68  ARG A CG  1 
ATOM   285  C CD  . ARG A 1 41  ? -0.792  17.386  -7.246  1.00 19.10 ? 68  ARG A CD  1 
ATOM   286  N NE  . ARG A 1 41  ? -0.041  18.139  -6.229  1.00 22.63 ? 68  ARG A NE  1 
ATOM   287  C CZ  . ARG A 1 41  ? -0.572  18.995  -5.334  1.00 27.18 ? 68  ARG A CZ  1 
ATOM   288  N NH1 . ARG A 1 41  ? -1.881  19.288  -5.279  1.00 22.20 ? 68  ARG A NH1 1 
ATOM   289  N NH2 . ARG A 1 41  ? 0.257   19.565  -4.463  1.00 31.13 ? 68  ARG A NH2 1 
ATOM   290  N N   . VAL A 1 42  ? -2.995  12.413  -9.098  1.00 16.73 ? 69  VAL A N   1 
ATOM   291  C CA  . VAL A 1 42  ? -3.851  11.639  -10.018 1.00 17.47 ? 69  VAL A CA  1 
ATOM   292  C C   . VAL A 1 42  ? -3.992  10.178  -9.527  1.00 16.23 ? 69  VAL A C   1 
ATOM   293  O O   . VAL A 1 42  ? -5.110  9.713   -9.245  1.00 18.10 ? 69  VAL A O   1 
ATOM   294  C CB  . VAL A 1 42  ? -3.380  11.691  -11.479 1.00 18.33 ? 69  VAL A CB  1 
ATOM   295  C CG1 . VAL A 1 42  ? -4.229  10.801  -12.386 1.00 18.82 ? 69  VAL A CG1 1 
ATOM   296  C CG2 . VAL A 1 42  ? -3.450  13.138  -12.037 1.00 18.53 ? 69  VAL A CG2 1 
ATOM   297  N N   . VAL A 1 43  ? -2.877  9.484   -9.375  1.00 15.58 ? 70  VAL A N   1 
ATOM   298  C CA  . VAL A 1 43  ? -2.929  8.004   -9.140  1.00 16.33 ? 70  VAL A CA  1 
ATOM   299  C C   . VAL A 1 43  ? -3.408  7.690   -7.739  1.00 16.55 ? 70  VAL A C   1 
ATOM   300  O O   . VAL A 1 43  ? -4.451  7.062   -7.533  1.00 18.33 ? 70  VAL A O   1 
ATOM   301  C CB  . VAL A 1 43  ? -1.565  7.348   -9.446  1.00 17.14 ? 70  VAL A CB  1 
ATOM   302  C CG1 . VAL A 1 43  ? -1.610  5.832   -9.205  1.00 18.15 ? 70  VAL A CG1 1 
ATOM   303  C CG2 . VAL A 1 43  ? -1.170  7.562   -10.883 1.00 17.93 ? 70  VAL A CG2 1 
ATOM   304  N N   . LEU A 1 44  ? -2.691  8.197   -6.745  1.00 18.07 ? 71  LEU A N   1 
ATOM   305  C CA  . LEU A 1 44  ? -3.076  7.914   -5.387  1.00 18.52 ? 71  LEU A CA  1 
ATOM   306  C C   . LEU A 1 44  ? -4.475  8.475   -5.097  1.00 20.54 ? 71  LEU A C   1 
ATOM   307  O O   . LEU A 1 44  ? -5.316  7.795   -4.477  1.00 19.58 ? 71  LEU A O   1 
ATOM   308  C CB  . LEU A 1 44  ? -2.029  8.448   -4.423  1.00 19.90 ? 71  LEU A CB  1 
ATOM   309  C CG  . LEU A 1 44  ? -2.189  8.183   -2.923  1.00 22.70 ? 71  LEU A CG  1 
ATOM   310  C CD1 . LEU A 1 44  ? -3.131  9.130   -2.213  1.00 25.02 ? 71  LEU A CD1 1 
ATOM   311  C CD2 . LEU A 1 44  ? -2.562  6.740   -2.604  1.00 25.15 ? 71  LEU A CD2 1 
ATOM   312  N N   . LYS A 1 45  ? -4.737  9.704   -5.539  1.00 19.11 ? 72  LYS A N   1 
ATOM   313  C CA  . LYS A 1 45  ? -6.003  10.322  -5.225  1.00 22.48 ? 72  LYS A CA  1 
ATOM   314  C C   . LYS A 1 45  ? -7.162  9.557   -5.826  1.00 21.97 ? 72  LYS A C   1 
ATOM   315  O O   . LYS A 1 45  ? -8.190  9.420   -5.179  1.00 21.80 ? 72  LYS A O   1 
ATOM   316  C CB  . LYS A 1 45  ? -6.028  11.762  -5.691  1.00 25.50 ? 72  LYS A CB  1 
ATOM   317  C CG  . LYS A 1 45  ? -7.265  12.529  -5.259  1.00 30.67 ? 72  LYS A CG  1 
ATOM   318  C CD  . LYS A 1 45  ? -7.269  13.931  -5.858  1.00 37.94 ? 72  LYS A CD  1 
ATOM   319  C CE  . LYS A 1 45  ? -6.485  14.926  -5.021  1.00 41.45 ? 72  LYS A CE  1 
ATOM   320  N NZ  . LYS A 1 45  ? -7.292  15.423  -3.862  1.00 45.30 ? 72  LYS A NZ  1 
ATOM   321  N N   . THR A 1 46  ? -7.020  9.090   -7.065  1.00 21.19 ? 73  THR A N   1 
ATOM   322  C CA  . THR A 1 46  ? -8.105  8.363   -7.706  1.00 20.39 ? 73  THR A CA  1 
ATOM   323  C C   . THR A 1 46  ? -8.378  7.040   -6.964  1.00 19.87 ? 73  THR A C   1 
ATOM   324  O O   . THR A 1 46  ? -9.516  6.638   -6.797  1.00 21.80 ? 73  THR A O   1 
ATOM   325  C CB  . THR A 1 46  ? -7.785  8.072   -9.178  1.00 24.51 ? 73  THR A CB  1 
ATOM   326  O OG1 . THR A 1 46  ? -7.577  9.327   -9.864  1.00 25.42 ? 73  THR A OG1 1 
ATOM   327  C CG2 . THR A 1 46  ? -8.956  7.351   -9.843  1.00 25.63 ? 73  THR A CG2 1 
ATOM   328  N N   . LEU A 1 47  ? -7.316  6.376   -6.536  1.00 17.25 ? 74  LEU A N   1 
ATOM   329  C CA  . LEU A 1 47  ? -7.467  5.144   -5.769  1.00 18.24 ? 74  LEU A CA  1 
ATOM   330  C C   . LEU A 1 47  ? -8.053  5.399   -4.384  1.00 17.80 ? 74  LEU A C   1 
ATOM   331  O O   . LEU A 1 47  ? -8.902  4.643   -3.924  1.00 18.18 ? 74  LEU A O   1 
ATOM   332  C CB  . LEU A 1 47  ? -6.135  4.401   -5.655  1.00 18.64 ? 74  LEU A CB  1 
ATOM   333  C CG  . LEU A 1 47  ? -5.544  3.674   -6.863  1.00 23.46 ? 74  LEU A CG  1 
ATOM   334  C CD1 . LEU A 1 47  ? -4.451  2.697   -6.453  1.00 25.25 ? 74  LEU A CD1 1 
ATOM   335  C CD2 . LEU A 1 47  ? -6.534  2.910   -7.679  1.00 25.86 ? 74  LEU A CD2 1 
ATOM   336  N N   . TRP A 1 48  ? -7.588  6.444   -3.730  1.00 17.67 ? 75  TRP A N   1 
ATOM   337  C CA  . TRP A 1 48  ? -7.966  6.763   -2.350  1.00 17.98 ? 75  TRP A CA  1 
ATOM   338  C C   . TRP A 1 48  ? -9.476  7.005   -2.203  1.00 18.99 ? 75  TRP A C   1 
ATOM   339  O O   . TRP A 1 48  ? -10.088 6.561   -1.217  1.00 19.46 ? 75  TRP A O   1 
ATOM   340  C CB  . TRP A 1 48  ? -7.135  7.961   -1.895  1.00 17.97 ? 75  TRP A CB  1 
ATOM   341  C CG  . TRP A 1 48  ? -7.250  8.225   -0.466  1.00 18.40 ? 75  TRP A CG  1 
ATOM   342  C CD1 . TRP A 1 48  ? -8.196  9.026   0.159   1.00 21.04 ? 75  TRP A CD1 1 
ATOM   343  C CD2 . TRP A 1 48  ? -6.404  7.733   0.537   1.00 18.32 ? 75  TRP A CD2 1 
ATOM   344  N NE1 . TRP A 1 48  ? -7.956  9.046   1.503   1.00 21.09 ? 75  TRP A NE1 1 
ATOM   345  C CE2 . TRP A 1 48  ? -6.865  8.252   1.770   1.00 20.05 ? 75  TRP A CE2 1 
ATOM   346  C CE3 . TRP A 1 48  ? -5.278  6.879   0.532   1.00 19.15 ? 75  TRP A CE3 1 
ATOM   347  C CZ2 . TRP A 1 48  ? -6.248  7.939   2.989   1.00 20.33 ? 75  TRP A CZ2 1 
ATOM   348  C CZ3 . TRP A 1 48  ? -4.680  6.563   1.739   1.00 17.93 ? 75  TRP A CZ3 1 
ATOM   349  C CH2 . TRP A 1 48  ? -5.134  7.120   2.946   1.00 18.90 ? 75  TRP A CH2 1 
ATOM   350  N N   . LYS A 1 49  ? -10.068 7.656   -3.209  1.00 20.86 ? 76  LYS A N   1 
ATOM   351  C CA  . LYS A 1 49  ? -11.496 7.978   -3.217  1.00 23.13 ? 76  LYS A CA  1 
ATOM   352  C C   . LYS A 1 49  ? -12.376 6.811   -3.693  1.00 22.29 ? 76  LYS A C   1 
ATOM   353  O O   . LYS A 1 49  ? -13.595 6.915   -3.669  1.00 22.27 ? 76  LYS A O   1 
ATOM   354  C CB  . LYS A 1 49  ? -11.776 9.127   -4.213  1.00 26.63 ? 76  LYS A CB  1 
ATOM   355  C CG  . LYS A 1 49  ? -11.022 10.419  -3.967  1.00 33.96 ? 76  LYS A CG  1 
ATOM   356  C CD  . LYS A 1 49  ? -11.246 11.427  -5.102  1.00 38.83 ? 76  LYS A CD  1 
ATOM   357  C CE  . LYS A 1 49  ? -11.411 10.799  -6.488  1.00 42.25 ? 76  LYS A CE  1 
ATOM   358  N NZ  . LYS A 1 49  ? -11.325 11.801  -7.573  1.00 47.07 ? 76  LYS A NZ  1 
ATOM   359  N N   . HIS A 1 50  ? -11.787 5.716   -4.174  1.00 20.40 ? 77  HIS A N   1 
ATOM   360  C CA  . HIS A 1 50  ? -12.551 4.580   -4.691  1.00 20.31 ? 77  HIS A CA  1 
ATOM   361  C C   . HIS A 1 50  ? -13.300 3.897   -3.565  1.00 18.71 ? 77  HIS A C   1 
ATOM   362  O O   . HIS A 1 50  ? -12.829 3.849   -2.417  1.00 19.32 ? 77  HIS A O   1 
ATOM   363  C CB  . HIS A 1 50  ? -11.590 3.578   -5.330  1.00 19.57 ? 77  HIS A CB  1 
ATOM   364  C CG  . HIS A 1 50  ? -12.269 2.547   -6.166  1.00 19.72 ? 77  HIS A CG  1 
ATOM   365  N ND1 . HIS A 1 50  ? -12.915 1.449   -5.641  1.00 18.42 ? 77  HIS A ND1 1 
ATOM   366  C CD2 . HIS A 1 50  ? -12.360 2.426   -7.512  1.00 21.59 ? 77  HIS A CD2 1 
ATOM   367  C CE1 . HIS A 1 50  ? -13.410 0.722   -6.623  1.00 19.31 ? 77  HIS A CE1 1 
ATOM   368  N NE2 . HIS A 1 50  ? -13.084 1.295   -7.773  1.00 20.40 ? 77  HIS A NE2 1 
ATOM   369  N N   . GLN A 1 51  ? -14.463 3.336   -3.869  1.00 18.54 ? 78  GLN A N   1 
ATOM   370  C CA  . GLN A 1 51  ? -15.263 2.723   -2.817  1.00 19.04 ? 78  GLN A CA  1 
ATOM   371  C C   . GLN A 1 51  ? -14.592 1.510   -2.156  1.00 18.68 ? 78  GLN A C   1 
ATOM   372  O O   . GLN A 1 51  ? -14.950 1.170   -1.034  1.00 18.06 ? 78  GLN A O   1 
ATOM   373  C CB  . GLN A 1 51  ? -16.649 2.294   -3.308  1.00 21.56 ? 78  GLN A CB  1 
ATOM   374  C CG  . GLN A 1 51  ? -16.620 1.247   -4.384  1.00 23.88 ? 78  GLN A CG  1 
ATOM   375  C CD  . GLN A 1 51  ? -18.004 0.742   -4.767  1.00 30.51 ? 78  GLN A CD  1 
ATOM   376  O OE1 . GLN A 1 51  ? -18.875 0.530   -3.906  1.00 29.97 ? 78  GLN A OE1 1 
ATOM   377  N NE2 . GLN A 1 51  ? -18.203 0.514   -6.053  1.00 32.29 ? 78  GLN A NE2 1 
ATOM   378  N N   . PHE A 1 52  ? -13.642 0.862   -2.850  1.00 16.42 ? 79  PHE A N   1 
ATOM   379  C CA  . PHE A 1 52  ? -12.933 -0.283  -2.309  1.00 16.71 ? 79  PHE A CA  1 
ATOM   380  C C   . PHE A 1 52  ? -11.598 0.106   -1.650  1.00 16.24 ? 79  PHE A C   1 
ATOM   381  O O   . PHE A 1 52  ? -10.845 -0.797  -1.243  1.00 15.57 ? 79  PHE A O   1 
ATOM   382  C CB  . PHE A 1 52  ? -12.634 -1.313  -3.438  1.00 17.40 ? 79  PHE A CB  1 
ATOM   383  C CG  . PHE A 1 52  ? -13.829 -1.924  -4.110  1.00 18.38 ? 79  PHE A CG  1 
ATOM   384  C CD1 . PHE A 1 52  ? -15.078 -1.990  -3.511  1.00 19.78 ? 79  PHE A CD1 1 
ATOM   385  C CD2 . PHE A 1 52  ? -13.658 -2.516  -5.329  1.00 19.67 ? 79  PHE A CD2 1 
ATOM   386  C CE1 . PHE A 1 52  ? -16.147 -2.588  -4.178  1.00 21.76 ? 79  PHE A CE1 1 
ATOM   387  C CE2 . PHE A 1 52  ? -14.724 -3.119  -5.987  1.00 22.45 ? 79  PHE A CE2 1 
ATOM   388  C CZ  . PHE A 1 52  ? -15.949 -3.160  -5.405  1.00 22.85 ? 79  PHE A CZ  1 
ATOM   389  N N   . ALA A 1 53  ? -11.273 1.398   -1.530  1.00 16.78 ? 80  ALA A N   1 
ATOM   390  C CA  . ALA A 1 53  ? -9.933  1.790   -0.985  1.00 17.38 ? 80  ALA A CA  1 
ATOM   391  C C   . ALA A 1 53  ? -9.775  1.489   0.474   1.00 16.72 ? 80  ALA A C   1 
ATOM   392  O O   . ALA A 1 53  ? -8.675  1.278   0.921   1.00 15.69 ? 80  ALA A O   1 
ATOM   393  C CB  . ALA A 1 53  ? -9.648  3.275   -1.182  1.00 18.38 ? 80  ALA A CB  1 
ATOM   394  N N   . TRP A 1 54  ? -10.855 1.578   1.268   1.00 16.20 ? 81  TRP A N   1 
ATOM   395  C CA  . TRP A 1 54  ? -10.725 1.642   2.736   1.00 15.89 ? 81  TRP A CA  1 
ATOM   396  C C   . TRP A 1 54  ? -9.877  0.539   3.411   1.00 15.19 ? 81  TRP A C   1 
ATOM   397  O O   . TRP A 1 54  ? -9.091  0.885   4.294   1.00 16.44 ? 81  TRP A O   1 
ATOM   398  C CB  . TRP A 1 54  ? -12.102 1.842   3.420   1.00 17.44 ? 81  TRP A CB  1 
ATOM   399  C CG  . TRP A 1 54  ? -13.021 0.764   3.250   1.00 17.62 ? 81  TRP A CG  1 
ATOM   400  C CD1 . TRP A 1 54  ? -13.851 0.561   2.198   1.00 18.88 ? 81  TRP A CD1 1 
ATOM   401  C CD2 . TRP A 1 54  ? -13.151 -0.368  4.080   1.00 19.13 ? 81  TRP A CD2 1 
ATOM   402  N NE1 . TRP A 1 54  ? -14.498 -0.616  2.319   1.00 20.15 ? 81  TRP A NE1 1 
ATOM   403  C CE2 . TRP A 1 54  ? -14.093 -1.216  3.478   1.00 19.80 ? 81  TRP A CE2 1 
ATOM   404  C CE3 . TRP A 1 54  ? -12.549 -0.768  5.275   1.00 21.33 ? 81  TRP A CE3 1 
ATOM   405  C CZ2 . TRP A 1 54  ? -14.464 -2.447  4.024   1.00 20.32 ? 81  TRP A CZ2 1 
ATOM   406  C CZ3 . TRP A 1 54  ? -12.923 -2.015  5.818   1.00 20.96 ? 81  TRP A CZ3 1 
ATOM   407  C CH2 . TRP A 1 54  ? -13.888 -2.810  5.207   1.00 20.37 ? 81  TRP A CH2 1 
ATOM   408  N N   . PRO A 1 55  ? -9.910  -0.714  2.908   1.00 14.99 ? 82  PRO A N   1 
ATOM   409  C CA  . PRO A 1 55  ? -9.060  -1.702  3.607   1.00 14.43 ? 82  PRO A CA  1 
ATOM   410  C C   . PRO A 1 55  ? -7.556  -1.487  3.372   1.00 14.65 ? 82  PRO A C   1 
ATOM   411  O O   . PRO A 1 55  ? -6.749  -2.129  4.075   1.00 15.16 ? 82  PRO A O   1 
ATOM   412  C CB  . PRO A 1 55  ? -9.442  -3.023  2.971   1.00 15.53 ? 82  PRO A CB  1 
ATOM   413  C CG  . PRO A 1 55  ? -10.791 -2.820  2.415   1.00 15.50 ? 82  PRO A CG  1 
ATOM   414  C CD  . PRO A 1 55  ? -10.768 -1.398  1.931   1.00 14.85 ? 82  PRO A CD  1 
ATOM   415  N N   . PHE A 1 56  ? -7.251  -0.718  2.333   1.00 13.63 ? 83  PHE A N   1 
ATOM   416  C CA  . PHE A 1 56  ? -5.858  -0.491  1.842   1.00 13.26 ? 83  PHE A CA  1 
ATOM   417  C C   . PHE A 1 56  ? -5.317  0.838   2.382   1.00 14.67 ? 83  PHE A C   1 
ATOM   418  O O   . PHE A 1 56  ? -4.158  1.203   2.083   1.00 15.47 ? 83  PHE A O   1 
ATOM   419  C CB  . PHE A 1 56  ? -5.849  -0.517  0.321   1.00 13.46 ? 83  PHE A CB  1 
ATOM   420  C CG  . PHE A 1 56  ? -6.331  -1.815  -0.257  1.00 14.05 ? 83  PHE A CG  1 
ATOM   421  C CD1 . PHE A 1 56  ? -5.459  -2.858  -0.487  1.00 14.57 ? 83  PHE A CD1 1 
ATOM   422  C CD2 . PHE A 1 56  ? -7.685  -1.985  -0.534  1.00 13.85 ? 83  PHE A CD2 1 
ATOM   423  C CE1 . PHE A 1 56  ? -5.930  -4.070  -0.984  1.00 15.14 ? 83  PHE A CE1 1 
ATOM   424  C CE2 . PHE A 1 56  ? -8.156  -3.188  -1.028  1.00 13.83 ? 83  PHE A CE2 1 
ATOM   425  C CZ  . PHE A 1 56  ? -7.276  -4.229  -1.243  1.00 14.35 ? 83  PHE A CZ  1 
ATOM   426  N N   . GLN A 1 57  ? -6.125  1.595   3.150   1.00 15.48 ? 84  GLN A N   1 
ATOM   427  C CA  . GLN A 1 57  ? -5.716  2.966   3.522   1.00 16.68 ? 84  GLN A CA  1 
ATOM   428  C C   . GLN A 1 57  ? -4.783  3.090   4.729   1.00 16.13 ? 84  GLN A C   1 
ATOM   429  O O   . GLN A 1 57  ? -4.322  4.193   5.060   1.00 17.10 ? 84  GLN A O   1 
ATOM   430  C CB  . GLN A 1 57  ? -6.975  3.823   3.739   1.00 17.58 ? 84  GLN A CB  1 
ATOM   431  C CG  . GLN A 1 57  ? -7.636  4.219   2.418   1.00 19.75 ? 84  GLN A CG  1 
ATOM   432  C CD  . GLN A 1 57  ? -8.952  4.953   2.616   1.00 21.07 ? 84  GLN A CD  1 
ATOM   433  O OE1 . GLN A 1 57  ? -9.674  4.740   3.621   1.00 23.70 ? 84  GLN A OE1 1 
ATOM   434  N NE2 . GLN A 1 57  ? -9.272  5.828   1.673   1.00 23.27 ? 84  GLN A NE2 1 
ATOM   435  N N   . GLN A 1 58  ? -4.511  1.988   5.436   1.00 15.10 ? 85  GLN A N   1 
ATOM   436  C CA  . GLN A 1 58  ? -3.611  2.012   6.597   1.00 16.20 ? 85  GLN A CA  1 
ATOM   437  C C   . GLN A 1 58  ? -2.904  0.656   6.671   1.00 14.91 ? 85  GLN A C   1 
ATOM   438  O O   . GLN A 1 58  ? -3.416  -0.324  6.081   1.00 14.92 ? 85  GLN A O   1 
ATOM   439  C CB  . GLN A 1 58  ? -4.394  2.296   7.896   1.00 17.55 ? 85  GLN A CB  1 
ATOM   440  C CG  . GLN A 1 58  ? -5.607  1.392   8.110   1.00 17.55 ? 85  GLN A CG  1 
ATOM   441  C CD  . GLN A 1 58  ? -6.774  1.728   7.200   1.00 20.59 ? 85  GLN A CD  1 
ATOM   442  O OE1 . GLN A 1 58  ? -7.085  2.900   7.015   1.00 21.09 ? 85  GLN A OE1 1 
ATOM   443  N NE2 . GLN A 1 58  ? -7.399  0.697   6.594   1.00 19.23 ? 85  GLN A NE2 1 
ATOM   444  N N   . PRO A 1 59  ? -1.788  0.553   7.395   1.00 14.84 ? 86  PRO A N   1 
ATOM   445  C CA  . PRO A 1 59  ? -1.147  -0.747  7.604   1.00 15.39 ? 86  PRO A CA  1 
ATOM   446  C C   . PRO A 1 59  ? -2.102  -1.770  8.176   1.00 15.11 ? 86  PRO A C   1 
ATOM   447  O O   . PRO A 1 59  ? -2.973  -1.425  9.008   1.00 16.23 ? 86  PRO A O   1 
ATOM   448  C CB  . PRO A 1 59  ? -0.061  -0.457  8.640   1.00 16.21 ? 86  PRO A CB  1 
ATOM   449  C CG  . PRO A 1 59  ? 0.280   0.976   8.358   1.00 16.55 ? 86  PRO A CG  1 
ATOM   450  C CD  . PRO A 1 59  ? -1.020  1.637   8.043   1.00 16.52 ? 86  PRO A CD  1 
ATOM   451  N N   . VAL A 1 60  ? -1.967  -2.992  7.689   1.00 14.58 ? 87  VAL A N   1 
ATOM   452  C CA  . VAL A 1 60  ? -2.728  -4.108  8.209   1.00 16.45 ? 87  VAL A CA  1 
ATOM   453  C C   . VAL A 1 60  ? -2.475  -4.205  9.731   1.00 17.38 ? 87  VAL A C   1 
ATOM   454  O O   . VAL A 1 60  ? -1.336  -4.311  10.151  1.00 17.87 ? 87  VAL A O   1 
ATOM   455  C CB  . VAL A 1 60  ? -2.319  -5.414  7.499   1.00 16.46 ? 87  VAL A CB  1 
ATOM   456  C CG1 . VAL A 1 60  ? -2.868  -6.626  8.227   1.00 18.65 ? 87  VAL A CG1 1 
ATOM   457  C CG2 . VAL A 1 60  ? -2.803  -5.428  6.054   1.00 17.23 ? 87  VAL A CG2 1 
ATOM   458  N N   . ASP A 1 61  ? -3.548  -4.177  10.517  1.00 17.86 ? 88  ASP A N   1 
ATOM   459  C CA  . ASP A 1 61  ? -3.476  -4.427  11.955  1.00 18.56 ? 88  ASP A CA  1 
ATOM   460  C C   . ASP A 1 61  ? -3.917  -5.861  12.155  1.00 18.45 ? 88  ASP A C   1 
ATOM   461  O O   . ASP A 1 61  ? -5.106  -6.146  12.145  1.00 19.40 ? 88  ASP A O   1 
ATOM   462  C CB  . ASP A 1 61  ? -4.392  -3.460  12.677  1.00 19.66 ? 88  ASP A CB  1 
ATOM   463  C CG  . ASP A 1 61  ? -4.311  -3.580  14.173  1.00 22.74 ? 88  ASP A CG  1 
ATOM   464  O OD1 . ASP A 1 61  ? -3.909  -4.642  14.716  1.00 21.82 ? 88  ASP A OD1 1 
ATOM   465  O OD2 . ASP A 1 61  ? -4.748  -2.615  14.815  1.00 25.60 ? 88  ASP A OD2 1 
ATOM   466  N N   . ALA A 1 62  ? -2.962  -6.775  12.324  1.00 17.78 ? 89  ALA A N   1 
ATOM   467  C CA  . ALA A 1 62  ? -3.281  -8.193  12.353  1.00 18.55 ? 89  ALA A CA  1 
ATOM   468  C C   . ALA A 1 62  ? -4.076  -8.558  13.606  1.00 18.14 ? 89  ALA A C   1 
ATOM   469  O O   . ALA A 1 62  ? -4.815  -9.535  13.550  1.00 18.22 ? 89  ALA A O   1 
ATOM   470  C CB  . ALA A 1 62  ? -2.031  -9.048  12.249  1.00 19.82 ? 89  ALA A CB  1 
ATOM   471  N N   . VAL A 1 63  ? -3.973  -7.755  14.663  1.00 17.74 ? 90  VAL A N   1 
ATOM   472  C CA  . VAL A 1 63  ? -4.708  -8.010  15.891  1.00 21.66 ? 90  VAL A CA  1 
ATOM   473  C C   . VAL A 1 63  ? -6.152  -7.591  15.695  1.00 24.30 ? 90  VAL A C   1 
ATOM   474  O O   . VAL A 1 63  ? -7.040  -8.403  15.830  1.00 24.87 ? 90  VAL A O   1 
ATOM   475  C CB  . VAL A 1 63  ? -4.056  -7.292  17.105  1.00 23.74 ? 90  VAL A CB  1 
ATOM   476  C CG1 . VAL A 1 63  ? -4.857  -7.522  18.368  1.00 25.96 ? 90  VAL A CG1 1 
ATOM   477  C CG2 . VAL A 1 63  ? -2.606  -7.759  17.276  1.00 24.60 ? 90  VAL A CG2 1 
ATOM   478  N N   . LYS A 1 64  ? -6.379  -6.334  15.327  1.00 22.96 ? 91  LYS A N   1 
ATOM   479  C CA  . LYS A 1 64  ? -7.733  -5.810  15.175  1.00 26.06 ? 91  LYS A CA  1 
ATOM   480  C C   . LYS A 1 64  ? -8.527  -6.472  14.040  1.00 25.37 ? 91  LYS A C   1 
ATOM   481  O O   . LYS A 1 64  ? -9.762  -6.492  14.098  1.00 26.17 ? 91  LYS A O   1 
ATOM   482  C CB  . LYS A 1 64  ? -7.720  -4.290  15.017  1.00 32.38 ? 91  LYS A CB  1 
ATOM   483  C CG  . LYS A 1 64  ? -9.094  -3.682  14.708  1.00 38.40 ? 91  LYS A CG  1 
ATOM   484  C CD  . LYS A 1 64  ? -9.457  -2.445  15.523  1.00 42.82 ? 91  LYS A CD  1 
ATOM   485  C CE  . LYS A 1 64  ? -10.502 -2.751  16.586  1.00 45.29 ? 91  LYS A CE  1 
ATOM   486  N NZ  . LYS A 1 64  ? -10.988 -1.503  17.234  1.00 45.89 ? 91  LYS A NZ  1 
ATOM   487  N N   . LEU A 1 65  ? -7.835  -7.052  13.056  1.00 22.41 ? 92  LEU A N   1 
ATOM   488  C CA  . LEU A 1 65  ? -8.473  -7.691  11.902  1.00 20.66 ? 92  LEU A CA  1 
ATOM   489  C C   . LEU A 1 65  ? -8.515  -9.222  11.998  1.00 19.85 ? 92  LEU A C   1 
ATOM   490  O O   . LEU A 1 65  ? -9.026  -9.881  11.074  1.00 19.31 ? 92  LEU A O   1 
ATOM   491  C CB  . LEU A 1 65  ? -7.761  -7.265  10.598  1.00 22.32 ? 92  LEU A CB  1 
ATOM   492  C CG  . LEU A 1 65  ? -7.756  -5.784  10.197  1.00 23.74 ? 92  LEU A CG  1 
ATOM   493  C CD1 . LEU A 1 65  ? -6.948  -5.608  8.910   1.00 25.41 ? 92  LEU A CD1 1 
ATOM   494  C CD2 . LEU A 1 65  ? -9.183  -5.308  9.983   1.00 26.37 ? 92  LEU A CD2 1 
ATOM   495  N N   . ASN A 1 66  ? -7.979  -9.790  13.095  1.00 18.65 ? 93  ASN A N   1 
ATOM   496  C CA  . ASN A 1 66  ? -7.962  -11.224 13.321  1.00 18.75 ? 93  ASN A CA  1 
ATOM   497  C C   . ASN A 1 66  ? -7.314  -11.966 12.173  1.00 17.64 ? 93  ASN A C   1 
ATOM   498  O O   . ASN A 1 66  ? -7.914  -12.861 11.589  1.00 17.93 ? 93  ASN A O   1 
ATOM   499  C CB  . ASN A 1 66  ? -9.393  -11.708 13.563  1.00 19.64 ? 93  ASN A CB  1 
ATOM   500  C CG  . ASN A 1 66  ? -9.493  -13.152 13.960  1.00 17.78 ? 93  ASN A CG  1 
ATOM   501  O OD1 . ASN A 1 66  ? -8.586  -13.748 14.509  1.00 18.56 ? 93  ASN A OD1 1 
ATOM   502  N ND2 . ASN A 1 66  ? -10.677 -13.746 13.669  1.00 16.54 ? 93  ASN A ND2 1 
ATOM   503  N N   . LEU A 1 67  ? -6.082  -11.555 11.833  1.00 17.60 ? 94  LEU A N   1 
ATOM   504  C CA  . LEU A 1 67  ? -5.229  -12.199 10.817  1.00 17.78 ? 94  LEU A CA  1 
ATOM   505  C C   . LEU A 1 67  ? -3.916  -12.626 11.490  1.00 19.16 ? 94  LEU A C   1 
ATOM   506  O O   . LEU A 1 67  ? -2.852  -12.084 11.217  1.00 18.72 ? 94  LEU A O   1 
ATOM   507  C CB  . LEU A 1 67  ? -4.953  -11.226 9.644   1.00 19.19 ? 94  LEU A CB  1 
ATOM   508  C CG  . LEU A 1 67  ? -6.160  -10.543 9.006   1.00 19.17 ? 94  LEU A CG  1 
ATOM   509  C CD1 . LEU A 1 67  ? -5.674  -9.435  8.060   1.00 21.08 ? 94  LEU A CD1 1 
ATOM   510  C CD2 . LEU A 1 67  ? -7.017  -11.537 8.253   1.00 21.79 ? 94  LEU A CD2 1 
ATOM   511  N N   . PRO A 1 68  ? -3.978  -13.622 12.385  1.00 18.54 ? 95  PRO A N   1 
ATOM   512  C CA  . PRO A 1 68  ? -2.802  -13.872 13.238  1.00 19.97 ? 95  PRO A CA  1 
ATOM   513  C C   . PRO A 1 68  ? -1.561  -14.381 12.501  1.00 20.16 ? 95  PRO A C   1 
ATOM   514  O O   . PRO A 1 68  ? -0.443  -14.307 13.055  1.00 22.54 ? 95  PRO A O   1 
ATOM   515  C CB  . PRO A 1 68  ? -3.318  -14.923 14.238  1.00 20.25 ? 95  PRO A CB  1 
ATOM   516  C CG  . PRO A 1 68  ? -4.566  -15.499 13.640  1.00 21.04 ? 95  PRO A CG  1 
ATOM   517  C CD  . PRO A 1 68  ? -5.163  -14.413 12.800  1.00 20.65 ? 95  PRO A CD  1 
ATOM   518  N N   . ASP A 1 69  ? -1.746  -14.893 11.291  1.00 17.83 ? 96  ASP A N   1 
ATOM   519  C CA  . ASP A 1 69  ? -0.662  -15.405 10.483  1.00 19.46 ? 96  ASP A CA  1 
ATOM   520  C C   . ASP A 1 69  ? -0.171  -14.380 9.423   1.00 17.19 ? 96  ASP A C   1 
ATOM   521  O O   . ASP A 1 69  ? 0.713   -14.698 8.658   1.00 19.75 ? 96  ASP A O   1 
ATOM   522  C CB  . ASP A 1 69  ? -1.109  -16.687 9.786   1.00 21.63 ? 96  ASP A CB  1 
ATOM   523  C CG  . ASP A 1 69  ? -2.366  -16.493 8.905   1.00 24.26 ? 96  ASP A CG  1 
ATOM   524  O OD1 . ASP A 1 69  ? -3.135  -15.519 9.065   1.00 26.09 ? 96  ASP A OD1 1 
ATOM   525  O OD2 . ASP A 1 69  ? -2.594  -17.371 8.065   1.00 31.61 ? 96  ASP A OD2 1 
ATOM   526  N N   . TYR A 1 70  ? -0.709  -13.167 9.420   1.00 16.90 ? 97  TYR A N   1 
ATOM   527  C CA  . TYR A 1 70  ? -0.443  -12.206 8.332   1.00 16.34 ? 97  TYR A CA  1 
ATOM   528  C C   . TYR A 1 70  ? 1.033   -11.947 8.132   1.00 17.51 ? 97  TYR A C   1 
ATOM   529  O O   . TYR A 1 70  ? 1.542   -12.117 7.024   1.00 18.11 ? 97  TYR A O   1 
ATOM   530  C CB  . TYR A 1 70  ? -1.166  -10.872 8.548   1.00 15.69 ? 97  TYR A CB  1 
ATOM   531  C CG  . TYR A 1 70  ? -1.040  -9.955  7.352   1.00 15.21 ? 97  TYR A CG  1 
ATOM   532  C CD1 . TYR A 1 70  ? -1.853  -10.117 6.251   1.00 14.02 ? 97  TYR A CD1 1 
ATOM   533  C CD2 . TYR A 1 70  ? -0.078  -8.973  7.304   1.00 15.66 ? 97  TYR A CD2 1 
ATOM   534  C CE1 . TYR A 1 70  ? -1.721  -9.311  5.132   1.00 13.70 ? 97  TYR A CE1 1 
ATOM   535  C CE2 . TYR A 1 70  ? 0.072   -8.139  6.219   1.00 15.06 ? 97  TYR A CE2 1 
ATOM   536  C CZ  . TYR A 1 70  ? -0.747  -8.301  5.133   1.00 14.09 ? 97  TYR A CZ  1 
ATOM   537  O OH  . TYR A 1 70  ? -0.562  -7.526  4.042   1.00 13.93 ? 97  TYR A OH  1 
ATOM   538  N N   . TYR A 1 71  ? 1.701   -11.560 9.228   1.00 18.86 ? 98  TYR A N   1 
ATOM   539  C CA  . TYR A 1 71  ? 3.116   -11.220 9.179   1.00 21.19 ? 98  TYR A CA  1 
ATOM   540  C C   . TYR A 1 71  ? 4.061   -12.474 9.088   1.00 23.48 ? 98  TYR A C   1 
ATOM   541  O O   . TYR A 1 71  ? 5.248   -12.361 8.717   1.00 24.88 ? 98  TYR A O   1 
ATOM   542  C CB  . TYR A 1 71  ? 3.412   -10.174 10.291  1.00 20.56 ? 98  TYR A CB  1 
ATOM   543  C CG  . TYR A 1 71  ? 2.728   -8.787  10.023  1.00 20.15 ? 98  TYR A CG  1 
ATOM   544  C CD1 . TYR A 1 71  ? 3.149   -8.013  8.969   1.00 19.58 ? 98  TYR A CD1 1 
ATOM   545  C CD2 . TYR A 1 71  ? 1.635   -8.248  10.803  1.00 19.53 ? 98  TYR A CD2 1 
ATOM   546  C CE1 . TYR A 1 71  ? 2.563   -6.796  8.635   1.00 20.51 ? 98  TYR A CE1 1 
ATOM   547  C CE2 . TYR A 1 71  ? 1.070   -6.988  10.465  1.00 19.62 ? 98  TYR A CE2 1 
ATOM   548  C CZ  . TYR A 1 71  ? 1.519   -6.254  9.369   1.00 20.34 ? 98  TYR A CZ  1 
ATOM   549  O OH  . TYR A 1 71  ? 1.022   -4.978  8.910   1.00 21.86 ? 98  TYR A OH  1 
ATOM   550  N N   . LYS A 1 72  ? 3.542   -13.681 9.281   1.00 24.52 ? 99  LYS A N   1 
ATOM   551  C CA  . LYS A 1 72  ? 4.291   -14.891 8.868   1.00 26.63 ? 99  LYS A CA  1 
ATOM   552  C C   . LYS A 1 72  ? 4.401   -15.063 7.386   1.00 27.22 ? 99  LYS A C   1 
ATOM   553  O O   . LYS A 1 72  ? 5.405   -15.573 6.874   1.00 28.84 ? 99  LYS A O   1 
ATOM   554  C CB  . LYS A 1 72  ? 3.685   -16.147 9.509   1.00 33.14 ? 99  LYS A CB  1 
ATOM   555  C CG  . LYS A 1 72  ? 3.862   -16.138 11.016  1.00 37.65 ? 99  LYS A CG  1 
ATOM   556  C CD  . LYS A 1 72  ? 2.960   -17.120 11.755  1.00 41.66 ? 99  LYS A CD  1 
ATOM   557  C CE  . LYS A 1 72  ? 3.266   -17.095 13.252  1.00 45.12 ? 99  LYS A CE  1 
ATOM   558  N NZ  . LYS A 1 72  ? 2.903   -15.807 13.912  1.00 46.83 ? 99  LYS A NZ  1 
ATOM   559  N N   . ILE A 1 73  ? 3.379   -14.596 6.669   1.00 21.97 ? 100 ILE A N   1 
ATOM   560  C CA  . ILE A 1 73  ? 3.292   -14.721 5.245   1.00 22.78 ? 100 ILE A CA  1 
ATOM   561  C C   . ILE A 1 73  ? 3.886   -13.494 4.551   1.00 20.35 ? 100 ILE A C   1 
ATOM   562  O O   . ILE A 1 73  ? 4.644   -13.629 3.547   1.00 21.98 ? 100 ILE A O   1 
ATOM   563  C CB  . ILE A 1 73  ? 1.829   -15.009 4.869   1.00 23.59 ? 100 ILE A CB  1 
ATOM   564  C CG1 . ILE A 1 73  ? 1.455   -16.395 5.489   1.00 27.03 ? 100 ILE A CG1 1 
ATOM   565  C CG2 . ILE A 1 73  ? 1.631   -14.987 3.370   1.00 24.32 ? 100 ILE A CG2 1 
ATOM   566  C CD1 . ILE A 1 73  ? 0.002   -16.696 5.688   1.00 29.36 ? 100 ILE A CD1 1 
ATOM   567  N N   . ILE A 1 74  ? 3.586   -12.316 5.089   1.00 18.22 ? 101 ILE A N   1 
ATOM   568  C CA  . ILE A 1 74  ? 3.965   -11.048 4.442   1.00 17.32 ? 101 ILE A CA  1 
ATOM   569  C C   . ILE A 1 74  ? 5.198   -10.457 5.089   1.00 20.54 ? 101 ILE A C   1 
ATOM   570  O O   . ILE A 1 74  ? 5.111   -9.989  6.222   1.00 18.87 ? 101 ILE A O   1 
ATOM   571  C CB  . ILE A 1 74  ? 2.782   -10.065 4.505   1.00 16.67 ? 101 ILE A CB  1 
ATOM   572  C CG1 . ILE A 1 74  ? 1.562   -10.672 3.753   1.00 16.84 ? 101 ILE A CG1 1 
ATOM   573  C CG2 . ILE A 1 74  ? 3.171   -8.724  3.956   1.00 16.32 ? 101 ILE A CG2 1 
ATOM   574  C CD1 . ILE A 1 74  ? 1.837   -11.101 2.321   1.00 18.00 ? 101 ILE A CD1 1 
ATOM   575  N N   . LYS A 1 75  ? 6.334   -10.478 4.379   1.00 21.70 ? 102 LYS A N   1 
ATOM   576  C CA  . LYS A 1 75  ? 7.561   -9.865  4.928   1.00 26.25 ? 102 LYS A CA  1 
ATOM   577  C C   . LYS A 1 75  ? 7.761   -8.375  4.697   1.00 21.05 ? 102 LYS A C   1 
ATOM   578  O O   . LYS A 1 75  ? 8.535   -7.785  5.411   1.00 21.20 ? 102 LYS A O   1 
ATOM   579  C CB  . LYS A 1 75  ? 8.851   -10.603 4.509   1.00 31.08 ? 102 LYS A CB  1 
ATOM   580  C CG  . LYS A 1 75  ? 9.030   -10.921 3.044   1.00 37.12 ? 102 LYS A CG  1 
ATOM   581  C CD  . LYS A 1 75  ? 8.730   -12.396 2.759   1.00 43.80 ? 102 LYS A CD  1 
ATOM   582  C CE  . LYS A 1 75  ? 9.837   -13.329 3.243   1.00 47.53 ? 102 LYS A CE  1 
ATOM   583  N NZ  . LYS A 1 75  ? 9.361   -14.746 3.257   1.00 49.89 ? 102 LYS A NZ  1 
ATOM   584  N N   . THR A 1 76  ? 7.084   -7.783  3.709   1.00 18.71 ? 103 THR A N   1 
ATOM   585  C CA  . THR A 1 76  ? 7.303   -6.420  3.308   1.00 19.81 ? 103 THR A CA  1 
ATOM   586  C C   . THR A 1 76  ? 5.919   -5.809  3.236   1.00 18.18 ? 103 THR A C   1 
ATOM   587  O O   . THR A 1 76  ? 5.369   -5.686  2.167   1.00 17.27 ? 103 THR A O   1 
ATOM   588  C CB  . THR A 1 76  ? 8.004   -6.319  1.932   1.00 21.49 ? 103 THR A CB  1 
ATOM   589  O OG1 . THR A 1 76  ? 9.218   -7.075  1.952   1.00 24.43 ? 103 THR A OG1 1 
ATOM   590  C CG2 . THR A 1 76  ? 8.278   -4.871  1.594   1.00 22.79 ? 103 THR A CG2 1 
ATOM   591  N N   . PRO A 1 77  ? 5.363   -5.432  4.375   1.00 17.40 ? 104 PRO A N   1 
ATOM   592  C CA  . PRO A 1 77  ? 4.038   -4.802  4.313   1.00 17.77 ? 104 PRO A CA  1 
ATOM   593  C C   . PRO A 1 77  ? 4.034   -3.448  3.606   1.00 14.62 ? 104 PRO A C   1 
ATOM   594  O O   . PRO A 1 77  ? 5.002   -2.713  3.634   1.00 15.97 ? 104 PRO A O   1 
ATOM   595  C CB  . PRO A 1 77  ? 3.639   -4.612  5.765   1.00 19.80 ? 104 PRO A CB  1 
ATOM   596  C CG  . PRO A 1 77  ? 4.885   -4.714  6.555   1.00 21.18 ? 104 PRO A CG  1 
ATOM   597  C CD  . PRO A 1 77  ? 5.923   -5.454  5.744   1.00 19.92 ? 104 PRO A CD  1 
ATOM   598  N N   . MET A 1 78  ? 2.906   -3.131  3.007   1.00 15.29 ? 105 MET A N   1 
ATOM   599  C CA  . MET A 1 78  ? 2.719   -1.847  2.368   1.00 14.03 ? 105 MET A CA  1 
ATOM   600  C C   . MET A 1 78  ? 1.243   -1.544  2.258   1.00 14.44 ? 105 MET A C   1 
ATOM   601  O O   . MET A 1 78  ? 0.440   -2.453  2.152   1.00 16.29 ? 105 MET A O   1 
ATOM   602  C CB  . MET A 1 78  ? 3.394   -1.817  1.015   1.00 14.16 ? 105 MET A CB  1 
ATOM   603  C CG  . MET A 1 78  ? 3.407   -0.437  0.340   1.00 14.77 ? 105 MET A CG  1 
ATOM   604  S SD  . MET A 1 78  ? 4.130   0.903   1.341   1.00 15.56 ? 105 MET A SD  1 
ATOM   605  C CE  . MET A 1 78  ? 5.729   0.262   1.871   1.00 16.77 ? 105 MET A CE  1 
ATOM   606  N N   . ASP A 1 79  ? 0.917   -0.265  2.308   1.00 15.43 ? 106 ASP A N   1 
ATOM   607  C CA  . ASP A 1 79  ? -0.451  0.194   2.280   1.00 14.64 ? 106 ASP A CA  1 
ATOM   608  C C   . ASP A 1 79  ? -0.460  1.602   1.640   1.00 14.35 ? 106 ASP A C   1 
ATOM   609  O O   . ASP A 1 79  ? 0.584   2.269   1.554   1.00 13.77 ? 106 ASP A O   1 
ATOM   610  C CB  . ASP A 1 79  ? -1.010  0.248   3.707   1.00 14.88 ? 106 ASP A CB  1 
ATOM   611  C CG  . ASP A 1 79  ? -0.325  1.294   4.539   1.00 15.95 ? 106 ASP A CG  1 
ATOM   612  O OD1 . ASP A 1 79  ? 0.756   1.037   5.082   1.00 15.93 ? 106 ASP A OD1 1 
ATOM   613  O OD2 . ASP A 1 79  ? -0.869  2.419   4.603   1.00 15.72 ? 106 ASP A OD2 1 
ATOM   614  N N   . MET A 1 80  ? -1.617  2.047   1.218   1.00 13.90 ? 107 MET A N   1 
ATOM   615  C CA  . MET A 1 80  ? -1.767  3.324   0.526   1.00 15.25 ? 107 MET A CA  1 
ATOM   616  C C   . MET A 1 80  ? -1.560  4.521   1.440   1.00 14.94 ? 107 MET A C   1 
ATOM   617  O O   . MET A 1 80  ? -1.210  5.591   0.958   1.00 15.00 ? 107 MET A O   1 
ATOM   618  C CB  . MET A 1 80  ? -3.161  3.505   -0.102  1.00 18.04 ? 107 MET A CB  1 
ATOM   619  C CG  . MET A 1 80  ? -3.410  2.621   -1.268  1.00 20.37 ? 107 MET A CG  1 
ATOM   620  S SD  . MET A 1 80  ? -4.471  3.369   -2.511  1.00 23.76 ? 107 MET A SD  1 
ATOM   621  C CE  . MET A 1 80  ? -5.867  3.374   -1.465  1.00 20.76 ? 107 MET A CE  1 
ATOM   622  N N   . GLY A 1 81  ? -1.810  4.363   2.748   1.00 14.54 ? 108 GLY A N   1 
ATOM   623  C CA  . GLY A 1 81  ? -1.544  5.459   3.721   1.00 15.26 ? 108 GLY A CA  1 
ATOM   624  C C   . GLY A 1 81  ? -0.038  5.762   3.767   1.00 15.26 ? 108 GLY A C   1 
ATOM   625  O O   . GLY A 1 81  ? 0.399   6.907   3.757   1.00 14.52 ? 108 GLY A O   1 
ATOM   626  N N   . THR A 1 82  ? 0.751   4.687   3.866   1.00 14.75 ? 109 THR A N   1 
ATOM   627  C CA  . THR A 1 82  ? 2.229   4.806   3.812   1.00 13.82 ? 109 THR A CA  1 
ATOM   628  C C   . THR A 1 82  ? 2.681   5.439   2.513   1.00 13.57 ? 109 THR A C   1 
ATOM   629  O O   . THR A 1 82  ? 3.505   6.321   2.531   1.00 13.39 ? 109 THR A O   1 
ATOM   630  C CB  . THR A 1 82  ? 2.869   3.422   3.992   1.00 14.29 ? 109 THR A CB  1 
ATOM   631  O OG1 . THR A 1 82  ? 2.546   2.949   5.308   1.00 15.83 ? 109 THR A OG1 1 
ATOM   632  C CG2 . THR A 1 82  ? 4.336   3.453   3.845   1.00 14.76 ? 109 THR A CG2 1 
ATOM   633  N N   . ILE A 1 83  ? 2.103   5.009   1.392   1.00 13.09 ? 110 ILE A N   1 
ATOM   634  C CA  . ILE A 1 83  ? 2.491   5.544   0.084   1.00 13.87 ? 110 ILE A CA  1 
ATOM   635  C C   . ILE A 1 83  ? 2.159   7.017   -0.016  1.00 13.48 ? 110 ILE A C   1 
ATOM   636  O O   . ILE A 1 83  ? 2.970   7.821   -0.482  1.00 14.18 ? 110 ILE A O   1 
ATOM   637  C CB  . ILE A 1 83  ? 1.798   4.782   -1.052  1.00 14.31 ? 110 ILE A CB  1 
ATOM   638  C CG1 . ILE A 1 83  ? 2.380   3.357   -1.125  1.00 14.18 ? 110 ILE A CG1 1 
ATOM   639  C CG2 . ILE A 1 83  ? 1.996   5.479   -2.365  1.00 15.49 ? 110 ILE A CG2 1 
ATOM   640  C CD1 . ILE A 1 83  ? 1.606   2.414   -2.047  1.00 14.22 ? 110 ILE A CD1 1 
ATOM   641  N N   . LYS A 1 84  ? 0.935   7.348   0.385   1.00 14.34 ? 111 LYS A N   1 
ATOM   642  C CA  . LYS A 1 84  ? 0.477   8.746   0.410   1.00 15.06 ? 111 LYS A CA  1 
ATOM   643  C C   . LYS A 1 84  ? 1.453   9.602   1.225   1.00 15.38 ? 111 LYS A C   1 
ATOM   644  O O   . LYS A 1 84  ? 1.893   10.623  0.741   1.00 15.38 ? 111 LYS A O   1 
ATOM   645  C CB  . LYS A 1 84  ? -0.912  8.855   1.048   1.00 17.24 ? 111 LYS A CB  1 
ATOM   646  C CG  . LYS A 1 84  ? -1.518  10.241  1.021   1.00 18.17 ? 111 LYS A CG  1 
ATOM   647  C CD  . LYS A 1 84  ? -2.926  10.214  1.558   1.00 19.84 ? 111 LYS A CD  1 
ATOM   648  C CE  . LYS A 1 84  ? -3.596  11.557  1.398   1.00 23.47 ? 111 LYS A CE  1 
ATOM   649  N NZ  . LYS A 1 84  ? -3.248  12.470  2.486   1.00 23.88 ? 111 LYS A NZ  1 
ATOM   650  N N   . LYS A 1 85  ? 1.793   9.166   2.430   1.00 15.12 ? 112 LYS A N   1 
ATOM   651  C CA  . LYS A 1 85  ? 2.737   9.914   3.285   1.00 16.47 ? 112 LYS A CA  1 
ATOM   652  C C   . LYS A 1 85  ? 4.136   10.026  2.657   1.00 15.10 ? 112 LYS A C   1 
ATOM   653  O O   . LYS A 1 85  ? 4.764   11.105  2.650   1.00 16.09 ? 112 LYS A O   1 
ATOM   654  C CB  . LYS A 1 85  ? 2.800   9.302   4.683   1.00 19.04 ? 112 LYS A CB  1 
ATOM   655  C CG  . LYS A 1 85  ? 1.528   9.440   5.487   1.00 21.47 ? 112 LYS A CG  1 
ATOM   656  C CD  . LYS A 1 85  ? 1.666   8.644   6.774   1.00 27.02 ? 112 LYS A CD  1 
ATOM   657  C CE  . LYS A 1 85  ? 0.402   8.641   7.625   1.00 33.42 ? 112 LYS A CE  1 
ATOM   658  N NZ  . LYS A 1 85  ? 0.727   7.977   8.920   1.00 37.48 ? 112 LYS A NZ  1 
ATOM   659  N N   . ARG A 1 86  ? 4.614   8.946   2.054   1.00 13.45 ? 113 ARG A N   1 
ATOM   660  C CA  . ARG A 1 86  ? 5.907   8.967   1.371   1.00 13.83 ? 113 ARG A CA  1 
ATOM   661  C C   . ARG A 1 86  ? 5.923   9.974   0.229   1.00 14.65 ? 113 ARG A C   1 
ATOM   662  O O   . ARG A 1 86  ? 6.899   10.688  0.058   1.00 15.04 ? 113 ARG A O   1 
ATOM   663  C CB  . ARG A 1 86  ? 6.262   7.564   0.815   1.00 14.05 ? 113 ARG A CB  1 
ATOM   664  C CG  . ARG A 1 86  ? 6.741   6.629   1.908   1.00 12.85 ? 113 ARG A CG  1 
ATOM   665  C CD  . ARG A 1 86  ? 7.008   5.219   1.472   1.00 13.19 ? 113 ARG A CD  1 
ATOM   666  N NE  . ARG A 1 86  ? 7.637   4.469   2.542   1.00 14.24 ? 113 ARG A NE  1 
ATOM   667  C CZ  . ARG A 1 86  ? 8.261   3.300   2.437   1.00 15.05 ? 113 ARG A CZ  1 
ATOM   668  N NH1 . ARG A 1 86  ? 8.344   2.653   1.282   1.00 16.18 ? 113 ARG A NH1 1 
ATOM   669  N NH2 . ARG A 1 86  ? 8.826   2.759   3.518   1.00 16.87 ? 113 ARG A NH2 1 
ATOM   670  N N   . LEU A 1 87  ? 4.828   10.067  -0.517  1.00 13.91 ? 114 LEU A N   1 
ATOM   671  C CA  . LEU A 1 87  ? 4.723   11.077  -1.597  1.00 14.73 ? 114 LEU A CA  1 
ATOM   672  C C   . LEU A 1 87  ? 4.682   12.488  -1.049  1.00 15.97 ? 114 LEU A C   1 
ATOM   673  O O   . LEU A 1 87  ? 5.409   13.382  -1.519  1.00 17.59 ? 114 LEU A O   1 
ATOM   674  C CB  . LEU A 1 87  ? 3.511   10.805  -2.502  1.00 14.61 ? 114 LEU A CB  1 
ATOM   675  C CG  . LEU A 1 87  ? 3.644   9.641   -3.509  1.00 14.65 ? 114 LEU A CG  1 
ATOM   676  C CD1 . LEU A 1 87  ? 2.268   9.161   -3.992  1.00 15.43 ? 114 LEU A CD1 1 
ATOM   677  C CD2 . LEU A 1 87  ? 4.608   10.046  -4.644  1.00 16.60 ? 114 LEU A CD2 1 
ATOM   678  N N   . GLU A 1 88  ? 3.865   12.689  -0.023  1.00 17.05 ? 115 GLU A N   1 
ATOM   679  C CA  . GLU A 1 88  ? 3.716   14.022  0.594   1.00 18.90 ? 115 GLU A CA  1 
ATOM   680  C C   . GLU A 1 88  ? 5.024   14.470  1.225   1.00 18.69 ? 115 GLU A C   1 
ATOM   681  O O   . GLU A 1 88  ? 5.367   15.670  1.154   1.00 21.22 ? 115 GLU A O   1 
ATOM   682  C CB  . GLU A 1 88  ? 2.615   13.967  1.621   1.00 18.71 ? 115 GLU A CB  1 
ATOM   683  C CG  . GLU A 1 88  ? 1.235   13.848  1.049   1.00 20.12 ? 115 GLU A CG  1 
ATOM   684  C CD  . GLU A 1 88  ? 0.189   13.392  2.071   1.00 20.12 ? 115 GLU A CD  1 
ATOM   685  O OE1 . GLU A 1 88  ? 0.527   12.911  3.200   1.00 23.65 ? 115 GLU A OE1 1 
ATOM   686  O OE2 . GLU A 1 88  ? -0.992  13.500  1.715   1.00 25.87 ? 115 GLU A OE2 1 
ATOM   687  N N   . ASN A 1 89  ? 5.788   13.518  1.777   1.00 18.95 ? 116 ASN A N   1 
ATOM   688  C CA  . ASN A 1 89  ? 7.072   13.805  2.428   1.00 19.21 ? 116 ASN A CA  1 
ATOM   689  C C   . ASN A 1 89  ? 8.290   13.780  1.470   1.00 21.60 ? 116 ASN A C   1 
ATOM   690  O O   . ASN A 1 89  ? 9.414   13.932  1.910   1.00 21.58 ? 116 ASN A O   1 
ATOM   691  C CB  . ASN A 1 89  ? 7.268   12.845  3.572   1.00 19.31 ? 116 ASN A CB  1 
ATOM   692  C CG  . ASN A 1 89  ? 6.094   12.874  4.583   1.00 19.11 ? 116 ASN A CG  1 
ATOM   693  O OD1 . ASN A 1 89  ? 5.241   13.779  4.568   1.00 19.48 ? 116 ASN A OD1 1 
ATOM   694  N ND2 . ASN A 1 89  ? 6.016   11.876  5.407   1.00 19.25 ? 116 ASN A ND2 1 
ATOM   695  N N   . ASN A 1 90  ? 8.056   13.553  0.176   1.00 22.82 ? 117 ASN A N   1 
ATOM   696  C CA  . ASN A 1 90  ? 9.135   13.421  -0.836  1.00 24.21 ? 117 ASN A CA  1 
ATOM   697  C C   . ASN A 1 90  ? 10.164  12.323  -0.489  1.00 23.25 ? 117 ASN A C   1 
ATOM   698  O O   . ASN A 1 90  ? 11.380  12.479  -0.664  1.00 23.79 ? 117 ASN A O   1 
ATOM   699  C CB  . ASN A 1 90  ? 9.792   14.783  -1.103  1.00 25.87 ? 117 ASN A CB  1 
ATOM   700  C CG  . ASN A 1 90  ? 10.520  14.837  -2.440  1.00 28.30 ? 117 ASN A CG  1 
ATOM   701  O OD1 . ASN A 1 90  ? 11.711  15.056  -2.452  1.00 29.45 ? 117 ASN A OD1 1 
ATOM   702  N ND2 . ASN A 1 90  ? 9.821   14.597  -3.567  1.00 31.22 ? 117 ASN A ND2 1 
ATOM   703  N N   . TYR A 1 91  ? 9.678   11.213  0.040   1.00 19.82 ? 118 TYR A N   1 
ATOM   704  C CA  . TYR A 1 91  ? 10.522  10.095  0.389   1.00 19.86 ? 118 TYR A CA  1 
ATOM   705  C C   . TYR A 1 91  ? 11.171  9.432   -0.828  1.00 18.37 ? 118 TYR A C   1 
ATOM   706  O O   . TYR A 1 91  ? 12.244  8.868   -0.730  1.00 21.03 ? 118 TYR A O   1 
ATOM   707  C CB  . TYR A 1 91  ? 9.673   9.069   1.136   1.00 18.60 ? 118 TYR A CB  1 
ATOM   708  C CG  . TYR A 1 91  ? 10.332  7.808   1.585   1.00 19.53 ? 118 TYR A CG  1 
ATOM   709  C CD1 . TYR A 1 91  ? 10.935  7.749   2.821   1.00 19.88 ? 118 TYR A CD1 1 
ATOM   710  C CD2 . TYR A 1 91  ? 10.314  6.640   0.782   1.00 18.98 ? 118 TYR A CD2 1 
ATOM   711  C CE1 . TYR A 1 91  ? 11.486  6.548   3.277   1.00 20.76 ? 118 TYR A CE1 1 
ATOM   712  C CE2 . TYR A 1 91  ? 10.870  5.457   1.235   1.00 20.75 ? 118 TYR A CE2 1 
ATOM   713  C CZ  . TYR A 1 91  ? 11.476  5.454   2.472   1.00 21.78 ? 118 TYR A CZ  1 
ATOM   714  O OH  . TYR A 1 91  ? 12.042  4.337   2.962   1.00 25.64 ? 118 TYR A OH  1 
ATOM   715  N N   . TYR A 1 92  ? 10.477  9.464   -1.956  1.00 18.92 ? 119 TYR A N   1 
ATOM   716  C CA  . TYR A 1 92  ? 10.911  8.743   -3.142  1.00 18.55 ? 119 TYR A CA  1 
ATOM   717  C C   . TYR A 1 92  ? 11.859  9.574   -3.997  1.00 19.65 ? 119 TYR A C   1 
ATOM   718  O O   . TYR A 1 92  ? 11.646  10.771  -4.218  1.00 21.37 ? 119 TYR A O   1 
ATOM   719  C CB  . TYR A 1 92  ? 9.716   8.393   -3.989  1.00 19.09 ? 119 TYR A CB  1 
ATOM   720  C CG  . TYR A 1 92  ? 8.697   7.505   -3.361  1.00 16.10 ? 119 TYR A CG  1 
ATOM   721  C CD1 . TYR A 1 92  ? 8.999   6.187   -3.029  1.00 16.77 ? 119 TYR A CD1 1 
ATOM   722  C CD2 . TYR A 1 92  ? 7.394   7.932   -3.141  1.00 16.13 ? 119 TYR A CD2 1 
ATOM   723  C CE1 . TYR A 1 92  ? 8.065   5.351   -2.469  1.00 16.03 ? 119 TYR A CE1 1 
ATOM   724  C CE2 . TYR A 1 92  ? 6.455   7.099   -2.565  1.00 16.26 ? 119 TYR A CE2 1 
ATOM   725  C CZ  . TYR A 1 92  ? 6.766   5.816   -2.242  1.00 16.09 ? 119 TYR A CZ  1 
ATOM   726  O OH  . TYR A 1 92  ? 5.872   4.958   -1.737  1.00 15.32 ? 119 TYR A OH  1 
ATOM   727  N N   . TRP A 1 93  ? 12.867  8.904   -4.540  1.00 17.81 ? 120 TRP A N   1 
ATOM   728  C CA  . TRP A 1 93  ? 13.712  9.486   -5.592  1.00 20.23 ? 120 TRP A CA  1 
ATOM   729  C C   . TRP A 1 93  ? 13.066  9.574   -6.963  1.00 20.90 ? 120 TRP A C   1 
ATOM   730  O O   . TRP A 1 93  ? 13.378  10.484  -7.738  1.00 21.38 ? 120 TRP A O   1 
ATOM   731  C CB  . TRP A 1 93  ? 14.952  8.652   -5.743  1.00 19.16 ? 120 TRP A CB  1 
ATOM   732  C CG  . TRP A 1 93  ? 15.863  8.660   -4.568  1.00 19.67 ? 120 TRP A CG  1 
ATOM   733  C CD1 . TRP A 1 93  ? 15.947  7.724   -3.574  1.00 20.53 ? 120 TRP A CD1 1 
ATOM   734  C CD2 . TRP A 1 93  ? 16.867  9.641   -4.275  1.00 20.13 ? 120 TRP A CD2 1 
ATOM   735  N NE1 . TRP A 1 93  ? 16.932  8.076   -2.692  1.00 20.04 ? 120 TRP A NE1 1 
ATOM   736  C CE2 . TRP A 1 93  ? 17.532  9.225   -3.118  1.00 21.15 ? 120 TRP A CE2 1 
ATOM   737  C CE3 . TRP A 1 93  ? 17.290  10.815  -4.915  1.00 21.46 ? 120 TRP A CE3 1 
ATOM   738  C CZ2 . TRP A 1 93  ? 18.575  9.975   -2.539  1.00 21.53 ? 120 TRP A CZ2 1 
ATOM   739  C CZ3 . TRP A 1 93  ? 18.297  11.525  -4.375  1.00 22.35 ? 120 TRP A CZ3 1 
ATOM   740  C CH2 . TRP A 1 93  ? 18.946  11.106  -3.200  1.00 21.66 ? 120 TRP A CH2 1 
ATOM   741  N N   . ASN A 1 94  ? 12.190  8.643   -7.301  1.00 18.62 ? 121 ASN A N   1 
ATOM   742  C CA  . ASN A 1 94  ? 11.628  8.634   -8.636  1.00 20.52 ? 121 ASN A CA  1 
ATOM   743  C C   . ASN A 1 94  ? 10.295  7.918   -8.610  1.00 20.14 ? 121 ASN A C   1 
ATOM   744  O O   . ASN A 1 94  ? 9.901   7.368   -7.574  1.00 18.21 ? 121 ASN A O   1 
ATOM   745  C CB  . ASN A 1 94  ? 12.621  8.010   -9.647  1.00 21.38 ? 121 ASN A CB  1 
ATOM   746  C CG  . ASN A 1 94  ? 13.003  6.583   -9.291  1.00 22.75 ? 121 ASN A CG  1 
ATOM   747  O OD1 . ASN A 1 94  ? 12.148  5.771   -8.945  1.00 20.84 ? 121 ASN A OD1 1 
ATOM   748  N ND2 . ASN A 1 94  ? 14.286  6.260   -9.402  1.00 24.82 ? 121 ASN A ND2 1 
ATOM   749  N N   . ALA A 1 95  ? 9.614   7.942   -9.750  1.00 21.94 ? 122 ALA A N   1 
ATOM   750  C CA  . ALA A 1 95  ? 8.303   7.297   -9.920  1.00 21.43 ? 122 ALA A CA  1 
ATOM   751  C C   . ALA A 1 95  ? 8.351   5.807   -9.730  1.00 19.53 ? 122 ALA A C   1 
ATOM   752  O O   . ALA A 1 95  ? 7.453   5.258   -9.102  1.00 19.88 ? 122 ALA A O   1 
ATOM   753  C CB  . ALA A 1 95  ? 7.732   7.623   -11.306 1.00 22.77 ? 122 ALA A CB  1 
ATOM   754  N N   . GLN A 1 96  ? 9.386   5.165   -10.256 1.00 19.99 ? 123 GLN A N   1 
ATOM   755  C CA  . GLN A 1 96  ? 9.581   3.728   -10.173 1.00 21.65 ? 123 GLN A CA  1 
ATOM   756  C C   . GLN A 1 96  ? 9.515   3.217   -8.733  1.00 19.65 ? 123 GLN A C   1 
ATOM   757  O O   . GLN A 1 96  ? 8.950   2.180   -8.486  1.00 18.44 ? 123 GLN A O   1 
ATOM   758  C CB  . GLN A 1 96  ? 10.924  3.278   -10.763 1.00 26.21 ? 123 GLN A CB  1 
ATOM   759  C CG  . GLN A 1 96  ? 11.087  3.573   -12.249 1.00 32.83 ? 123 GLN A CG  1 
ATOM   760  C CD  . GLN A 1 96  ? 11.876  4.847   -12.516 1.00 34.88 ? 123 GLN A CD  1 
ATOM   761  O OE1 . GLN A 1 96  ? 11.376  5.956   -12.300 1.00 34.68 ? 123 GLN A OE1 1 
ATOM   762  N NE2 . GLN A 1 96  ? 13.114  4.697   -12.989 1.00 37.99 ? 123 GLN A NE2 1 
ATOM   763  N N   . GLU A 1 97  ? 10.128  3.952   -7.809  1.00 17.33 ? 124 GLU A N   1 
ATOM   764  C CA  . GLU A 1 97  ? 10.148  3.548   -6.419  1.00 17.43 ? 124 GLU A CA  1 
ATOM   765  C C   . GLU A 1 97  ? 8.759   3.564   -5.825  1.00 15.86 ? 124 GLU A C   1 
ATOM   766  O O   . GLU A 1 97  ? 8.435   2.656   -5.066  1.00 14.84 ? 124 GLU A O   1 
ATOM   767  C CB  . GLU A 1 97  ? 11.047  4.455   -5.579  1.00 19.16 ? 124 GLU A CB  1 
ATOM   768  C CG  . GLU A 1 97  ? 12.543  4.190   -5.708  1.00 21.89 ? 124 GLU A CG  1 
ATOM   769  C CD  . GLU A 1 97  ? 13.367  4.973   -4.721  1.00 22.92 ? 124 GLU A CD  1 
ATOM   770  O OE1 . GLU A 1 97  ? 12.931  6.037   -4.251  1.00 26.66 ? 124 GLU A OE1 1 
ATOM   771  O OE2 . GLU A 1 97  ? 14.483  4.543   -4.401  1.00 26.32 ? 124 GLU A OE2 1 
ATOM   772  N N   . CYS A 1 98  ? 7.948   4.562   -6.191  1.00 15.36 ? 125 CYS A N   1 
ATOM   773  C CA  . CYS A 1 98  ? 6.557   4.683   -5.739  1.00 15.35 ? 125 CYS A CA  1 
ATOM   774  C C   . CYS A 1 98  ? 5.711   3.553   -6.360  1.00 16.10 ? 125 CYS A C   1 
ATOM   775  O O   . CYS A 1 98  ? 4.930   2.894   -5.686  1.00 15.26 ? 125 CYS A O   1 
ATOM   776  C CB  . CYS A 1 98  ? 6.015   6.062   -6.130  1.00 16.34 ? 125 CYS A CB  1 
ATOM   777  S SG  . CYS A 1 98  ? 4.293   6.267   -5.687  1.00 17.51 ? 125 CYS A SG  1 
ATOM   778  N N   . ILE A 1 99  ? 5.922   3.296   -7.663  1.00 15.51 ? 126 ILE A N   1 
ATOM   779  C CA  . ILE A 1 99  ? 5.207   2.231   -8.338  1.00 15.43 ? 126 ILE A CA  1 
ATOM   780  C C   . ILE A 1 99  ? 5.511   0.877   -7.704  1.00 15.79 ? 126 ILE A C   1 
ATOM   781  O O   . ILE A 1 99  ? 4.608   0.056   -7.513  1.00 14.43 ? 126 ILE A O   1 
ATOM   782  C CB  . ILE A 1 99  ? 5.522   2.255   -9.858  1.00 16.99 ? 126 ILE A CB  1 
ATOM   783  C CG1 . ILE A 1 99  ? 4.936   3.548   -10.438 1.00 17.52 ? 126 ILE A CG1 1 
ATOM   784  C CG2 . ILE A 1 99  ? 4.949   1.014   -10.522 1.00 17.01 ? 126 ILE A CG2 1 
ATOM   785  C CD1 . ILE A 1 99  ? 5.338   3.894   -11.853 1.00 19.63 ? 126 ILE A CD1 1 
ATOM   786  N N   . GLN A 1 100 ? 6.764   0.693   -7.323  1.00 14.94 ? 127 GLN A N   1 
ATOM   787  C CA  . GLN A 1 100 ? 7.165   -0.526  -6.618  1.00 16.29 ? 127 GLN A CA  1 
ATOM   788  C C   . GLN A 1 100 ? 6.362   -0.728  -5.335  1.00 15.61 ? 127 GLN A C   1 
ATOM   789  O O   . GLN A 1 100 ? 5.900   -1.815  -5.081  1.00 16.02 ? 127 GLN A O   1 
ATOM   790  C CB  . GLN A 1 100 ? 8.657   -0.495  -6.322  1.00 18.72 ? 127 GLN A CB  1 
ATOM   791  C CG  . GLN A 1 100 ? 9.157   -1.689  -5.570  1.00 23.04 ? 127 GLN A CG  1 
ATOM   792  C CD  . GLN A 1 100 ? 10.654  -1.802  -5.576  1.00 30.95 ? 127 GLN A CD  1 
ATOM   793  O OE1 . GLN A 1 100 ? 11.242  -2.517  -6.407  1.00 41.10 ? 127 GLN A OE1 1 
ATOM   794  N NE2 . GLN A 1 100 ? 11.297  -1.098  -4.667  1.00 38.05 ? 127 GLN A NE2 1 
ATOM   795  N N   . ASP A 1 101 ? 6.182   0.340   -4.565  1.00 14.48 ? 128 ASP A N   1 
ATOM   796  C CA  . ASP A 1 101 ? 5.380   0.218   -3.335  1.00 14.15 ? 128 ASP A CA  1 
ATOM   797  C C   . ASP A 1 101 ? 3.910   -0.111  -3.634  1.00 13.30 ? 128 ASP A C   1 
ATOM   798  O O   . ASP A 1 101 ? 3.326   -0.943  -2.952  1.00 12.88 ? 128 ASP A O   1 
ATOM   799  C CB  . ASP A 1 101 ? 5.464   1.484   -2.489  1.00 14.79 ? 128 ASP A CB  1 
ATOM   800  C CG  . ASP A 1 101 ? 6.730   1.571   -1.648  1.00 16.44 ? 128 ASP A CG  1 
ATOM   801  O OD1 . ASP A 1 101 ? 7.562   0.612   -1.583  1.00 17.94 ? 128 ASP A OD1 1 
ATOM   802  O OD2 . ASP A 1 101 ? 6.895   2.644   -1.046  1.00 17.37 ? 128 ASP A OD2 1 
ATOM   803  N N   . PHE A 1 102 ? 3.301   0.504   -4.646  1.00 12.74 ? 129 PHE A N   1 
ATOM   804  C CA  . PHE A 1 102 ? 1.931   0.090   -5.023  1.00 13.68 ? 129 PHE A CA  1 
ATOM   805  C C   . PHE A 1 102 ? 1.901   -1.388  -5.410  1.00 14.06 ? 129 PHE A C   1 
ATOM   806  O O   . PHE A 1 102 ? 1.054   -2.136  -4.931  1.00 14.02 ? 129 PHE A O   1 
ATOM   807  C CB  . PHE A 1 102 ? 1.376   0.900   -6.206  1.00 14.80 ? 129 PHE A CB  1 
ATOM   808  C CG  . PHE A 1 102 ? 0.791   2.233   -5.847  1.00 15.76 ? 129 PHE A CG  1 
ATOM   809  C CD1 . PHE A 1 102 ? -0.504  2.320   -5.298  1.00 17.25 ? 129 PHE A CD1 1 
ATOM   810  C CD2 . PHE A 1 102 ? 1.461   3.408   -6.164  1.00 15.65 ? 129 PHE A CD2 1 
ATOM   811  C CE1 . PHE A 1 102 ? -1.057  3.558   -5.002  1.00 16.96 ? 129 PHE A CE1 1 
ATOM   812  C CE2 . PHE A 1 102 ? 0.907   4.652   -5.864  1.00 16.33 ? 129 PHE A CE2 1 
ATOM   813  C CZ  . PHE A 1 102 ? -0.385  4.708   -5.324  1.00 16.80 ? 129 PHE A CZ  1 
ATOM   814  N N   . ASN A 1 103 ? 2.887   -1.809  -6.193  1.00 14.51 ? 130 ASN A N   1 
ATOM   815  C CA  . ASN A 1 103 ? 2.936   -3.207  -6.590  1.00 16.23 ? 130 ASN A CA  1 
ATOM   816  C C   . ASN A 1 103 ? 3.089   -4.125  -5.368  1.00 14.82 ? 130 ASN A C   1 
ATOM   817  O O   . ASN A 1 103 ? 2.418   -5.122  -5.289  1.00 14.42 ? 130 ASN A O   1 
ATOM   818  C CB  . ASN A 1 103 ? 4.062   -3.459  -7.620  1.00 19.19 ? 130 ASN A CB  1 
ATOM   819  C CG  . ASN A 1 103 ? 3.736   -2.887  -8.984  1.00 21.69 ? 130 ASN A CG  1 
ATOM   820  O OD1 . ASN A 1 103 ? 2.575   -2.790  -9.380  1.00 27.29 ? 130 ASN A OD1 1 
ATOM   821  N ND2 . ASN A 1 103 ? 4.779   -2.523  -9.733  1.00 26.30 ? 130 ASN A ND2 1 
ATOM   822  N N   . THR A 1 104 ? 3.958   -3.778  -4.423  1.00 13.32 ? 131 THR A N   1 
ATOM   823  C CA  . THR A 1 104 ? 4.099   -4.556  -3.196  1.00 13.94 ? 131 THR A CA  1 
ATOM   824  C C   . THR A 1 104 ? 2.758   -4.690  -2.462  1.00 13.17 ? 131 THR A C   1 
ATOM   825  O O   . THR A 1 104 ? 2.384   -5.775  -1.990  1.00 12.88 ? 131 THR A O   1 
ATOM   826  C CB  . THR A 1 104 ? 5.173   -3.960  -2.295  1.00 14.95 ? 131 THR A CB  1 
ATOM   827  O OG1 . THR A 1 104 ? 6.442   -4.017  -3.005  1.00 16.64 ? 131 THR A OG1 1 
ATOM   828  C CG2 . THR A 1 104 ? 5.261   -4.712  -0.985  1.00 16.05 ? 131 THR A CG2 1 
ATOM   829  N N   . MET A 1 105 ? 2.049   -3.566  -2.326  1.00 12.74 ? 132 MET A N   1 
ATOM   830  C CA  . MET A 1 105 ? 0.737   -3.572  -1.656  1.00 13.07 ? 132 MET A CA  1 
ATOM   831  C C   . MET A 1 105 ? -0.215  -4.585  -2.299  1.00 13.36 ? 132 MET A C   1 
ATOM   832  O O   . MET A 1 105 ? -0.827  -5.396  -1.602  1.00 13.39 ? 132 MET A O   1 
ATOM   833  C CB  . MET A 1 105 ? 0.090   -2.170  -1.666  1.00 13.57 ? 132 MET A CB  1 
ATOM   834  C CG  . MET A 1 105 ? -1.284  -2.163  -1.041  1.00 13.85 ? 132 MET A CG  1 
ATOM   835  S SD  . MET A 1 105 ? -2.029  -0.532  -1.195  1.00 15.29 ? 132 MET A SD  1 
ATOM   836  C CE  . MET A 1 105 ? -2.549  -0.617  -2.889  1.00 17.12 ? 132 MET A CE  1 
ATOM   837  N N   . PHE A 1 106 ? -0.300  -4.559  -3.630  1.00 13.37 ? 133 PHE A N   1 
ATOM   838  C CA  . PHE A 1 106 ? -1.198  -5.479  -4.343  1.00 13.39 ? 133 PHE A CA  1 
ATOM   839  C C   . PHE A 1 106 ? -0.717  -6.922  -4.225  1.00 14.10 ? 133 PHE A C   1 
ATOM   840  O O   . PHE A 1 106 ? -1.531  -7.835  -3.921  1.00 13.67 ? 133 PHE A O   1 
ATOM   841  C CB  . PHE A 1 106 ? -1.358  -5.040  -5.807  1.00 13.84 ? 133 PHE A CB  1 
ATOM   842  C CG  . PHE A 1 106 ? -2.192  -3.784  -5.980  1.00 13.50 ? 133 PHE A CG  1 
ATOM   843  C CD1 . PHE A 1 106 ? -3.463  -3.662  -5.407  1.00 14.58 ? 133 PHE A CD1 1 
ATOM   844  C CD2 . PHE A 1 106 ? -1.657  -2.693  -6.679  1.00 14.37 ? 133 PHE A CD2 1 
ATOM   845  C CE1 . PHE A 1 106 ? -4.204  -2.496  -5.543  1.00 16.06 ? 133 PHE A CE1 1 
ATOM   846  C CE2 . PHE A 1 106 ? -2.385  -1.510  -6.791  1.00 14.12 ? 133 PHE A CE2 1 
ATOM   847  C CZ  . PHE A 1 106 ? -3.659  -1.421  -6.242  1.00 14.74 ? 133 PHE A CZ  1 
ATOM   848  N N   . THR A 1 107 ? 0.576   -7.107  -4.404  1.00 13.49 ? 134 THR A N   1 
ATOM   849  C CA  . THR A 1 107 ? 1.183   -8.450  -4.264  1.00 14.45 ? 134 THR A CA  1 
ATOM   850  C C   . THR A 1 107 ? 0.870   -9.062  -2.923  1.00 15.11 ? 134 THR A C   1 
ATOM   851  O O   . THR A 1 107 ? 0.468   -10.214 -2.821  1.00 14.55 ? 134 THR A O   1 
ATOM   852  C CB  . THR A 1 107 ? 2.710   -8.375  -4.452  1.00 14.47 ? 134 THR A CB  1 
ATOM   853  O OG1 . THR A 1 107 ? 2.956   -7.967  -5.821  1.00 15.64 ? 134 THR A OG1 1 
ATOM   854  C CG2 . THR A 1 107 ? 3.407   -9.709  -4.138  1.00 15.54 ? 134 THR A CG2 1 
ATOM   855  N N   . ASN A 1 108 ? 1.062   -8.306  -1.843  1.00 14.09 ? 135 ASN A N   1 
ATOM   856  C CA  . ASN A 1 108 ? 0.746   -8.828  -0.517  1.00 14.53 ? 135 ASN A CA  1 
ATOM   857  C C   . ASN A 1 108 ? -0.695  -9.346  -0.435  1.00 13.63 ? 135 ASN A C   1 
ATOM   858  O O   . ASN A 1 108 ? -0.960  -10.409 0.116   1.00 13.81 ? 135 ASN A O   1 
ATOM   859  C CB  . ASN A 1 108 ? 0.960   -7.763  0.551   1.00 14.36 ? 135 ASN A CB  1 
ATOM   860  C CG  . ASN A 1 108 ? 2.414   -7.409  0.730   1.00 15.04 ? 135 ASN A CG  1 
ATOM   861  O OD1 . ASN A 1 108 ? 3.313   -8.163  0.296   1.00 15.89 ? 135 ASN A OD1 1 
ATOM   862  N ND2 . ASN A 1 108 ? 2.666   -6.255  1.336   1.00 14.22 ? 135 ASN A ND2 1 
ATOM   863  N N   . CYS A 1 109 ? -1.639  -8.586  -0.928  1.00 12.98 ? 136 CYS A N   1 
ATOM   864  C CA  . CYS A 1 109 ? -3.021  -9.027  -0.938  1.00 13.91 ? 136 CYS A CA  1 
ATOM   865  C C   . CYS A 1 109 ? -3.232  -10.357 -1.702  1.00 13.42 ? 136 CYS A C   1 
ATOM   866  O O   . CYS A 1 109 ? -3.898  -11.268 -1.242  1.00 15.25 ? 136 CYS A O   1 
ATOM   867  C CB  . CYS A 1 109 ? -3.913  -7.882  -1.445  1.00 14.77 ? 136 CYS A CB  1 
ATOM   868  S SG  . CYS A 1 109 ? -5.643  -8.205  -1.365  1.00 16.20 ? 136 CYS A SG  1 
ATOM   869  N N   . TYR A 1 110 ? -2.584  -10.470 -2.838  1.00 13.82 ? 137 TYR A N   1 
ATOM   870  C CA  . TYR A 1 110 ? -2.707  -11.636 -3.717  1.00 14.33 ? 137 TYR A CA  1 
ATOM   871  C C   . TYR A 1 110 ? -2.034  -12.881 -3.181  1.00 16.42 ? 137 TYR A C   1 
ATOM   872  O O   . TYR A 1 110 ? -2.391  -14.007 -3.585  1.00 16.85 ? 137 TYR A O   1 
ATOM   873  C CB  . TYR A 1 110 ? -2.188  -11.315 -5.116  1.00 15.64 ? 137 TYR A CB  1 
ATOM   874  C CG  . TYR A 1 110 ? -2.977  -10.251 -5.825  1.00 15.10 ? 137 TYR A CG  1 
ATOM   875  C CD1 . TYR A 1 110 ? -4.362  -10.209 -5.772  1.00 16.94 ? 137 TYR A CD1 1 
ATOM   876  C CD2 . TYR A 1 110 ? -2.335  -9.312  -6.620  1.00 16.37 ? 137 TYR A CD2 1 
ATOM   877  C CE1 . TYR A 1 110 ? -5.045  -9.211  -6.439  1.00 18.17 ? 137 TYR A CE1 1 
ATOM   878  C CE2 . TYR A 1 110 ? -3.030  -8.317  -7.276  1.00 15.69 ? 137 TYR A CE2 1 
ATOM   879  C CZ  . TYR A 1 110 ? -4.381  -8.291  -7.198  1.00 17.19 ? 137 TYR A CZ  1 
ATOM   880  O OH  . TYR A 1 110 ? -5.025  -7.267  -7.903  1.00 19.52 ? 137 TYR A OH  1 
ATOM   881  N N   . ILE A 1 111 ? -1.003  -12.706 -2.344  1.00 15.91 ? 138 ILE A N   1 
ATOM   882  C CA  . ILE A 1 111 ? -0.313  -13.881 -1.822  1.00 17.97 ? 138 ILE A CA  1 
ATOM   883  C C   . ILE A 1 111 ? -0.870  -14.316 -0.486  1.00 18.37 ? 138 ILE A C   1 
ATOM   884  O O   . ILE A 1 111 ? -0.762  -15.508 -0.175  1.00 20.45 ? 138 ILE A O   1 
ATOM   885  C CB  . ILE A 1 111 ? 1.242   -13.745 -1.841  1.00 20.30 ? 138 ILE A CB  1 
ATOM   886  C CG1 . ILE A 1 111 ? 1.768   -12.776 -0.807  1.00 24.15 ? 138 ILE A CG1 1 
ATOM   887  C CG2 . ILE A 1 111 ? 1.753   -13.411 -3.219  1.00 21.85 ? 138 ILE A CG2 1 
ATOM   888  C CD1 . ILE A 1 111 ? 3.296   -12.658 -0.909  1.00 26.03 ? 138 ILE A CD1 1 
ATOM   889  N N   . TYR A 1 112 ? -1.471  -13.413 0.300   1.00 16.41 ? 139 TYR A N   1 
ATOM   890  C CA  . TYR A 1 112 ? -2.019  -13.778 1.611   1.00 15.96 ? 139 TYR A CA  1 
ATOM   891  C C   . TYR A 1 112 ? -3.425  -14.357 1.488   1.00 17.22 ? 139 TYR A C   1 
ATOM   892  O O   . TYR A 1 112 ? -3.753  -15.370 2.117   1.00 18.19 ? 139 TYR A O   1 
ATOM   893  C CB  . TYR A 1 112 ? -2.004  -12.600 2.589   1.00 17.20 ? 139 TYR A CB  1 
ATOM   894  C CG  . TYR A 1 112 ? -2.654  -12.938 3.893   1.00 15.70 ? 139 TYR A CG  1 
ATOM   895  C CD1 . TYR A 1 112 ? -1.978  -13.712 4.816   1.00 17.09 ? 139 TYR A CD1 1 
ATOM   896  C CD2 . TYR A 1 112 ? -3.957  -12.535 4.197   1.00 16.88 ? 139 TYR A CD2 1 
ATOM   897  C CE1 . TYR A 1 112 ? -2.565  -14.067 6.005   1.00 17.60 ? 139 TYR A CE1 1 
ATOM   898  C CE2 . TYR A 1 112 ? -4.565  -12.900 5.382   1.00 18.58 ? 139 TYR A CE2 1 
ATOM   899  C CZ  . TYR A 1 112 ? -3.860  -13.677 6.288   1.00 18.80 ? 139 TYR A CZ  1 
ATOM   900  O OH  . TYR A 1 112 ? -4.516  -14.009 7.439   1.00 22.16 ? 139 TYR A OH  1 
ATOM   901  N N   . ASN A 1 113 ? -4.263  -13.711 0.696   1.00 15.99 ? 140 ASN A N   1 
ATOM   902  C CA  . ASN A 1 113 ? -5.687  -14.085 0.592   1.00 16.31 ? 140 ASN A CA  1 
ATOM   903  C C   . ASN A 1 113 ? -5.899  -15.083 -0.525  1.00 17.27 ? 140 ASN A C   1 
ATOM   904  O O   . ASN A 1 113 ? -5.205  -15.081 -1.498  1.00 19.53 ? 140 ASN A O   1 
ATOM   905  C CB  . ASN A 1 113 ? -6.515  -12.842 0.356   1.00 15.65 ? 140 ASN A CB  1 
ATOM   906  C CG  . ASN A 1 113 ? -6.305  -11.829 1.441   1.00 15.53 ? 140 ASN A CG  1 
ATOM   907  O OD1 . ASN A 1 113 ? -6.917  -11.924 2.528   1.00 16.39 ? 140 ASN A OD1 1 
ATOM   908  N ND2 . ASN A 1 113 ? -5.439  -10.820 1.156   1.00 14.92 ? 140 ASN A ND2 1 
ATOM   909  N N   . LYS A 1 114 ? -6.925  -15.909 -0.401  1.00 20.37 ? 141 LYS A N   1 
ATOM   910  C CA  . LYS A 1 114 ? -7.222  -16.876 -1.457  1.00 23.23 ? 141 LYS A CA  1 
ATOM   911  C C   . LYS A 1 114 ? -7.808  -16.225 -2.690  1.00 22.90 ? 141 LYS A C   1 
ATOM   912  O O   . LYS A 1 114 ? -8.552  -15.251 -2.575  1.00 21.53 ? 141 LYS A O   1 
ATOM   913  C CB  . LYS A 1 114 ? -8.212  -17.898 -0.963  1.00 25.73 ? 141 LYS A CB  1 
ATOM   914  C CG  . LYS A 1 114 ? -7.778  -18.584 0.291   1.00 28.68 ? 141 LYS A CG  1 
ATOM   915  C CD  . LYS A 1 114 ? -6.680  -19.573 0.061   1.00 33.76 ? 141 LYS A CD  1 
ATOM   916  C CE  . LYS A 1 114 ? -6.496  -20.347 1.360   1.00 36.36 ? 141 LYS A CE  1 
ATOM   917  N NZ  . LYS A 1 114 ? -5.264  -21.160 1.296   1.00 41.58 ? 141 LYS A NZ  1 
ATOM   918  N N   . PRO A 1 115 ? -7.505  -16.756 -3.895  1.00 23.56 ? 142 PRO A N   1 
ATOM   919  C CA  . PRO A 1 115 ? -8.152  -16.218 -5.078  1.00 25.28 ? 142 PRO A CA  1 
ATOM   920  C C   . PRO A 1 115 ? -9.655  -16.296 -4.914  1.00 25.72 ? 142 PRO A C   1 
ATOM   921  O O   . PRO A 1 115 ? -10.164 -17.244 -4.264  1.00 26.41 ? 142 PRO A O   1 
ATOM   922  C CB  . PRO A 1 115 ? -7.696  -17.180 -6.210  1.00 25.29 ? 142 PRO A CB  1 
ATOM   923  C CG  . PRO A 1 115 ? -6.429  -17.761 -5.698  1.00 25.60 ? 142 PRO A CG  1 
ATOM   924  C CD  . PRO A 1 115 ? -6.677  -17.943 -4.229  1.00 26.06 ? 142 PRO A CD  1 
ATOM   925  N N   . GLY A 1 116 ? -10.320 -15.264 -5.407  1.00 24.42 ? 143 GLY A N   1 
ATOM   926  C CA  . GLY A 1 116 ? -11.748 -15.125 -5.282  1.00 24.28 ? 143 GLY A CA  1 
ATOM   927  C C   . GLY A 1 116 ? -12.249 -14.486 -3.990  1.00 23.43 ? 143 GLY A C   1 
ATOM   928  O O   . GLY A 1 116 ? -13.432 -14.139 -3.912  1.00 23.00 ? 143 GLY A O   1 
ATOM   929  N N   . ASP A 1 117 ? -11.363 -14.300 -2.990  1.00 19.89 ? 144 ASP A N   1 
ATOM   930  C CA  . ASP A 1 117 ? -11.764 -13.650 -1.748  1.00 19.33 ? 144 ASP A CA  1 
ATOM   931  C C   . ASP A 1 117 ? -12.206 -12.260 -2.097  1.00 18.84 ? 144 ASP A C   1 
ATOM   932  O O   . ASP A 1 117 ? -11.690 -11.635 -3.037  1.00 19.19 ? 144 ASP A O   1 
ATOM   933  C CB  . ASP A 1 117 ? -10.634 -13.551 -0.731  1.00 21.52 ? 144 ASP A CB  1 
ATOM   934  C CG  . ASP A 1 117 ? -10.426 -14.802 0.055   1.00 24.38 ? 144 ASP A CG  1 
ATOM   935  O OD1 . ASP A 1 117 ? -11.097 -15.826 -0.223  1.00 27.08 ? 144 ASP A OD1 1 
ATOM   936  O OD2 . ASP A 1 117 ? -9.597  -14.753 0.975   1.00 27.79 ? 144 ASP A OD2 1 
ATOM   937  N N   . ASP A 1 118 ? -13.184 -11.742 -1.353  1.00 18.14 ? 145 ASP A N   1 
ATOM   938  C CA  . ASP A 1 118 ? -13.665 -10.393 -1.662  1.00 18.44 ? 145 ASP A CA  1 
ATOM   939  C C   . ASP A 1 118 ? -12.585 -9.336  -1.644  1.00 17.47 ? 145 ASP A C   1 
ATOM   940  O O   . ASP A 1 118 ? -12.564 -8.447  -2.505  1.00 17.70 ? 145 ASP A O   1 
ATOM   941  C CB  . ASP A 1 118 ? -14.886 -10.020 -0.821  1.00 20.75 ? 145 ASP A CB  1 
ATOM   942  C CG  . ASP A 1 118 ? -16.154 -10.621 -1.380  1.00 23.70 ? 145 ASP A CG  1 
ATOM   943  O OD1 . ASP A 1 118 ? -16.215 -11.846 -1.548  1.00 28.37 ? 145 ASP A OD1 1 
ATOM   944  O OD2 . ASP A 1 118 ? -17.052 -9.858  -1.767  1.00 26.18 ? 145 ASP A OD2 1 
ATOM   945  N N   . ILE A 1 119 ? -11.638 -9.438  -0.722  1.00 15.71 ? 146 ILE A N   1 
ATOM   946  C CA  . ILE A 1 119 ? -10.570 -8.478  -0.663  1.00 15.43 ? 146 ILE A CA  1 
ATOM   947  C C   . ILE A 1 119 ? -9.697  -8.552  -1.945  1.00 14.20 ? 146 ILE A C   1 
ATOM   948  O O   . ILE A 1 119 ? -9.147  -7.533  -2.381  1.00 14.09 ? 146 ILE A O   1 
ATOM   949  C CB  . ILE A 1 119 ? -9.729  -8.634  0.627   1.00 16.32 ? 146 ILE A CB  1 
ATOM   950  C CG1 . ILE A 1 119 ? -8.795  -7.435  0.803   1.00 17.55 ? 146 ILE A CG1 1 
ATOM   951  C CG2 . ILE A 1 119 ? -8.898  -9.911  0.597   1.00 16.17 ? 146 ILE A CG2 1 
ATOM   952  C CD1 . ILE A 1 119 ? -9.447  -6.127  1.178   1.00 19.08 ? 146 ILE A CD1 1 
ATOM   953  N N   . VAL A 1 120 ? -9.572  -9.742  -2.515  1.00 14.24 ? 147 VAL A N   1 
ATOM   954  C CA  . VAL A 1 120 ? -8.823  -9.949  -3.787  1.00 14.47 ? 147 VAL A CA  1 
ATOM   955  C C   . VAL A 1 120 ? -9.557  -9.313  -4.969  1.00 14.81 ? 147 VAL A C   1 
ATOM   956  O O   . VAL A 1 120 ? -8.929  -8.644  -5.800  1.00 15.61 ? 147 VAL A O   1 
ATOM   957  C CB  . VAL A 1 120 ? -8.540  -11.438 -4.016  1.00 16.03 ? 147 VAL A CB  1 
ATOM   958  C CG1 . VAL A 1 120 ? -7.962  -11.701 -5.393  1.00 17.33 ? 147 VAL A CG1 1 
ATOM   959  C CG2 . VAL A 1 120 ? -7.628  -11.940 -2.932  1.00 15.75 ? 147 VAL A CG2 1 
ATOM   960  N N   . LEU A 1 121 ? -10.877 -9.470  -5.005  1.00 14.02 ? 148 LEU A N   1 
ATOM   961  C CA  . LEU A 1 121 ? -11.670 -8.778  -6.013  1.00 15.08 ? 148 LEU A CA  1 
ATOM   962  C C   . LEU A 1 121 ? -11.576 -7.263  -5.901  1.00 14.90 ? 148 LEU A C   1 
ATOM   963  O O   . LEU A 1 121 ? -11.493 -6.541  -6.957  1.00 15.13 ? 148 LEU A O   1 
ATOM   964  C CB  . LEU A 1 121 ? -13.134 -9.203  -5.922  1.00 16.00 ? 148 LEU A CB  1 
ATOM   965  C CG  . LEU A 1 121 ? -13.358 -10.698 -6.011  1.00 17.20 ? 148 LEU A CG  1 
ATOM   966  C CD1 . LEU A 1 121 ? -14.844 -10.976 -5.908  1.00 20.10 ? 148 LEU A CD1 1 
ATOM   967  C CD2 . LEU A 1 121 ? -12.777 -11.247 -7.306  1.00 19.27 ? 148 LEU A CD2 1 
ATOM   968  N N   . MET A 1 122 ? -11.546 -6.775  -4.651  1.00 14.27 ? 149 MET A N   1 
ATOM   969  C CA  . MET A 1 122 ? -11.341 -5.336  -4.422  1.00 15.21 ? 149 MET A CA  1 
ATOM   970  C C   . MET A 1 122 ? -9.955  -4.884  -4.929  1.00 14.40 ? 149 MET A C   1 
ATOM   971  O O   . MET A 1 122 ? -9.802  -3.840  -5.623  1.00 14.73 ? 149 MET A O   1 
ATOM   972  C CB  . MET A 1 122 ? -11.503 -4.997  -2.946  1.00 16.32 ? 149 MET A CB  1 
ATOM   973  C CG  . MET A 1 122 ? -12.935 -5.246  -2.465  1.00 15.77 ? 149 MET A CG  1 
ATOM   974  S SD  . MET A 1 122 ? -13.076 -5.120  -0.668  1.00 21.12 ? 149 MET A SD  1 
ATOM   975  C CE  . MET A 1 122 ? -12.868 -3.435  -0.427  1.00 21.36 ? 149 MET A CE  1 
ATOM   976  N N   . ALA A 1 123 ? -8.942  -5.659  -4.551  1.00 13.53 ? 150 ALA A N   1 
ATOM   977  C CA  . ALA A 1 123 ? -7.568  -5.375  -4.992  1.00 14.84 ? 150 ALA A CA  1 
ATOM   978  C C   . ALA A 1 123 ? -7.471  -5.328  -6.510  1.00 14.43 ? 150 ALA A C   1 
ATOM   979  O O   . ALA A 1 123 ? -6.845  -4.420  -7.083  1.00 16.35 ? 150 ALA A O   1 
ATOM   980  C CB  . ALA A 1 123 ? -6.567  -6.409  -4.430  1.00 13.79 ? 150 ALA A CB  1 
ATOM   981  N N   . GLU A 1 124 ? -8.109  -6.287  -7.168  1.00 14.72 ? 151 GLU A N   1 
ATOM   982  C CA  . GLU A 1 124 ? -8.108  -6.351  -8.625  1.00 16.03 ? 151 GLU A CA  1 
ATOM   983  C C   . GLU A 1 124 ? -8.727  -5.094  -9.263  1.00 15.14 ? 151 GLU A C   1 
ATOM   984  O O   . GLU A 1 124 ? -8.177  -4.565  -10.212 1.00 15.74 ? 151 GLU A O   1 
ATOM   985  C CB  . GLU A 1 124 ? -8.826  -7.578  -9.092  1.00 19.52 ? 151 GLU A CB  1 
ATOM   986  C CG  . GLU A 1 124 ? -8.110  -8.883  -8.892  1.00 22.44 ? 151 GLU A CG  1 
ATOM   987  C CD  . GLU A 1 124 ? -8.929  -10.109 -9.316  1.00 26.63 ? 151 GLU A CD  1 
ATOM   988  O OE1 . GLU A 1 124 ? -10.012 -9.951  -9.935  1.00 28.31 ? 151 GLU A OE1 1 
ATOM   989  O OE2 . GLU A 1 124 ? -8.473  -11.237 -9.045  1.00 31.52 ? 151 GLU A OE2 1 
ATOM   990  N N   . ALA A 1 125 ? -9.822  -4.597  -8.715  1.00 15.80 ? 152 ALA A N   1 
ATOM   991  C CA  . ALA A 1 125 ? -10.467 -3.369  -9.254  1.00 16.42 ? 152 ALA A CA  1 
ATOM   992  C C   . ALA A 1 125 ? -9.587  -2.175  -9.077  1.00 16.61 ? 152 ALA A C   1 
ATOM   993  O O   . ALA A 1 125 ? -9.406  -1.352  -9.993  1.00 17.70 ? 152 ALA A O   1 
ATOM   994  C CB  . ALA A 1 125 ? -11.816 -3.120  -8.581  1.00 17.13 ? 152 ALA A CB  1 
ATOM   995  N N   . LEU A 1 126 ? -8.960  -2.095  -7.911  1.00 15.46 ? 153 LEU A N   1 
ATOM   996  C CA  . LEU A 1 126 ? -8.019  -1.009  -7.625  1.00 16.32 ? 153 LEU A CA  1 
ATOM   997  C C   . LEU A 1 126 ? -6.758  -1.072  -8.484  1.00 14.94 ? 153 LEU A C   1 
ATOM   998  O O   . LEU A 1 126 ? -6.301  -0.070  -9.013  1.00 16.69 ? 153 LEU A O   1 
ATOM   999  C CB  . LEU A 1 126 ? -7.656  -0.979  -6.146  1.00 16.85 ? 153 LEU A CB  1 
ATOM   1000 C CG  . LEU A 1 126 ? -8.786  -0.654  -5.185  1.00 17.76 ? 153 LEU A CG  1 
ATOM   1001 C CD1 . LEU A 1 126 ? -8.301  -0.953  -3.759  1.00 19.17 ? 153 LEU A CD1 1 
ATOM   1002 C CD2 . LEU A 1 126 ? -9.186  0.813   -5.296  1.00 18.53 ? 153 LEU A CD2 1 
ATOM   1003 N N   . GLU A 1 127 ? -6.219  -2.265  -8.660  1.00 14.91 ? 154 GLU A N   1 
ATOM   1004 C CA  . GLU A 1 127 ? -5.040  -2.455  -9.467  1.00 15.35 ? 154 GLU A CA  1 
ATOM   1005 C C   . GLU A 1 127 ? -5.307  -2.104  -10.929 1.00 16.06 ? 154 GLU A C   1 
ATOM   1006 O O   . GLU A 1 127 ? -4.455  -1.497  -11.596 1.00 16.55 ? 154 GLU A O   1 
ATOM   1007 C CB  . GLU A 1 127 ? -4.534  -3.889  -9.340  1.00 15.49 ? 154 GLU A CB  1 
ATOM   1008 C CG  . GLU A 1 127 ? -3.195  -4.051  -10.054 1.00 17.07 ? 154 GLU A CG  1 
ATOM   1009 C CD  . GLU A 1 127 ? -2.662  -5.474  -10.089 1.00 19.60 ? 154 GLU A CD  1 
ATOM   1010 O OE1 . GLU A 1 127 ? -3.433  -6.443  -9.981  1.00 19.95 ? 154 GLU A OE1 1 
ATOM   1011 O OE2 . GLU A 1 127 ? -1.425  -5.593  -10.283 1.00 23.62 ? 154 GLU A OE2 1 
ATOM   1012 N N   . LYS A 1 128 ? -6.474  -2.495  -11.426 1.00 16.29 ? 155 LYS A N   1 
ATOM   1013 C CA  . LYS A 1 128 ? -6.826  -2.123  -12.813 1.00 17.10 ? 155 LYS A CA  1 
ATOM   1014 C C   . LYS A 1 128 ? -6.780  -0.642  -12.973 1.00 16.71 ? 155 LYS A C   1 
ATOM   1015 O O   . LYS A 1 128 ? -6.132  -0.120  -13.921 1.00 15.80 ? 155 LYS A O   1 
ATOM   1016 C CB  . LYS A 1 128 ? -8.184  -2.661  -13.191 1.00 20.59 ? 155 LYS A CB  1 
ATOM   1017 C CG  . LYS A 1 128 ? -8.696  -2.153  -14.532 1.00 25.42 ? 155 LYS A CG  1 
ATOM   1018 C CD  . LYS A 1 128 ? -9.958  -2.844  -15.035 1.00 30.01 ? 155 LYS A CD  1 
ATOM   1019 C CE  . LYS A 1 128 ? -9.720  -4.315  -15.257 1.00 36.75 ? 155 LYS A CE  1 
ATOM   1020 N NZ  . LYS A 1 128 ? -10.086 -5.109  -14.052 1.00 39.94 ? 155 LYS A NZ  1 
ATOM   1021 N N   . LEU A 1 129 ? -7.450  0.069   -12.059 1.00 16.31 ? 156 LEU A N   1 
ATOM   1022 C CA  . LEU A 1 129 ? -7.420  1.547   -12.115 1.00 18.01 ? 156 LEU A CA  1 
ATOM   1023 C C   . LEU A 1 129 ? -6.005  2.119   -12.006 1.00 16.26 ? 156 LEU A C   1 
ATOM   1024 O O   . LEU A 1 129 ? -5.586  3.032   -12.763 1.00 15.20 ? 156 LEU A O   1 
ATOM   1025 C CB  . LEU A 1 129 ? -8.268  2.149   -11.009 1.00 20.27 ? 156 LEU A CB  1 
ATOM   1026 C CG  . LEU A 1 129 ? -9.502  2.953   -11.316 1.00 27.02 ? 156 LEU A CG  1 
ATOM   1027 C CD1 . LEU A 1 129 ? -9.935  3.479   -9.951  1.00 26.00 ? 156 LEU A CD1 1 
ATOM   1028 C CD2 . LEU A 1 129 ? -9.289  4.075   -12.329 1.00 26.37 ? 156 LEU A CD2 1 
ATOM   1029 N N   . PHE A 1 130 ? -5.227  1.578   -11.064 1.00 14.94 ? 157 PHE A N   1 
ATOM   1030 C CA  . PHE A 1 130 ? -3.825  1.984   -10.888 1.00 15.71 ? 157 PHE A CA  1 
ATOM   1031 C C   . PHE A 1 130 ? -3.048  1.873   -12.207 1.00 16.69 ? 157 PHE A C   1 
ATOM   1032 O O   . PHE A 1 130 ? -2.362  2.825   -12.634 1.00 15.44 ? 157 PHE A O   1 
ATOM   1033 C CB  . PHE A 1 130 ? -3.173  1.089   -9.817  1.00 15.53 ? 157 PHE A CB  1 
ATOM   1034 C CG  . PHE A 1 130 ? -1.686  1.175   -9.747  1.00 16.70 ? 157 PHE A CG  1 
ATOM   1035 C CD1 . PHE A 1 130 ? -1.055  2.340   -9.314  1.00 18.17 ? 157 PHE A CD1 1 
ATOM   1036 C CD2 . PHE A 1 130 ? -0.887  0.087   -10.098 1.00 18.41 ? 157 PHE A CD2 1 
ATOM   1037 C CE1 . PHE A 1 130 ? 0.317   2.404   -9.231  1.00 18.45 ? 157 PHE A CE1 1 
ATOM   1038 C CE2 . PHE A 1 130 ? 0.503   0.175   -10.016 1.00 19.94 ? 157 PHE A CE2 1 
ATOM   1039 C CZ  . PHE A 1 130 ? 1.098   1.349   -9.586  1.00 19.18 ? 157 PHE A CZ  1 
ATOM   1040 N N   . LEU A 1 131 ? -3.146  0.696   -12.838 1.00 15.80 ? 158 LEU A N   1 
ATOM   1041 C CA  . LEU A 1 131 ? -2.405  0.426   -14.062 1.00 17.53 ? 158 LEU A CA  1 
ATOM   1042 C C   . LEU A 1 131 ? -2.893  1.323   -15.206 1.00 15.89 ? 158 LEU A C   1 
ATOM   1043 O O   . LEU A 1 131 ? -2.045  1.828   -15.971 1.00 16.78 ? 158 LEU A O   1 
ATOM   1044 C CB  . LEU A 1 131 ? -2.495  -1.064  -14.455 1.00 17.63 ? 158 LEU A CB  1 
ATOM   1045 C CG  . LEU A 1 131 ? -1.882  -2.054  -13.473 1.00 19.05 ? 158 LEU A CG  1 
ATOM   1046 C CD1 . LEU A 1 131 ? -2.247  -3.468  -13.891 1.00 19.85 ? 158 LEU A CD1 1 
ATOM   1047 C CD2 . LEU A 1 131 ? -0.377  -1.860  -13.298 1.00 21.53 ? 158 LEU A CD2 1 
ATOM   1048 N N   . GLN A 1 132 ? -4.195  1.564   -15.283 1.00 15.99 ? 159 GLN A N   1 
ATOM   1049 C CA  . GLN A 1 132 ? -4.749  2.514   -16.275 1.00 16.81 ? 159 GLN A CA  1 
ATOM   1050 C C   . GLN A 1 132 ? -4.113  3.889   -16.121 1.00 18.23 ? 159 GLN A C   1 
ATOM   1051 O O   . GLN A 1 132 ? -3.658  4.513   -17.109 1.00 18.54 ? 159 GLN A O   1 
ATOM   1052 C CB  . GLN A 1 132 ? -6.263  2.615   -16.163 1.00 18.92 ? 159 GLN A CB  1 
ATOM   1053 C CG  . GLN A 1 132 ? -6.978  1.395   -16.677 1.00 19.85 ? 159 GLN A CG  1 
ATOM   1054 C CD  . GLN A 1 132 ? -8.465  1.360   -16.366 1.00 22.00 ? 159 GLN A CD  1 
ATOM   1055 O OE1 . GLN A 1 132 ? -8.940  1.969   -15.410 1.00 23.63 ? 159 GLN A OE1 1 
ATOM   1056 N NE2 . GLN A 1 132 ? -9.223  0.629   -17.190 1.00 24.83 ? 159 GLN A NE2 1 
ATOM   1057 N N   . LYS A 1 133 ? -4.016  4.335   -14.864 1.00 17.60 ? 160 LYS A N   1 
ATOM   1058 C CA  . LYS A 1 133 ? -3.449  5.636   -14.600 1.00 18.71 ? 160 LYS A CA  1 
ATOM   1059 C C   . LYS A 1 133 ? -1.970  5.700   -14.863 1.00 19.14 ? 160 LYS A C   1 
ATOM   1060 O O   . LYS A 1 133 ? -1.515  6.700   -15.406 1.00 21.10 ? 160 LYS A O   1 
ATOM   1061 C CB  . LYS A 1 133 ? -3.799  6.175   -13.203 1.00 17.54 ? 160 LYS A CB  1 
ATOM   1062 C CG  . LYS A 1 133 ? -5.255  6.470   -12.927 1.00 20.24 ? 160 LYS A CG  1 
ATOM   1063 C CD  . LYS A 1 133 ? -5.861  7.408   -13.957 1.00 22.83 ? 160 LYS A CD  1 
ATOM   1064 C CE  . LYS A 1 133 ? -7.315  7.626   -13.691 1.00 25.85 ? 160 LYS A CE  1 
ATOM   1065 N NZ  . LYS A 1 133 ? -7.867  8.474   -14.777 1.00 29.06 ? 160 LYS A NZ  1 
ATOM   1066 N N   A ILE A 1 134 ? -1.228  4.655   -14.469 0.50 19.32 ? 161 ILE A N   1 
ATOM   1067 N N   B ILE A 1 134 ? -1.187  4.677   -14.519 0.50 18.45 ? 161 ILE A N   1 
ATOM   1068 C CA  A ILE A 1 134 ? 0.195   4.497   -14.772 0.50 20.51 ? 161 ILE A CA  1 
ATOM   1069 C CA  B ILE A 1 134 ? 0.241   4.745   -14.794 0.50 19.33 ? 161 ILE A CA  1 
ATOM   1070 C C   A ILE A 1 134 ? 0.483   4.555   -16.273 0.50 21.74 ? 161 ILE A C   1 
ATOM   1071 C C   B ILE A 1 134 ? 0.581   4.464   -16.284 0.50 21.16 ? 161 ILE A C   1 
ATOM   1072 O O   A ILE A 1 134 ? 1.420   5.207   -16.705 0.50 21.42 ? 161 ILE A O   1 
ATOM   1073 O O   B ILE A 1 134 ? 1.700   4.772   -16.718 0.50 22.74 ? 161 ILE A O   1 
ATOM   1074 C CB  A ILE A 1 134 ? 0.728   3.146   -14.262 0.50 21.49 ? 161 ILE A CB  1 
ATOM   1075 C CB  B ILE A 1 134 ? 1.074   3.922   -13.802 0.50 18.77 ? 161 ILE A CB  1 
ATOM   1076 C CG1 A ILE A 1 134 ? 0.794   3.152   -12.742 0.50 21.80 ? 161 ILE A CG1 1 
ATOM   1077 C CG1 B ILE A 1 134 ? 1.011   2.438   -14.159 0.50 18.53 ? 161 ILE A CG1 1 
ATOM   1078 C CG2 A ILE A 1 134 ? 2.125   2.884   -14.794 0.50 21.80 ? 161 ILE A CG2 1 
ATOM   1079 C CG2 B ILE A 1 134 ? 0.617   4.218   -12.384 0.50 18.48 ? 161 ILE A CG2 1 
ATOM   1080 C CD1 A ILE A 1 134 ? 1.477   4.382   -12.194 0.50 22.06 ? 161 ILE A CD1 1 
ATOM   1081 C CD1 B ILE A 1 134 ? 1.976   1.569   -13.375 0.50 17.69 ? 161 ILE A CD1 1 
ATOM   1082 N N   . ASN A 1 135 ? -0.369  3.911   -17.059 1.00 22.64 ? 162 ASN A N   1 
ATOM   1083 C CA  . ASN A 1 135 ? -0.248  3.923   -18.536 1.00 25.98 ? 162 ASN A CA  1 
ATOM   1084 C C   . ASN A 1 135 ? -0.214  5.341   -19.120 1.00 30.37 ? 162 ASN A C   1 
ATOM   1085 O O   . ASN A 1 135 ? 0.279   5.524   -20.218 1.00 30.24 ? 162 ASN A O   1 
ATOM   1086 C CB  . ASN A 1 135 ? -1.419  3.214   -19.214 1.00 28.81 ? 162 ASN A CB  1 
ATOM   1087 C CG  . ASN A 1 135 ? -1.379  1.737   -19.042 1.00 30.38 ? 162 ASN A CG  1 
ATOM   1088 O OD1 . ASN A 1 135 ? -0.328  1.161   -18.692 1.00 32.83 ? 162 ASN A OD1 1 
ATOM   1089 N ND2 . ASN A 1 135 ? -2.538  1.081   -19.279 1.00 35.35 ? 162 ASN A ND2 1 
ATOM   1090 N N   . GLU A 1 136 ? -0.796  6.302   -18.407 1.00 27.46 ? 163 GLU A N   1 
ATOM   1091 C CA  . GLU A 1 136 ? -0.839  7.713   -18.802 1.00 30.16 ? 163 GLU A CA  1 
ATOM   1092 C C   . GLU A 1 136 ? 0.097   8.625   -17.993 1.00 28.61 ? 163 GLU A C   1 
ATOM   1093 O O   . GLU A 1 136 ? -0.149  9.837   -17.901 1.00 28.75 ? 163 GLU A O   1 
ATOM   1094 C CB  . GLU A 1 136 ? -2.259  8.209   -18.679 1.00 33.15 ? 163 GLU A CB  1 
ATOM   1095 C CG  . GLU A 1 136 ? -3.240  7.418   -19.534 1.00 38.21 ? 163 GLU A CG  1 
ATOM   1096 C CD  . GLU A 1 136 ? -4.668  7.887   -19.378 1.00 44.34 ? 163 GLU A CD  1 
ATOM   1097 O OE1 . GLU A 1 136 ? -5.151  8.052   -18.223 1.00 46.78 ? 163 GLU A OE1 1 
ATOM   1098 O OE2 . GLU A 1 136 ? -5.317  8.076   -20.429 1.00 52.67 ? 163 GLU A OE2 1 
ATOM   1099 N N   . LEU A 1 137 ? 1.162   8.048   -17.455 1.00 25.98 ? 164 LEU A N   1 
ATOM   1100 C CA  . LEU A 1 137 ? 2.196   8.777   -16.711 1.00 28.19 ? 164 LEU A CA  1 
ATOM   1101 C C   . LEU A 1 137 ? 2.780   9.836   -17.651 1.00 30.88 ? 164 LEU A C   1 
ATOM   1102 O O   . LEU A 1 137 ? 3.028   9.533   -18.818 1.00 30.01 ? 164 LEU A O   1 
ATOM   1103 C CB  . LEU A 1 137 ? 3.275   7.802   -16.267 1.00 29.38 ? 164 LEU A CB  1 
ATOM   1104 C CG  . LEU A 1 137 ? 4.220   8.072   -15.112 1.00 33.11 ? 164 LEU A CG  1 
ATOM   1105 C CD1 . LEU A 1 137 ? 3.488   8.280   -13.785 1.00 33.01 ? 164 LEU A CD1 1 
ATOM   1106 C CD2 . LEU A 1 137 ? 5.174   6.887   -15.028 1.00 33.60 ? 164 LEU A CD2 1 
ATOM   1107 N N   . PRO A 1 138 ? 2.937   11.090  -17.183 1.00 31.94 ? 165 PRO A N   1 
ATOM   1108 C CA  . PRO A 1 138 ? 3.519   12.097  -18.089 1.00 35.07 ? 165 PRO A CA  1 
ATOM   1109 C C   . PRO A 1 138 ? 4.988   11.812  -18.324 1.00 36.27 ? 165 PRO A C   1 
ATOM   1110 O O   . PRO A 1 138 ? 5.646   11.221  -17.473 1.00 36.74 ? 165 PRO A O   1 
ATOM   1111 C CB  . PRO A 1 138 ? 3.303   13.427  -17.344 1.00 34.97 ? 165 PRO A CB  1 
ATOM   1112 C CG  . PRO A 1 138 ? 3.017   13.065  -15.935 1.00 32.81 ? 165 PRO A CG  1 
ATOM   1113 C CD  . PRO A 1 138 ? 2.451   11.680  -15.921 1.00 32.92 ? 165 PRO A CD  1 
ATOM   1114 N N   . THR A 1 139 ? 5.513   12.183  -19.488 1.00 40.63 ? 166 THR A N   1 
ATOM   1115 C CA  . THR A 1 139 ? 6.934   11.914  -19.776 1.00 42.88 ? 166 THR A CA  1 
ATOM   1116 C C   . THR A 1 139 ? 7.882   12.761  -18.922 1.00 47.12 ? 166 THR A C   1 
ATOM   1117 O O   . THR A 1 139 ? 9.040   12.382  -18.697 1.00 48.19 ? 166 THR A O   1 
ATOM   1118 C CB  . THR A 1 139 ? 7.251   12.126  -21.258 1.00 44.32 ? 166 THR A CB  1 
ATOM   1119 O OG1 . THR A 1 139 ? 6.778   13.417  -21.666 1.00 48.96 ? 166 THR A OG1 1 
ATOM   1120 C CG2 . THR A 1 139 ? 6.563   11.044  -22.083 1.00 45.97 ? 166 THR A CG2 1 
HETATM 1121 C CAR . JCO B 2 .   ? -12.080 -6.003  4.258   1.00 25.32 ? 201 JCO A CAR 1 
HETATM 1122 C CAS . JCO B 2 .   ? -12.869 -6.233  3.004   1.00 26.09 ? 201 JCO A CAS 1 
HETATM 1123 C CAT . JCO B 2 .   ? -13.000 -7.733  2.927   1.00 26.90 ? 201 JCO A CAT 1 
HETATM 1124 C CAU . JCO B 2 .   ? -13.730 -8.308  4.109   1.00 27.26 ? 201 JCO A CAU 1 
HETATM 1125 C CAV . JCO B 2 .   ? -12.905 -8.106  5.330   1.00 26.51 ? 201 JCO A CAV 1 
HETATM 1126 C CAN . JCO B 2 .   ? -12.781 -6.591  5.459   1.00 24.04 ? 201 JCO A CAN 1 
HETATM 1127 S SAM . JCO B 2 .   ? -11.767 -6.167  7.045   1.00 24.10 ? 201 JCO A SAM 1 
HETATM 1128 O OAO . JCO B 2 .   ? -11.494 -4.730  7.001   1.00 22.48 ? 201 JCO A OAO 1 
HETATM 1129 O OAP . JCO B 2 .   ? -12.578 -6.598  8.278   1.00 27.34 ? 201 JCO A OAP 1 
HETATM 1130 N NAL . JCO B 2 .   ? -10.362 -7.078  7.059   1.00 22.33 ? 201 JCO A NAL 1 
HETATM 1131 C CAB . JCO B 2 .   ? -9.285  -6.873  6.238   1.00 19.25 ? 201 JCO A CAB 1 
HETATM 1132 C CAC . JCO B 2 .   ? -8.637  -8.011  5.720   1.00 18.11 ? 201 JCO A CAC 1 
HETATM 1133 C CAA . JCO B 2 .   ? -8.722  -5.640  5.968   1.00 18.59 ? 201 JCO A CAA 1 
HETATM 1134 C CAF . JCO B 2 .   ? -7.579  -5.569  5.160   1.00 17.08 ? 201 JCO A CAF 1 
HETATM 1135 C CAE . JCO B 2 .   ? -7.004  -6.706  4.687   1.00 16.46 ? 201 JCO A CAE 1 
HETATM 1136 C CAD . JCO B 2 .   ? -7.519  -7.934  4.963   1.00 17.05 ? 201 JCO A CAD 1 
HETATM 1137 C CAG . JCO B 2 .   ? -6.744  -8.890  4.275   1.00 16.69 ? 201 JCO A CAG 1 
HETATM 1138 C CAH . JCO B 2 .   ? -5.709  -8.144  3.703   1.00 16.08 ? 201 JCO A CAH 1 
HETATM 1139 O OAQ . JCO B 2 .   ? -4.796  -8.563  2.977   1.00 15.83 ? 201 JCO A OAQ 1 
HETATM 1140 N NAI . JCO B 2 .   ? -5.923  -6.848  3.934   1.00 15.54 ? 201 JCO A NAI 1 
HETATM 1141 C CAJ . JCO B 2 .   ? -5.075  -5.741  3.468   1.00 16.80 ? 201 JCO A CAJ 1 
HETATM 1142 C CAK . JCO B 2 .   ? -5.594  -5.182  2.214   1.00 16.07 ? 201 JCO A CAK 1 
HETATM 1143 C C1  . GOL C 3 .   ? -13.732 -14.550 2.869   1.00 34.22 ? 202 GOL A C1  1 
HETATM 1144 O O1  . GOL C 3 .   ? -13.268 -13.642 3.895   1.00 33.26 ? 202 GOL A O1  1 
HETATM 1145 C C2  . GOL C 3 .   ? -14.610 -13.883 1.802   1.00 34.83 ? 202 GOL A C2  1 
HETATM 1146 O O2  . GOL C 3 .   ? -14.139 -12.585 1.410   1.00 33.02 ? 202 GOL A O2  1 
HETATM 1147 C C3  . GOL C 3 .   ? -14.742 -14.750 0.560   1.00 32.18 ? 202 GOL A C3  1 
HETATM 1148 O O3  . GOL C 3 .   ? -15.145 -13.947 -0.545  1.00 34.51 ? 202 GOL A O3  1 
HETATM 1149 N N   . NO3 D 4 .   ? 6.077   -10.083 0.621   1.00 35.49 ? 203 NO3 A N   1 
HETATM 1150 O O1  . NO3 D 4 .   ? 6.215   -9.930  -0.571  1.00 43.61 ? 203 NO3 A O1  1 
HETATM 1151 O O2  . NO3 D 4 .   ? 5.727   -8.946  1.363   1.00 27.05 ? 203 NO3 A O2  1 
HETATM 1152 O O3  . NO3 D 4 .   ? 6.266   -11.367 1.221   1.00 34.25 ? 203 NO3 A O3  1 
HETATM 1153 O O   . HOH E 5 .   ? -10.509 -7.385  -14.329 1.00 40.08 ? 301 HOH A O   1 
HETATM 1154 O O   . HOH E 5 .   ? 0.595   -4.200  -9.056  1.00 34.23 ? 302 HOH A O   1 
HETATM 1155 O O   . HOH E 5 .   ? -7.500  -10.507 17.288  1.00 29.03 ? 303 HOH A O   1 
HETATM 1156 O O   . HOH E 5 .   ? -3.271  0.325   10.915  1.00 27.46 ? 304 HOH A O   1 
HETATM 1157 O O   . HOH E 5 .   ? -2.256  -7.721  2.066   1.00 15.40 ? 305 HOH A O   1 
HETATM 1158 O O   . HOH E 5 .   ? -11.938 -11.138 1.610   1.00 20.73 ? 306 HOH A O   1 
HETATM 1159 O O   . HOH E 5 .   ? 1.576   -12.914 11.998  1.00 29.01 ? 307 HOH A O   1 
HETATM 1160 O O   . HOH E 5 .   ? -11.352 -0.898  -11.766 1.00 23.14 ? 308 HOH A O   1 
HETATM 1161 O O   . HOH E 5 .   ? -10.349 -9.362  8.813   1.00 31.51 ? 309 HOH A O   1 
HETATM 1162 O O   . HOH E 5 .   ? -4.195  18.786  -6.517  1.00 29.20 ? 310 HOH A O   1 
HETATM 1163 O O   . HOH E 5 .   ? 5.519   -7.230  -6.079  1.00 36.78 ? 311 HOH A O   1 
HETATM 1164 O O   . HOH E 5 .   ? -16.416 2.909   0.383   1.00 27.52 ? 312 HOH A O   1 
HETATM 1165 O O   . HOH E 5 .   ? -16.168 -11.247 2.540   1.00 48.93 ? 313 HOH A O   1 
HETATM 1166 O O   . HOH E 5 .   ? 7.970   -2.013  -2.091  1.00 26.24 ? 314 HOH A O   1 
HETATM 1167 O O   . HOH E 5 .   ? -9.583  3.553   6.257   1.00 33.02 ? 315 HOH A O   1 
HETATM 1168 O O   . HOH E 5 .   ? 0.495   -5.146  3.361   1.00 17.86 ? 316 HOH A O   1 
HETATM 1169 O O   . HOH E 5 .   ? -3.096  5.555   7.035   1.00 34.92 ? 317 HOH A O   1 
HETATM 1170 O O   . HOH E 5 .   ? -12.044 -17.418 -2.191  1.00 36.14 ? 318 HOH A O   1 
HETATM 1171 O O   . HOH E 5 .   ? -2.218  -5.397  0.722   1.00 21.48 ? 319 HOH A O   1 
HETATM 1172 O O   . HOH E 5 .   ? 10.087  11.015  -11.036 1.00 29.69 ? 320 HOH A O   1 
HETATM 1173 O O   . HOH E 5 .   ? 2.691   -11.372 13.821  1.00 23.74 ? 321 HOH A O   1 
HETATM 1174 O O   . HOH E 5 .   ? -2.183  -3.196  2.341   1.00 17.29 ? 322 HOH A O   1 
HETATM 1175 O O   . HOH E 5 .   ? -12.319 6.429   0.368   1.00 37.80 ? 323 HOH A O   1 
HETATM 1176 O O   . HOH E 5 .   ? 6.936   13.246  -3.794  1.00 26.91 ? 324 HOH A O   1 
HETATM 1177 O O   . HOH E 5 .   ? -3.999  -2.389  4.367   1.00 13.51 ? 325 HOH A O   1 
HETATM 1178 O O   . HOH E 5 .   ? 7.655   -2.607  4.376   1.00 29.00 ? 326 HOH A O   1 
HETATM 1179 O O   . HOH E 5 .   ? -5.018  -14.280 -4.377  1.00 22.75 ? 327 HOH A O   1 
HETATM 1180 O O   . HOH E 5 .   ? 3.677   3.969   7.614   1.00 22.79 ? 328 HOH A O   1 
HETATM 1181 O O   . HOH E 5 .   ? 0.090   -2.664  11.858  1.00 24.83 ? 329 HOH A O   1 
HETATM 1182 O O   . HOH E 5 .   ? 14.277  7.643   0.726   1.00 26.64 ? 330 HOH A O   1 
HETATM 1183 O O   . HOH E 5 .   ? -11.090 0.783   -14.072 1.00 30.94 ? 331 HOH A O   1 
HETATM 1184 O O   . HOH E 5 .   ? -4.358  -11.580 15.403  1.00 25.74 ? 332 HOH A O   1 
HETATM 1185 O O   . HOH E 5 .   ? 5.746   -2.558  8.677   1.00 20.30 ? 333 HOH A O   1 
HETATM 1186 O O   . HOH E 5 .   ? 9.070   7.855   9.126   1.00 37.02 ? 334 HOH A O   1 
HETATM 1187 O O   . HOH E 5 .   ? -6.571  -12.999 16.315  1.00 21.13 ? 335 HOH A O   1 
HETATM 1188 O O   . HOH E 5 .   ? 2.578   -1.721  11.120  1.00 21.14 ? 336 HOH A O   1 
HETATM 1189 O O   . HOH E 5 .   ? 1.952   -1.430  5.775   1.00 18.04 ? 337 HOH A O   1 
HETATM 1190 O O   . HOH E 5 .   ? -13.088 3.510   0.384   1.00 21.54 ? 338 HOH A O   1 
HETATM 1191 O O   . HOH E 5 .   ? -9.292  4.777   -15.643 1.00 37.16 ? 339 HOH A O   1 
HETATM 1192 O O   . HOH E 5 .   ? -7.155  -2.164  6.888   1.00 20.00 ? 340 HOH A O   1 
HETATM 1193 O O   . HOH E 5 .   ? -13.445 0.505   -10.482 1.00 28.81 ? 341 HOH A O   1 
HETATM 1194 O O   . HOH E 5 .   ? 6.018   20.615  -8.527  1.00 27.46 ? 342 HOH A O   1 
HETATM 1195 O O   . HOH E 5 .   ? -5.652  -2.384  9.286   1.00 19.77 ? 343 HOH A O   1 
HETATM 1196 O O   . HOH E 5 .   ? -15.743 3.912   -6.378  1.00 28.91 ? 344 HOH A O   1 
HETATM 1197 O O   . HOH E 5 .   ? 11.696  12.700  3.224   1.00 26.00 ? 345 HOH A O   1 
HETATM 1198 O O   . HOH E 5 .   ? 0.999   -5.387  17.857  1.00 37.88 ? 346 HOH A O   1 
HETATM 1199 O O   . HOH E 5 .   ? 8.662   11.267  -3.385  1.00 26.12 ? 347 HOH A O   1 
HETATM 1200 O O   . HOH E 5 .   ? 0.143   -3.354  5.684   1.00 20.72 ? 348 HOH A O   1 
HETATM 1201 O O   . HOH E 5 .   ? 10.430  1.190   6.409   1.00 30.49 ? 349 HOH A O   1 
HETATM 1202 O O   . HOH E 5 .   ? 9.608   16.847  -13.840 1.00 29.37 ? 350 HOH A O   1 
HETATM 1203 O O   . HOH E 5 .   ? 7.026   -4.359  -6.108  1.00 34.39 ? 351 HOH A O   1 
HETATM 1204 O O   . HOH E 5 .   ? 7.727   -2.686  -9.327  1.00 44.81 ? 352 HOH A O   1 
HETATM 1205 O O   . HOH E 5 .   ? 8.854   13.573  -14.084 1.00 29.56 ? 353 HOH A O   1 
HETATM 1206 O O   . HOH E 5 .   ? 3.148   20.654  -4.691  1.00 38.01 ? 354 HOH A O   1 
HETATM 1207 O O   . HOH E 5 .   ? -9.683  -2.246  7.257   1.00 27.67 ? 355 HOH A O   1 
HETATM 1208 O O   . HOH E 5 .   ? 14.667  3.254   -10.036 1.00 30.05 ? 356 HOH A O   1 
HETATM 1209 O O   . HOH E 5 .   ? -6.258  -6.286  -11.940 1.00 36.21 ? 357 HOH A O   1 
HETATM 1210 O O   . HOH E 5 .   ? 1.585   4.903   8.737   1.00 47.68 ? 358 HOH A O   1 
HETATM 1211 O O   . HOH E 5 .   ? -12.142 -8.086  11.152  1.00 50.59 ? 359 HOH A O   1 
HETATM 1212 O O   . HOH E 5 .   ? 2.999   -2.351  8.439   1.00 19.85 ? 360 HOH A O   1 
HETATM 1213 O O   . HOH E 5 .   ? -11.153 -10.410 6.741   1.00 40.56 ? 361 HOH A O   1 
HETATM 1214 O O   . HOH E 5 .   ? -0.398  5.048   7.154   1.00 43.20 ? 362 HOH A O   1 
# 
